data_8CFT
#
_entry.id   8CFT
#
_cell.length_a   175.030
_cell.length_b   104.140
_cell.length_c   107.380
_cell.angle_alpha   90.00
_cell.angle_beta   100.59
_cell.angle_gamma   90.00
#
_symmetry.space_group_name_H-M   'C 1 2 1'
#
loop_
_entity.id
_entity.type
_entity.pdbx_description
1 polymer Adenosylhomocysteinase
2 non-polymer NICOTINAMIDE-ADENINE-DINUCLEOTIDE
3 non-polymer ADENINE
4 non-polymer ~{N}-[(~{E})-thiophen-2-ylmethylideneamino]cyclopropanecarboxamide
5 non-polymer 'POTASSIUM ION'
6 non-polymer 'PHOSPHATE ION'
7 non-polymer 'DIMETHYL SULFOXIDE'
8 water water
#
_entity_poly.entity_id   1
_entity_poly.type   'polypeptide(L)'
_entity_poly.pdbx_seq_one_letter_code
;SNAMSAVMTPAGFTDYKVADITLAAWGRRELIIAESEMPALMGLRRKYAGQQPLKGAKILGCIHMTIQTGVLIETLVALG
AEVRWSSCNIFSTQDQAAAAIAAAGIPVFAWKGETEEEYEWCIEQTILKDGQPWDANMVLDDGGDLTEILHKKYPQMLER
IHGITEETTTGVHRLLDMLKNGTLKVPAINVNDSVTKSKNDNKYGCRHSLNDAIKRGTDHLLSGKQALVIGYGDVGKGSS
QSLRQEGMIVKVAEVDPICAMQACMDGFEVVSPYKNGINDGTEASIDAALLGKIDLIVTTTGNVNVCDANMLKALKKRAV
VCNIGHFDNEIDTAFMRKNWAWEEVKPQVHKIHRTGKDGFDAHNDDYLILLAEGRLVNLGNATGHPSRIMDGSFANQVLA
QIHLFEQKYADLPAAEKAKRLSVEVLPKKLDEEVALEMVKGFGGVVTQLTPKQAEYIGVSVEGPFKPDTYRY
;
_entity_poly.pdbx_strand_id   A,B,C,D
#
loop_
_chem_comp.id
_chem_comp.type
_chem_comp.name
_chem_comp.formula
ADE non-polymer ADENINE 'C5 H5 N5'
DMS non-polymer 'DIMETHYL SULFOXIDE' 'C2 H6 O S'
K non-polymer 'POTASSIUM ION' 'K 1'
NAD non-polymer NICOTINAMIDE-ADENINE-DINUCLEOTIDE 'C21 H27 N7 O14 P2'
PO4 non-polymer 'PHOSPHATE ION' 'O4 P -3'
SZ7 non-polymer ~{N}-[(~{E})-thiophen-2-ylmethylideneamino]cyclopropanecarboxamide 'C9 H10 N2 O S'
#
# COMPACT_ATOMS: atom_id res chain seq x y z
N ALA A 11 -53.04 4.67 -2.76
CA ALA A 11 -54.27 4.84 -3.50
C ALA A 11 -54.34 6.21 -4.17
N GLY A 12 -54.15 6.21 -5.50
CA GLY A 12 -54.29 7.43 -6.27
C GLY A 12 -53.17 8.44 -6.11
N PHE A 13 -51.98 7.99 -5.69
CA PHE A 13 -50.86 8.90 -5.48
C PHE A 13 -50.24 9.24 -6.84
N THR A 14 -50.27 10.53 -7.20
CA THR A 14 -49.68 10.98 -8.45
C THR A 14 -48.64 12.09 -8.26
N ASP A 15 -48.30 12.44 -7.02
CA ASP A 15 -47.54 13.66 -6.73
C ASP A 15 -46.03 13.37 -6.82
N TYR A 16 -45.58 13.03 -8.03
CA TYR A 16 -44.19 12.62 -8.21
C TYR A 16 -43.89 12.63 -9.70
N LYS A 17 -42.61 12.46 -10.02
CA LYS A 17 -42.21 12.24 -11.40
C LYS A 17 -40.88 11.52 -11.40
N VAL A 18 -40.86 10.30 -11.94
CA VAL A 18 -39.67 9.46 -11.99
C VAL A 18 -39.63 8.82 -13.38
N ALA A 19 -38.50 8.15 -13.65
CA ALA A 19 -38.32 7.56 -14.97
C ALA A 19 -39.27 6.40 -15.22
N ASP A 20 -39.51 5.57 -14.19
CA ASP A 20 -40.21 4.30 -14.40
C ASP A 20 -40.65 3.75 -13.05
N ILE A 21 -41.93 3.94 -12.71
CA ILE A 21 -42.44 3.50 -11.41
C ILE A 21 -42.32 1.98 -11.23
N THR A 22 -42.25 1.19 -12.32
CA THR A 22 -42.15 -0.25 -12.18
C THR A 22 -40.79 -0.72 -11.65
N LEU A 23 -39.81 0.17 -11.50
CA LEU A 23 -38.54 -0.20 -10.87
C LEU A 23 -38.63 -0.24 -9.35
N ALA A 24 -39.82 -0.02 -8.78
CA ALA A 24 -39.91 0.21 -7.34
C ALA A 24 -39.55 -1.04 -6.55
N ALA A 25 -39.99 -2.21 -7.00
CA ALA A 25 -39.68 -3.43 -6.27
C ALA A 25 -38.18 -3.66 -6.21
N TRP A 26 -37.50 -3.47 -7.34
CA TRP A 26 -36.04 -3.51 -7.35
C TRP A 26 -35.46 -2.54 -6.33
N GLY A 27 -35.91 -1.27 -6.37
CA GLY A 27 -35.40 -0.28 -5.41
C GLY A 27 -35.63 -0.66 -3.97
N ARG A 28 -36.80 -1.27 -3.67
CA ARG A 28 -37.09 -1.69 -2.31
C ARG A 28 -36.14 -2.80 -1.86
N ARG A 29 -35.86 -3.77 -2.75
CA ARG A 29 -34.88 -4.80 -2.43
C ARG A 29 -33.53 -4.18 -2.06
N GLU A 30 -33.10 -3.15 -2.79
CA GLU A 30 -31.80 -2.52 -2.53
C GLU A 30 -31.85 -1.66 -1.28
N LEU A 31 -33.00 -1.04 -0.99
CA LEU A 31 -33.16 -0.28 0.26
C LEU A 31 -33.05 -1.19 1.48
N ILE A 32 -33.66 -2.38 1.41
CA ILE A 32 -33.60 -3.33 2.52
C ILE A 32 -32.16 -3.77 2.75
N ILE A 33 -31.38 -3.94 1.67
CA ILE A 33 -29.97 -4.24 1.84
C ILE A 33 -29.23 -3.05 2.44
N ALA A 34 -29.45 -1.85 1.89
CA ALA A 34 -28.77 -0.64 2.39
C ALA A 34 -29.06 -0.40 3.86
N GLU A 35 -30.30 -0.67 4.30
CA GLU A 35 -30.59 -0.49 5.72
C GLU A 35 -29.63 -1.31 6.59
N SER A 36 -29.26 -2.51 6.15
CA SER A 36 -28.33 -3.31 6.94
C SER A 36 -26.90 -2.78 6.90
N GLU A 37 -26.59 -1.87 5.97
CA GLU A 37 -25.27 -1.27 5.83
C GLU A 37 -25.19 0.10 6.48
N MET A 38 -26.26 0.56 7.13
CA MET A 38 -26.35 1.93 7.62
C MET A 38 -26.79 1.91 9.10
N PRO A 39 -25.95 1.36 9.98
CA PRO A 39 -26.37 1.19 11.39
C PRO A 39 -26.54 2.49 12.14
N ALA A 40 -25.74 3.53 11.86
CA ALA A 40 -25.94 4.76 12.62
C ALA A 40 -27.28 5.39 12.28
N LEU A 41 -27.62 5.40 11.00
CA LEU A 41 -28.89 5.98 10.57
C LEU A 41 -30.09 5.14 11.05
N MET A 42 -30.02 3.82 10.88
N MET A 42 -30.03 3.82 10.91
CA MET A 42 -31.04 2.93 11.42
CA MET A 42 -31.12 3.00 11.42
C MET A 42 -31.15 3.08 12.93
C MET A 42 -31.16 3.02 12.95
N GLY A 43 -30.02 3.23 13.60
CA GLY A 43 -30.06 3.40 15.05
C GLY A 43 -30.82 4.66 15.45
N LEU A 44 -30.65 5.74 14.68
CA LEU A 44 -31.43 6.96 14.91
C LEU A 44 -32.91 6.70 14.65
N ARG A 45 -33.21 5.95 13.59
CA ARG A 45 -34.60 5.59 13.31
C ARG A 45 -35.23 4.88 14.50
N ARG A 46 -34.52 3.90 15.08
CA ARG A 46 -35.03 3.16 16.23
C ARG A 46 -35.09 4.02 17.48
N LYS A 47 -34.11 4.89 17.69
CA LYS A 47 -34.06 5.64 18.92
C LYS A 47 -35.17 6.68 19.00
N TYR A 48 -35.48 7.34 17.89
CA TYR A 48 -36.35 8.52 17.89
C TYR A 48 -37.75 8.28 17.37
N ALA A 49 -38.04 7.10 16.81
CA ALA A 49 -39.31 6.93 16.12
C ALA A 49 -40.51 7.09 17.05
N GLY A 50 -40.41 6.60 18.29
CA GLY A 50 -41.50 6.75 19.23
C GLY A 50 -41.71 8.17 19.68
N GLN A 51 -40.64 8.95 19.75
CA GLN A 51 -40.69 10.35 20.16
CA GLN A 51 -40.72 10.34 20.17
C GLN A 51 -41.20 11.27 19.06
N GLN A 52 -41.09 10.86 17.80
CA GLN A 52 -41.55 11.67 16.66
C GLN A 52 -40.99 13.10 16.72
N PRO A 53 -39.67 13.26 16.84
CA PRO A 53 -39.10 14.61 16.97
C PRO A 53 -39.31 15.47 15.73
N LEU A 54 -39.61 14.88 14.58
CA LEU A 54 -39.85 15.66 13.38
C LEU A 54 -41.34 15.78 13.05
N LYS A 55 -42.21 15.45 14.01
CA LYS A 55 -43.64 15.68 13.83
C LYS A 55 -43.91 17.16 13.59
N GLY A 56 -44.56 17.46 12.47
CA GLY A 56 -44.79 18.83 12.03
C GLY A 56 -43.72 19.38 11.11
N ALA A 57 -42.62 18.66 10.90
CA ALA A 57 -41.57 19.14 10.00
C ALA A 57 -41.99 18.91 8.55
N LYS A 58 -41.74 19.91 7.71
CA LYS A 58 -42.06 19.85 6.29
C LYS A 58 -40.78 20.24 5.56
N ILE A 59 -40.06 19.22 5.10
CA ILE A 59 -38.68 19.38 4.67
C ILE A 59 -38.64 19.39 3.15
N LEU A 60 -38.10 20.48 2.60
CA LEU A 60 -37.67 20.50 1.21
C LEU A 60 -36.29 19.86 1.14
N GLY A 61 -36.14 18.79 0.35
CA GLY A 61 -34.89 18.07 0.23
C GLY A 61 -34.33 18.11 -1.19
N CYS A 62 -33.06 18.46 -1.33
CA CYS A 62 -32.44 18.51 -2.65
C CYS A 62 -31.08 17.82 -2.52
N ILE A 63 -31.02 16.54 -2.86
CA ILE A 63 -29.78 15.80 -2.80
C ILE A 63 -29.94 14.55 -3.66
N HIS A 64 -28.85 14.17 -4.34
CA HIS A 64 -28.72 12.98 -5.18
C HIS A 64 -29.69 11.88 -4.79
N MET A 65 -30.61 11.52 -5.68
CA MET A 65 -31.69 10.59 -5.34
C MET A 65 -31.21 9.14 -5.54
N THR A 66 -30.32 8.74 -4.63
CA THR A 66 -29.72 7.42 -4.59
C THR A 66 -30.47 6.52 -3.61
N ILE A 67 -30.09 5.24 -3.63
CA ILE A 67 -30.57 4.32 -2.60
C ILE A 67 -30.21 4.83 -1.20
N GLN A 68 -29.02 5.42 -1.04
CA GLN A 68 -28.61 5.90 0.27
C GLN A 68 -29.51 7.06 0.72
N THR A 69 -29.81 7.97 -0.20
CA THR A 69 -30.75 9.04 0.10
C THR A 69 -32.15 8.50 0.40
N GLY A 70 -32.53 7.39 -0.22
CA GLY A 70 -33.81 6.78 0.12
C GLY A 70 -33.88 6.38 1.58
N VAL A 71 -32.78 5.84 2.13
CA VAL A 71 -32.81 5.45 3.53
C VAL A 71 -32.88 6.70 4.41
N LEU A 72 -32.17 7.75 4.00
CA LEU A 72 -32.27 9.05 4.67
C LEU A 72 -33.71 9.55 4.69
N ILE A 73 -34.32 9.61 3.49
CA ILE A 73 -35.70 10.10 3.36
C ILE A 73 -36.64 9.32 4.26
N GLU A 74 -36.56 8.00 4.20
CA GLU A 74 -37.49 7.21 4.98
C GLU A 74 -37.24 7.30 6.48
N THR A 75 -36.00 7.64 6.90
CA THR A 75 -35.74 7.90 8.31
C THR A 75 -36.40 9.20 8.75
N LEU A 76 -36.27 10.25 7.93
CA LEU A 76 -36.94 11.51 8.26
C LEU A 76 -38.44 11.32 8.39
N VAL A 77 -39.04 10.58 7.43
CA VAL A 77 -40.47 10.30 7.49
C VAL A 77 -40.84 9.44 8.72
N ALA A 78 -40.03 8.41 9.01
CA ALA A 78 -40.26 7.57 10.20
C ALA A 78 -40.26 8.39 11.49
N LEU A 79 -39.50 9.49 11.51
CA LEU A 79 -39.43 10.36 12.66
C LEU A 79 -40.50 11.44 12.67
N GLY A 80 -41.43 11.42 11.69
CA GLY A 80 -42.60 12.29 11.70
C GLY A 80 -42.64 13.34 10.60
N ALA A 81 -41.55 13.56 9.85
CA ALA A 81 -41.55 14.62 8.85
C ALA A 81 -42.39 14.25 7.62
N GLU A 82 -42.89 15.27 6.96
CA GLU A 82 -43.27 15.23 5.55
C GLU A 82 -42.13 15.81 4.73
N VAL A 83 -41.91 15.28 3.52
CA VAL A 83 -40.85 15.79 2.66
C VAL A 83 -41.35 15.95 1.23
N ARG A 84 -40.65 16.81 0.48
CA ARG A 84 -40.79 16.85 -0.97
C ARG A 84 -39.38 16.92 -1.53
N TRP A 85 -39.04 16.02 -2.46
CA TRP A 85 -37.65 15.71 -2.75
C TRP A 85 -37.30 15.87 -4.23
N SER A 86 -36.05 16.29 -4.48
CA SER A 86 -35.46 16.33 -5.82
C SER A 86 -33.99 15.99 -5.71
N SER A 87 -33.37 15.71 -6.87
CA SER A 87 -31.93 15.47 -6.91
C SER A 87 -31.19 16.78 -7.08
N CYS A 88 -29.95 16.82 -6.60
CA CYS A 88 -29.11 18.00 -6.77
C CYS A 88 -28.14 17.84 -7.94
N ASN A 89 -28.32 16.79 -8.74
CA ASN A 89 -27.53 16.66 -9.97
C ASN A 89 -28.34 15.95 -11.06
N ILE A 90 -28.14 16.36 -12.32
CA ILE A 90 -28.90 15.79 -13.43
C ILE A 90 -28.56 14.32 -13.72
N PHE A 91 -27.40 13.81 -13.28
CA PHE A 91 -27.03 12.42 -13.58
C PHE A 91 -26.94 11.50 -12.37
N SER A 92 -27.21 11.99 -11.15
CA SER A 92 -26.87 11.22 -9.96
C SER A 92 -28.00 10.33 -9.45
N THR A 93 -29.22 10.50 -9.95
CA THR A 93 -30.34 9.69 -9.47
C THR A 93 -30.16 8.23 -9.85
N GLN A 94 -30.48 7.34 -8.93
CA GLN A 94 -30.70 5.94 -9.24
C GLN A 94 -32.19 5.75 -9.45
N ASP A 95 -32.59 5.37 -10.66
CA ASP A 95 -34.00 5.39 -10.99
C ASP A 95 -34.79 4.40 -10.14
N GLN A 96 -34.19 3.28 -9.73
CA GLN A 96 -34.91 2.33 -8.87
C GLN A 96 -35.10 2.90 -7.47
N ALA A 97 -34.18 3.76 -7.01
CA ALA A 97 -34.37 4.45 -5.73
C ALA A 97 -35.52 5.45 -5.80
N ALA A 98 -35.51 6.34 -6.81
CA ALA A 98 -36.63 7.28 -7.00
C ALA A 98 -37.95 6.54 -7.07
N ALA A 99 -37.98 5.40 -7.79
CA ALA A 99 -39.25 4.69 -7.96
C ALA A 99 -39.73 4.11 -6.62
N ALA A 100 -38.83 3.55 -5.81
CA ALA A 100 -39.27 3.03 -4.53
C ALA A 100 -39.82 4.13 -3.65
N ILE A 101 -39.19 5.31 -3.69
CA ILE A 101 -39.65 6.42 -2.83
C ILE A 101 -41.02 6.92 -3.29
N ALA A 102 -41.22 7.08 -4.60
CA ALA A 102 -42.54 7.44 -5.12
C ALA A 102 -43.58 6.38 -4.78
N ALA A 103 -43.24 5.09 -5.00
CA ALA A 103 -44.21 4.04 -4.68
C ALA A 103 -44.59 4.04 -3.20
N ALA A 104 -43.75 4.60 -2.34
CA ALA A 104 -44.08 4.73 -0.92
C ALA A 104 -44.98 5.94 -0.65
N GLY A 105 -45.42 6.66 -1.69
CA GLY A 105 -46.28 7.81 -1.49
C GLY A 105 -45.55 9.05 -1.04
N ILE A 106 -44.26 9.15 -1.37
CA ILE A 106 -43.47 10.32 -0.99
C ILE A 106 -43.20 11.14 -2.24
N PRO A 107 -43.47 12.45 -2.23
CA PRO A 107 -43.28 13.25 -3.45
C PRO A 107 -41.80 13.32 -3.80
N VAL A 108 -41.47 12.87 -5.01
CA VAL A 108 -40.09 12.88 -5.48
C VAL A 108 -40.10 13.19 -6.97
N PHE A 109 -39.19 14.06 -7.39
CA PHE A 109 -39.11 14.54 -8.78
C PHE A 109 -37.66 14.39 -9.21
N ALA A 110 -37.31 13.25 -9.83
CA ALA A 110 -35.91 12.92 -10.07
C ALA A 110 -35.78 11.74 -11.03
N TRP A 111 -34.85 11.86 -11.98
CA TRP A 111 -34.48 10.75 -12.85
C TRP A 111 -33.04 10.95 -13.33
N LYS A 112 -32.39 9.84 -13.70
CA LYS A 112 -31.06 9.92 -14.28
C LYS A 112 -31.14 10.48 -15.70
N GLY A 113 -30.36 11.53 -15.97
CA GLY A 113 -30.36 12.09 -17.31
C GLY A 113 -31.32 13.24 -17.53
N GLU A 114 -31.61 14.02 -16.49
CA GLU A 114 -32.36 15.25 -16.64
C GLU A 114 -31.63 16.23 -17.55
N THR A 115 -32.41 17.04 -18.28
CA THR A 115 -31.92 18.28 -18.87
C THR A 115 -31.85 19.36 -17.79
N GLU A 116 -31.13 20.44 -18.08
CA GLU A 116 -31.04 21.53 -17.09
C GLU A 116 -32.44 22.08 -16.79
N GLU A 117 -33.28 22.18 -17.82
CA GLU A 117 -34.61 22.72 -17.61
C GLU A 117 -35.44 21.77 -16.73
N GLU A 118 -35.32 20.46 -16.98
CA GLU A 118 -35.99 19.48 -16.12
C GLU A 118 -35.44 19.53 -14.70
N TYR A 119 -34.14 19.75 -14.56
CA TYR A 119 -33.55 19.88 -13.22
C TYR A 119 -34.22 21.00 -12.43
N GLU A 120 -34.34 22.18 -13.04
CA GLU A 120 -34.98 23.30 -12.36
C GLU A 120 -36.46 23.01 -12.10
N TRP A 121 -37.14 22.43 -13.09
CA TRP A 121 -38.53 22.03 -12.91
C TRP A 121 -38.72 21.13 -11.69
N CYS A 122 -37.83 20.13 -11.52
CA CYS A 122 -37.96 19.21 -10.39
C CYS A 122 -37.84 19.94 -9.05
N ILE A 123 -36.87 20.85 -8.93
CA ILE A 123 -36.75 21.60 -7.68
C ILE A 123 -38.03 22.41 -7.45
N GLU A 124 -38.56 23.02 -8.51
CA GLU A 124 -39.77 23.82 -8.35
C GLU A 124 -40.98 22.96 -7.96
N GLN A 125 -41.00 21.68 -8.38
CA GLN A 125 -42.10 20.80 -7.98
C GLN A 125 -42.04 20.47 -6.49
N THR A 126 -40.86 20.49 -5.87
CA THR A 126 -40.84 20.32 -4.42
C THR A 126 -41.33 21.60 -3.74
N ILE A 127 -40.97 22.76 -4.29
CA ILE A 127 -41.31 24.04 -3.66
C ILE A 127 -42.81 24.32 -3.72
N LEU A 128 -43.42 24.04 -4.88
CA LEU A 128 -44.84 24.25 -5.10
C LEU A 128 -45.61 22.94 -4.89
N LYS A 129 -46.73 23.04 -4.19
CA LYS A 129 -47.69 21.95 -4.11
C LYS A 129 -49.00 22.47 -4.67
N ASP A 130 -49.53 21.80 -5.69
CA ASP A 130 -50.76 22.22 -6.36
C ASP A 130 -50.68 23.68 -6.82
N GLY A 131 -49.56 24.02 -7.46
CA GLY A 131 -49.39 25.34 -8.02
C GLY A 131 -49.17 26.46 -7.03
N GLN A 132 -48.97 26.14 -5.75
CA GLN A 132 -48.76 27.17 -4.74
C GLN A 132 -47.64 26.75 -3.82
N PRO A 133 -46.96 27.72 -3.18
CA PRO A 133 -45.87 27.37 -2.25
C PRO A 133 -46.35 26.42 -1.17
N TRP A 134 -45.65 25.30 -1.06
CA TRP A 134 -45.81 24.39 0.07
C TRP A 134 -45.41 25.10 1.35
N ASP A 135 -46.10 24.77 2.46
CA ASP A 135 -45.77 25.36 3.75
C ASP A 135 -44.55 24.67 4.36
N ALA A 136 -43.43 24.77 3.65
CA ALA A 136 -42.18 24.18 4.13
C ALA A 136 -41.70 24.89 5.40
N ASN A 137 -41.02 24.14 6.26
CA ASN A 137 -40.38 24.80 7.40
C ASN A 137 -38.96 24.31 7.65
N MET A 138 -38.40 23.48 6.76
CA MET A 138 -37.04 22.96 6.89
C MET A 138 -36.48 22.75 5.49
N VAL A 139 -35.16 22.88 5.36
CA VAL A 139 -34.45 22.66 4.09
C VAL A 139 -33.29 21.70 4.34
N LEU A 140 -33.19 20.64 3.52
CA LEU A 140 -32.02 19.78 3.45
C LEU A 140 -31.44 19.94 2.04
N ASP A 141 -30.18 20.35 1.95
CA ASP A 141 -29.60 20.74 0.65
C ASP A 141 -28.20 20.15 0.49
N ASP A 142 -27.80 19.95 -0.76
CA ASP A 142 -26.47 19.42 -1.10
C ASP A 142 -25.99 20.25 -2.28
N GLY A 143 -25.18 21.28 -2.01
CA GLY A 143 -24.64 22.15 -3.02
C GLY A 143 -25.21 23.56 -3.05
N GLY A 144 -26.36 23.82 -2.44
CA GLY A 144 -26.88 25.18 -2.35
C GLY A 144 -27.88 25.62 -3.42
N ASP A 145 -28.19 24.77 -4.41
CA ASP A 145 -29.10 25.19 -5.48
C ASP A 145 -30.50 25.48 -4.96
N LEU A 146 -31.04 24.56 -4.15
CA LEU A 146 -32.35 24.79 -3.54
C LEU A 146 -32.31 26.04 -2.66
N THR A 147 -31.25 26.17 -1.87
CA THR A 147 -31.12 27.32 -0.99
C THR A 147 -31.09 28.62 -1.80
N GLU A 148 -30.42 28.59 -2.95
CA GLU A 148 -30.33 29.80 -3.77
C GLU A 148 -31.67 30.13 -4.41
N ILE A 149 -32.38 29.12 -4.91
CA ILE A 149 -33.71 29.36 -5.48
C ILE A 149 -34.67 29.92 -4.43
N LEU A 150 -34.67 29.35 -3.22
CA LEU A 150 -35.52 29.90 -2.16
C LEU A 150 -35.19 31.37 -1.90
N HIS A 151 -33.91 31.71 -1.73
CA HIS A 151 -33.56 33.09 -1.39
C HIS A 151 -33.87 34.04 -2.54
N LYS A 152 -33.64 33.61 -3.79
CA LYS A 152 -33.81 34.50 -4.94
C LYS A 152 -35.26 34.60 -5.39
N LYS A 153 -35.97 33.47 -5.41
CA LYS A 153 -37.25 33.38 -6.08
C LYS A 153 -38.43 33.19 -5.15
N TYR A 154 -38.22 32.63 -3.93
CA TYR A 154 -39.30 32.41 -2.97
C TYR A 154 -38.95 32.93 -1.59
N PRO A 155 -38.54 34.21 -1.46
CA PRO A 155 -38.10 34.67 -0.15
C PRO A 155 -39.17 34.59 0.92
N GLN A 156 -40.44 34.75 0.55
CA GLN A 156 -41.52 34.67 1.53
C GLN A 156 -41.61 33.29 2.16
N MET A 157 -41.20 32.24 1.45
CA MET A 157 -41.18 30.91 2.05
C MET A 157 -40.16 30.80 3.18
N LEU A 158 -39.01 31.49 3.06
CA LEU A 158 -38.01 31.38 4.11
C LEU A 158 -38.48 31.96 5.44
N GLU A 159 -39.47 32.87 5.41
CA GLU A 159 -39.94 33.45 6.67
C GLU A 159 -40.45 32.37 7.61
N ARG A 160 -40.90 31.24 7.08
CA ARG A 160 -41.44 30.14 7.89
C ARG A 160 -40.47 28.99 8.07
N ILE A 161 -39.24 29.08 7.54
CA ILE A 161 -38.30 27.98 7.59
C ILE A 161 -37.37 28.13 8.80
N HIS A 162 -37.25 27.07 9.61
CA HIS A 162 -36.42 27.12 10.81
C HIS A 162 -34.93 26.92 10.53
N GLY A 163 -34.55 26.34 9.40
CA GLY A 163 -33.13 26.15 9.17
C GLY A 163 -32.87 25.36 7.92
N ILE A 164 -31.60 25.40 7.51
CA ILE A 164 -31.05 24.63 6.38
C ILE A 164 -29.96 23.70 6.91
N THR A 165 -29.98 22.43 6.47
CA THR A 165 -28.90 21.51 6.83
C THR A 165 -28.18 21.19 5.51
N GLU A 166 -26.93 21.62 5.39
CA GLU A 166 -26.24 21.63 4.11
C GLU A 166 -25.16 20.56 4.11
N GLU A 167 -25.16 19.75 3.04
CA GLU A 167 -24.39 18.52 2.99
C GLU A 167 -22.91 18.75 2.64
N THR A 168 -22.57 19.71 1.76
CA THR A 168 -21.28 19.60 1.08
C THR A 168 -20.50 20.91 1.11
N THR A 169 -19.17 20.78 0.91
CA THR A 169 -18.23 21.89 1.02
C THR A 169 -18.68 23.10 0.19
N THR A 170 -19.00 22.86 -1.08
CA THR A 170 -19.45 23.94 -1.94
C THR A 170 -20.70 24.63 -1.39
N GLY A 171 -21.66 23.85 -0.92
CA GLY A 171 -22.87 24.45 -0.36
C GLY A 171 -22.55 25.31 0.84
N VAL A 172 -21.63 24.84 1.69
CA VAL A 172 -21.28 25.60 2.89
C VAL A 172 -20.60 26.91 2.50
N HIS A 173 -19.75 26.88 1.48
CA HIS A 173 -19.13 28.12 1.03
C HIS A 173 -20.18 29.13 0.60
N ARG A 174 -21.21 28.67 -0.11
CA ARG A 174 -22.26 29.58 -0.55
C ARG A 174 -23.04 30.14 0.66
N LEU A 175 -23.24 29.32 1.70
CA LEU A 175 -23.92 29.82 2.89
C LEU A 175 -23.09 30.89 3.57
N LEU A 176 -21.78 30.66 3.70
CA LEU A 176 -20.94 31.62 4.41
C LEU A 176 -20.79 32.93 3.64
N ASP A 177 -20.85 32.88 2.30
CA ASP A 177 -20.88 34.12 1.52
C ASP A 177 -22.16 34.90 1.81
N MET A 178 -23.30 34.21 1.79
CA MET A 178 -24.56 34.87 2.13
C MET A 178 -24.50 35.48 3.53
N LEU A 179 -23.95 34.72 4.50
CA LEU A 179 -23.86 35.23 5.87
C LEU A 179 -23.03 36.51 5.93
N LYS A 180 -21.88 36.52 5.25
CA LYS A 180 -21.04 37.70 5.32
C LYS A 180 -21.65 38.87 4.57
N ASN A 181 -22.42 38.58 3.50
CA ASN A 181 -23.10 39.63 2.74
C ASN A 181 -24.41 40.10 3.37
N GLY A 182 -24.87 39.47 4.45
CA GLY A 182 -26.15 39.82 5.03
C GLY A 182 -27.39 39.36 4.29
N THR A 183 -27.28 38.34 3.44
CA THR A 183 -28.40 37.88 2.66
C THR A 183 -28.91 36.50 3.08
N LEU A 184 -28.26 35.84 4.05
CA LEU A 184 -28.78 34.58 4.56
C LEU A 184 -29.97 34.86 5.48
N LYS A 185 -31.09 34.17 5.24
CA LYS A 185 -32.33 34.48 5.95
C LYS A 185 -32.65 33.52 7.08
N VAL A 186 -32.04 32.34 7.08
CA VAL A 186 -32.30 31.35 8.13
C VAL A 186 -30.98 30.70 8.51
N PRO A 187 -30.87 30.24 9.75
CA PRO A 187 -29.61 29.63 10.20
C PRO A 187 -29.41 28.29 9.50
N ALA A 188 -28.18 27.80 9.56
CA ALA A 188 -27.83 26.54 8.89
C ALA A 188 -26.94 25.72 9.80
N ILE A 189 -26.98 24.40 9.63
CA ILE A 189 -25.96 23.53 10.18
C ILE A 189 -25.07 23.06 9.03
N ASN A 190 -23.78 23.28 9.18
CA ASN A 190 -22.74 22.78 8.29
C ASN A 190 -22.54 21.31 8.63
N VAL A 191 -23.26 20.42 7.92
CA VAL A 191 -23.14 18.98 8.11
C VAL A 191 -21.81 18.48 7.59
N ASN A 192 -21.29 19.13 6.54
CA ASN A 192 -20.04 18.72 5.93
C ASN A 192 -18.92 18.57 6.96
N ASP A 193 -18.82 19.51 7.91
CA ASP A 193 -17.65 19.51 8.77
C ASP A 193 -17.83 18.73 10.07
N SER A 194 -18.83 17.87 10.20
CA SER A 194 -18.66 16.77 11.16
C SER A 194 -17.49 15.90 10.69
N VAL A 195 -16.73 15.34 11.63
CA VAL A 195 -15.62 14.49 11.21
C VAL A 195 -16.17 13.22 10.54
N THR A 196 -17.29 12.70 11.05
CA THR A 196 -17.95 11.52 10.45
C THR A 196 -18.64 11.84 9.15
N LYS A 197 -18.50 13.07 8.66
CA LYS A 197 -18.90 13.40 7.30
C LYS A 197 -17.65 13.75 6.48
N SER A 198 -17.05 14.92 6.71
CA SER A 198 -15.89 15.40 5.93
C SER A 198 -14.79 14.35 5.80
N LYS A 199 -14.35 13.75 6.93
CA LYS A 199 -13.20 12.86 6.87
C LYS A 199 -13.63 11.42 6.72
N ASN A 200 -14.84 11.20 6.24
CA ASN A 200 -15.42 9.90 5.99
C ASN A 200 -15.94 9.89 4.55
N ASP A 201 -17.02 10.63 4.35
CA ASP A 201 -17.66 10.79 3.04
C ASP A 201 -16.72 11.42 2.02
N ASN A 202 -16.26 12.66 2.28
CA ASN A 202 -15.50 13.37 1.26
C ASN A 202 -14.23 12.62 0.86
N LYS A 203 -13.55 12.01 1.82
CA LYS A 203 -12.29 11.32 1.53
C LYS A 203 -12.51 9.85 1.17
N TYR A 204 -12.95 9.04 2.14
CA TYR A 204 -13.06 7.61 1.86
C TYR A 204 -14.13 7.30 0.83
N GLY A 205 -15.18 8.13 0.76
CA GLY A 205 -16.21 7.88 -0.25
C GLY A 205 -15.66 7.96 -1.65
N CYS A 206 -14.90 9.00 -1.93
CA CYS A 206 -14.27 9.13 -3.25
C CYS A 206 -13.21 8.05 -3.47
N ARG A 207 -12.54 7.59 -2.42
CA ARG A 207 -11.60 6.50 -2.58
CA ARG A 207 -11.60 6.50 -2.59
C ARG A 207 -12.30 5.26 -3.13
N HIS A 208 -13.50 4.97 -2.62
CA HIS A 208 -14.31 3.84 -3.09
C HIS A 208 -14.82 4.09 -4.50
N SER A 209 -15.36 5.29 -4.74
CA SER A 209 -16.23 5.45 -5.90
C SER A 209 -15.56 6.09 -7.12
N LEU A 210 -14.38 6.70 -7.00
CA LEU A 210 -13.76 7.30 -8.19
C LEU A 210 -13.28 6.22 -9.17
N ASN A 211 -12.44 5.30 -8.70
CA ASN A 211 -11.99 4.25 -9.63
CA ASN A 211 -11.99 4.23 -9.60
C ASN A 211 -13.17 3.38 -10.06
N ASP A 212 -14.19 3.25 -9.21
CA ASP A 212 -15.42 2.54 -9.56
C ASP A 212 -16.04 3.14 -10.81
N ALA A 213 -16.26 4.45 -10.80
CA ALA A 213 -16.88 5.14 -11.92
C ALA A 213 -16.01 5.10 -13.17
N ILE A 214 -14.68 5.24 -13.04
CA ILE A 214 -13.82 5.19 -14.20
C ILE A 214 -13.87 3.80 -14.84
N LYS A 215 -13.86 2.75 -14.01
CA LYS A 215 -13.93 1.39 -14.55
C LYS A 215 -15.26 1.17 -15.29
N ARG A 216 -16.37 1.59 -14.69
CA ARG A 216 -17.68 1.40 -15.32
C ARG A 216 -17.79 2.19 -16.63
N GLY A 217 -17.24 3.40 -16.67
CA GLY A 217 -17.35 4.20 -17.89
C GLY A 217 -16.45 3.72 -19.02
N THR A 218 -15.20 3.32 -18.70
CA THR A 218 -14.18 3.00 -19.70
C THR A 218 -13.67 1.57 -19.66
N ASP A 219 -13.78 0.88 -18.53
CA ASP A 219 -13.09 -0.40 -18.31
C ASP A 219 -11.60 -0.31 -18.66
N HIS A 220 -11.02 0.87 -18.52
CA HIS A 220 -9.58 0.99 -18.72
C HIS A 220 -8.80 0.38 -17.56
N LEU A 221 -7.74 -0.34 -17.90
CA LEU A 221 -6.65 -0.58 -16.95
C LEU A 221 -6.13 0.76 -16.40
N LEU A 222 -6.02 0.87 -15.07
CA LEU A 222 -5.39 2.04 -14.46
C LEU A 222 -3.94 1.78 -14.05
N SER A 223 -3.60 0.56 -13.63
CA SER A 223 -2.26 0.23 -13.19
C SER A 223 -1.23 0.60 -14.25
N GLY A 224 -0.17 1.29 -13.81
CA GLY A 224 0.95 1.63 -14.66
C GLY A 224 0.77 2.89 -15.49
N LYS A 225 -0.42 3.45 -15.53
CA LYS A 225 -0.73 4.67 -16.28
C LYS A 225 -0.57 5.89 -15.40
N GLN A 226 -0.53 7.07 -16.03
CA GLN A 226 -0.20 8.32 -15.33
C GLN A 226 -1.47 9.12 -15.06
N ALA A 227 -1.67 9.55 -13.81
CA ALA A 227 -2.82 10.38 -13.47
C ALA A 227 -2.37 11.73 -12.92
N LEU A 228 -3.16 12.75 -13.21
CA LEU A 228 -3.00 14.07 -12.58
C LEU A 228 -4.28 14.38 -11.80
N VAL A 229 -4.15 14.53 -10.47
CA VAL A 229 -5.30 14.92 -9.66
C VAL A 229 -5.13 16.38 -9.31
N ILE A 230 -6.13 17.18 -9.65
CA ILE A 230 -6.08 18.62 -9.39
C ILE A 230 -6.78 18.84 -8.05
N GLY A 231 -6.00 19.17 -7.03
CA GLY A 231 -6.59 19.36 -5.72
C GLY A 231 -6.19 18.24 -4.76
N TYR A 232 -5.99 18.61 -3.50
CA TYR A 232 -5.64 17.64 -2.46
C TYR A 232 -6.28 18.02 -1.13
N GLY A 233 -7.55 18.51 -1.17
CA GLY A 233 -8.39 18.59 0.01
C GLY A 233 -8.92 17.20 0.32
N ASP A 234 -10.07 17.13 0.96
CA ASP A 234 -10.57 15.80 1.35
C ASP A 234 -10.90 14.97 0.11
N VAL A 235 -11.60 15.56 -0.86
CA VAL A 235 -11.92 14.84 -2.09
C VAL A 235 -10.65 14.48 -2.86
N GLY A 236 -9.70 15.41 -2.99
CA GLY A 236 -8.45 15.10 -3.70
C GLY A 236 -7.60 14.06 -2.99
N LYS A 237 -7.60 14.05 -1.65
CA LYS A 237 -6.91 12.99 -0.93
C LYS A 237 -7.52 11.63 -1.24
N GLY A 238 -8.86 11.53 -1.11
CA GLY A 238 -9.53 10.27 -1.37
C GLY A 238 -9.39 9.84 -2.83
N SER A 239 -9.48 10.79 -3.75
CA SER A 239 -9.33 10.49 -5.18
C SER A 239 -7.93 9.97 -5.50
N SER A 240 -6.91 10.66 -4.99
CA SER A 240 -5.53 10.24 -5.22
C SER A 240 -5.30 8.82 -4.74
N GLN A 241 -5.88 8.48 -3.57
CA GLN A 241 -5.74 7.13 -3.04
C GLN A 241 -6.49 6.13 -3.91
N SER A 242 -7.66 6.54 -4.42
CA SER A 242 -8.45 5.65 -5.29
C SER A 242 -7.63 5.18 -6.49
N LEU A 243 -6.82 6.07 -7.05
CA LEU A 243 -6.01 5.78 -8.23
C LEU A 243 -4.68 5.12 -7.88
N ARG A 244 -4.00 5.60 -6.83
CA ARG A 244 -2.73 5.03 -6.42
C ARG A 244 -2.89 3.59 -5.98
N GLN A 245 -3.99 3.26 -5.25
CA GLN A 245 -4.16 1.88 -4.80
C GLN A 245 -4.38 0.93 -5.97
N GLU A 246 -4.81 1.44 -7.12
CA GLU A 246 -4.93 0.67 -8.35
C GLU A 246 -3.60 0.55 -9.10
N GLY A 247 -2.53 1.20 -8.60
CA GLY A 247 -1.25 1.19 -9.26
C GLY A 247 -1.02 2.31 -10.25
N MET A 248 -1.84 3.36 -10.24
CA MET A 248 -1.52 4.50 -11.08
C MET A 248 -0.30 5.24 -10.53
N ILE A 249 0.42 5.89 -11.43
CA ILE A 249 1.46 6.84 -11.08
C ILE A 249 0.75 8.20 -10.99
N VAL A 250 0.53 8.67 -9.78
CA VAL A 250 -0.36 9.81 -9.51
C VAL A 250 0.47 11.03 -9.20
N LYS A 251 0.24 12.13 -9.94
CA LYS A 251 0.79 13.44 -9.61
C LYS A 251 -0.36 14.32 -9.11
N VAL A 252 -0.03 15.30 -8.26
CA VAL A 252 -1.03 16.09 -7.55
C VAL A 252 -0.70 17.56 -7.77
N ALA A 253 -1.72 18.35 -8.13
CA ALA A 253 -1.60 19.80 -8.16
C ALA A 253 -2.37 20.43 -6.99
N GLU A 254 -1.83 21.52 -6.47
CA GLU A 254 -2.49 22.22 -5.37
C GLU A 254 -2.13 23.70 -5.43
N VAL A 255 -3.03 24.53 -4.89
CA VAL A 255 -2.72 25.93 -4.63
C VAL A 255 -2.41 26.15 -3.15
N ASP A 256 -2.80 25.21 -2.28
CA ASP A 256 -2.60 25.33 -0.84
C ASP A 256 -1.30 24.60 -0.46
N PRO A 257 -0.28 25.31 0.01
CA PRO A 257 1.01 24.64 0.32
C PRO A 257 0.91 23.59 1.40
N ILE A 258 0.02 23.76 2.39
CA ILE A 258 -0.14 22.73 3.42
C ILE A 258 -0.68 21.44 2.82
N CYS A 259 -1.73 21.54 1.99
CA CYS A 259 -2.25 20.34 1.33
C CYS A 259 -1.20 19.72 0.41
N ALA A 260 -0.40 20.56 -0.27
CA ALA A 260 0.71 20.08 -1.10
C ALA A 260 1.77 19.37 -0.26
N MET A 261 2.06 19.90 0.93
N MET A 261 2.06 19.90 0.93
CA MET A 261 3.01 19.22 1.82
CA MET A 261 3.01 19.21 1.81
C MET A 261 2.50 17.82 2.15
C MET A 261 2.50 17.82 2.12
N GLN A 262 1.20 17.71 2.42
CA GLN A 262 0.61 16.41 2.71
C GLN A 262 0.76 15.46 1.53
N ALA A 263 0.56 15.96 0.30
CA ALA A 263 0.68 15.12 -0.88
C ALA A 263 2.10 14.57 -1.00
N CYS A 264 3.09 15.43 -0.79
CA CYS A 264 4.49 14.99 -0.80
C CYS A 264 4.72 13.89 0.22
N MET A 265 4.35 14.14 1.46
CA MET A 265 4.59 13.18 2.54
C MET A 265 3.84 11.87 2.29
N ASP A 266 2.70 11.94 1.59
CA ASP A 266 1.87 10.78 1.21
C ASP A 266 2.44 10.02 0.03
N GLY A 267 3.56 10.50 -0.53
CA GLY A 267 4.27 9.79 -1.57
C GLY A 267 3.88 10.17 -2.98
N PHE A 268 3.38 11.40 -3.19
CA PHE A 268 3.01 11.88 -4.52
C PHE A 268 3.97 12.99 -4.96
N GLU A 269 4.28 13.02 -6.25
CA GLU A 269 4.94 14.18 -6.84
C GLU A 269 3.94 15.33 -7.01
N VAL A 270 4.30 16.52 -6.56
CA VAL A 270 3.41 17.68 -6.66
C VAL A 270 3.86 18.52 -7.86
N VAL A 271 2.96 18.73 -8.82
CA VAL A 271 3.29 19.38 -10.09
C VAL A 271 2.21 20.40 -10.41
N SER A 272 2.55 21.32 -11.30
CA SER A 272 1.54 22.27 -11.77
C SER A 272 1.29 22.09 -13.27
N PRO A 273 0.04 22.22 -13.74
CA PRO A 273 -0.19 22.25 -15.20
C PRO A 273 0.53 23.38 -15.90
N TYR A 274 0.92 24.41 -15.14
CA TYR A 274 1.51 25.62 -15.66
C TYR A 274 2.98 25.66 -15.29
N LYS A 275 3.79 26.17 -16.21
CA LYS A 275 5.23 26.27 -15.95
C LYS A 275 5.44 27.19 -14.76
N ASN A 276 6.18 26.70 -13.78
CA ASN A 276 6.40 27.41 -12.52
C ASN A 276 5.10 27.76 -11.80
N GLY A 277 3.99 27.07 -12.14
CA GLY A 277 2.73 27.31 -11.47
C GLY A 277 2.01 28.59 -11.84
N ILE A 278 2.44 29.29 -12.90
CA ILE A 278 1.92 30.61 -13.23
C ILE A 278 0.98 30.48 -14.42
N ASN A 279 -0.29 30.76 -14.18
CA ASN A 279 -1.38 30.56 -15.13
C ASN A 279 -1.69 31.93 -15.73
N ASP A 280 -0.98 32.29 -16.80
CA ASP A 280 -1.15 33.60 -17.40
C ASP A 280 -2.20 33.59 -18.52
N GLY A 281 -2.91 32.47 -18.72
CA GLY A 281 -3.95 32.38 -19.71
C GLY A 281 -3.49 32.07 -21.13
N THR A 282 -2.18 32.01 -21.39
CA THR A 282 -1.67 31.67 -22.71
C THR A 282 -1.40 30.17 -22.84
N GLU A 283 -1.42 29.70 -24.08
CA GLU A 283 -0.95 28.35 -24.37
C GLU A 283 0.51 28.17 -23.95
N ALA A 284 1.32 29.22 -24.03
CA ALA A 284 2.74 29.09 -23.71
C ALA A 284 2.99 28.76 -22.24
N SER A 285 2.07 29.09 -21.34
CA SER A 285 2.32 28.77 -19.94
C SER A 285 2.02 27.31 -19.61
N ILE A 286 1.42 26.54 -20.52
CA ILE A 286 1.12 25.14 -20.24
C ILE A 286 2.39 24.31 -20.28
N ASP A 287 2.58 23.46 -19.28
CA ASP A 287 3.63 22.45 -19.30
C ASP A 287 3.17 21.33 -20.24
N ALA A 288 3.50 21.51 -21.52
CA ALA A 288 3.05 20.58 -22.56
C ALA A 288 3.66 19.20 -22.37
N ALA A 289 4.93 19.13 -21.95
CA ALA A 289 5.57 17.84 -21.75
C ALA A 289 4.89 17.04 -20.66
N LEU A 290 4.55 17.70 -19.55
CA LEU A 290 3.83 17.04 -18.47
C LEU A 290 2.46 16.57 -18.92
N LEU A 291 1.66 17.48 -19.52
CA LEU A 291 0.29 17.10 -19.85
C LEU A 291 0.24 16.08 -20.97
N GLY A 292 1.21 16.12 -21.88
CA GLY A 292 1.32 15.12 -22.94
C GLY A 292 1.61 13.71 -22.45
N LYS A 293 1.88 13.53 -21.16
CA LYS A 293 2.14 12.23 -20.53
C LYS A 293 0.96 11.71 -19.72
N ILE A 294 -0.07 12.51 -19.54
CA ILE A 294 -1.13 12.22 -18.58
C ILE A 294 -2.24 11.40 -19.25
N ASP A 295 -2.58 10.26 -18.64
CA ASP A 295 -3.65 9.39 -19.17
C ASP A 295 -5.01 9.68 -18.54
N LEU A 296 -5.04 10.37 -17.41
CA LEU A 296 -6.27 10.56 -16.66
C LEU A 296 -6.09 11.86 -15.88
N ILE A 297 -7.02 12.79 -16.03
CA ILE A 297 -7.04 13.97 -15.17
C ILE A 297 -8.36 14.00 -14.40
N VAL A 298 -8.27 14.29 -13.10
CA VAL A 298 -9.43 14.34 -12.20
C VAL A 298 -9.42 15.67 -11.46
N THR A 299 -10.52 16.40 -11.51
CA THR A 299 -10.63 17.68 -10.78
C THR A 299 -11.41 17.48 -9.50
N THR A 300 -10.90 18.06 -8.39
CA THR A 300 -11.46 17.80 -7.06
C THR A 300 -11.63 19.09 -6.23
N THR A 301 -11.69 20.26 -6.86
CA THR A 301 -11.36 21.49 -6.16
C THR A 301 -12.55 22.27 -5.61
N GLY A 302 -13.75 22.17 -6.20
CA GLY A 302 -14.75 23.17 -5.87
C GLY A 302 -14.51 24.56 -6.46
N ASN A 303 -13.49 24.70 -7.31
CA ASN A 303 -13.08 25.97 -7.93
C ASN A 303 -13.47 25.96 -9.41
N VAL A 304 -13.16 27.03 -10.13
CA VAL A 304 -13.59 27.21 -11.51
C VAL A 304 -12.40 27.11 -12.47
N ASN A 305 -12.59 26.32 -13.53
CA ASN A 305 -11.65 26.28 -14.66
C ASN A 305 -10.26 25.81 -14.24
N VAL A 306 -10.21 24.73 -13.45
CA VAL A 306 -8.93 24.17 -13.03
C VAL A 306 -8.44 23.12 -14.02
N CYS A 307 -9.28 22.72 -14.97
CA CYS A 307 -8.85 21.97 -16.15
C CYS A 307 -9.35 22.79 -17.35
N ASP A 308 -8.50 23.72 -17.82
CA ASP A 308 -8.94 24.75 -18.74
C ASP A 308 -8.69 24.33 -20.19
N ALA A 309 -9.02 25.25 -21.10
CA ALA A 309 -8.99 24.93 -22.52
C ALA A 309 -7.58 24.58 -23.00
N ASN A 310 -6.57 25.34 -22.55
CA ASN A 310 -5.20 25.08 -22.97
C ASN A 310 -4.68 23.76 -22.41
N MET A 311 -5.09 23.40 -21.20
CA MET A 311 -4.79 22.07 -20.67
C MET A 311 -5.43 20.98 -21.51
N LEU A 312 -6.70 21.17 -21.87
CA LEU A 312 -7.40 20.15 -22.67
C LEU A 312 -6.75 19.98 -24.03
N LYS A 313 -6.26 21.09 -24.61
CA LYS A 313 -5.56 21.06 -25.89
C LYS A 313 -4.23 20.31 -25.80
N ALA A 314 -3.57 20.36 -24.65
CA ALA A 314 -2.25 19.79 -24.46
C ALA A 314 -2.28 18.33 -23.99
N LEU A 315 -3.42 17.85 -23.51
CA LEU A 315 -3.46 16.51 -22.94
C LEU A 315 -3.09 15.44 -23.96
N LYS A 316 -2.50 14.38 -23.43
CA LYS A 316 -2.16 13.18 -24.21
C LYS A 316 -3.38 12.70 -24.99
N LYS A 317 -3.17 12.29 -26.26
CA LYS A 317 -4.27 11.67 -27.00
C LYS A 317 -4.87 10.55 -26.18
N ARG A 318 -6.21 10.50 -26.15
CA ARG A 318 -7.05 9.45 -25.56
C ARG A 318 -7.02 9.46 -24.05
N ALA A 319 -6.52 10.52 -23.45
CA ALA A 319 -6.68 10.74 -22.02
C ALA A 319 -8.15 10.80 -21.62
N VAL A 320 -8.43 10.31 -20.39
CA VAL A 320 -9.74 10.44 -19.77
C VAL A 320 -9.75 11.71 -18.94
N VAL A 321 -10.87 12.45 -19.03
CA VAL A 321 -11.10 13.69 -18.29
C VAL A 321 -12.34 13.51 -17.42
N CYS A 322 -12.24 13.79 -16.13
CA CYS A 322 -13.44 13.76 -15.30
C CYS A 322 -13.32 14.72 -14.12
N ASN A 323 -14.46 14.90 -13.48
CA ASN A 323 -14.60 15.85 -12.39
C ASN A 323 -15.37 15.17 -11.27
N ILE A 324 -14.87 15.29 -10.03
CA ILE A 324 -15.57 14.77 -8.87
C ILE A 324 -15.86 15.86 -7.84
N GLY A 325 -15.56 17.12 -8.18
CA GLY A 325 -16.10 18.25 -7.42
C GLY A 325 -17.58 18.47 -7.74
N HIS A 326 -18.20 19.37 -7.00
CA HIS A 326 -19.67 19.45 -7.07
C HIS A 326 -20.20 19.93 -8.43
N PHE A 327 -19.51 20.87 -9.09
CA PHE A 327 -20.07 21.47 -10.28
C PHE A 327 -19.17 21.21 -11.48
N ASP A 328 -19.79 21.13 -12.67
CA ASP A 328 -19.05 20.81 -13.90
C ASP A 328 -18.15 21.97 -14.40
N ASN A 329 -18.26 23.17 -13.83
CA ASN A 329 -17.39 24.24 -14.33
C ASN A 329 -15.93 24.09 -13.88
N GLU A 330 -15.55 23.04 -13.15
CA GLU A 330 -14.13 22.76 -12.91
C GLU A 330 -13.39 22.52 -14.22
N ILE A 331 -14.05 21.91 -15.19
CA ILE A 331 -13.50 21.62 -16.51
C ILE A 331 -14.17 22.56 -17.50
N ASP A 332 -13.39 23.12 -18.44
CA ASP A 332 -13.96 23.99 -19.47
C ASP A 332 -14.59 23.13 -20.56
N THR A 333 -15.75 22.54 -20.22
CA THR A 333 -16.49 21.76 -21.21
C THR A 333 -17.13 22.66 -22.25
N ALA A 334 -17.44 23.91 -21.90
CA ALA A 334 -18.06 24.80 -22.88
C ALA A 334 -17.13 25.02 -24.07
N PHE A 335 -15.83 25.19 -23.82
CA PHE A 335 -14.85 25.29 -24.90
C PHE A 335 -14.91 24.04 -25.78
N MET A 336 -15.03 22.87 -25.15
CA MET A 336 -15.11 21.62 -25.91
C MET A 336 -16.40 21.53 -26.73
N ARG A 337 -17.52 21.98 -26.16
CA ARG A 337 -18.75 22.01 -26.94
C ARG A 337 -18.62 22.98 -28.12
N LYS A 338 -17.92 24.10 -27.93
CA LYS A 338 -17.86 25.11 -28.97
C LYS A 338 -16.93 24.71 -30.12
N ASN A 339 -15.92 23.88 -29.85
CA ASN A 339 -14.85 23.67 -30.80
C ASN A 339 -14.67 22.25 -31.30
N TRP A 340 -15.14 21.23 -30.58
CA TRP A 340 -14.80 19.85 -30.89
C TRP A 340 -16.04 18.98 -31.05
N ALA A 341 -15.91 17.90 -31.79
CA ALA A 341 -17.04 17.04 -32.12
C ALA A 341 -17.18 15.94 -31.06
N TRP A 342 -18.40 15.78 -30.54
CA TRP A 342 -18.68 14.82 -29.48
C TRP A 342 -19.27 13.55 -30.08
N GLU A 343 -18.68 12.41 -29.74
CA GLU A 343 -19.20 11.10 -30.16
C GLU A 343 -19.63 10.38 -28.90
N GLU A 344 -20.91 10.07 -28.77
CA GLU A 344 -21.35 9.30 -27.61
C GLU A 344 -20.89 7.85 -27.75
N VAL A 345 -20.15 7.36 -26.75
CA VAL A 345 -19.86 5.93 -26.67
C VAL A 345 -21.07 5.20 -26.12
N LYS A 346 -21.58 5.67 -24.99
CA LYS A 346 -22.71 5.12 -24.26
C LYS A 346 -23.11 6.22 -23.29
N PRO A 347 -24.27 6.14 -22.62
CA PRO A 347 -24.67 7.25 -21.75
C PRO A 347 -23.55 7.65 -20.78
N GLN A 348 -23.33 8.97 -20.69
CA GLN A 348 -22.34 9.59 -19.80
C GLN A 348 -20.89 9.23 -20.16
N VAL A 349 -20.61 8.83 -21.41
CA VAL A 349 -19.25 8.57 -21.89
C VAL A 349 -19.12 9.13 -23.30
N HIS A 350 -18.31 10.17 -23.47
CA HIS A 350 -18.16 10.83 -24.77
C HIS A 350 -16.71 10.86 -25.18
N LYS A 351 -16.47 10.51 -26.44
CA LYS A 351 -15.24 10.86 -27.12
C LYS A 351 -15.35 12.26 -27.68
N ILE A 352 -14.38 13.09 -27.36
CA ILE A 352 -14.33 14.47 -27.83
C ILE A 352 -13.16 14.58 -28.81
N HIS A 353 -13.50 14.74 -30.09
CA HIS A 353 -12.54 14.68 -31.18
C HIS A 353 -11.94 16.06 -31.40
N ARG A 354 -10.64 16.17 -31.17
CA ARG A 354 -9.95 17.45 -31.24
C ARG A 354 -9.61 17.84 -32.66
N THR A 355 -10.14 17.12 -33.63
CA THR A 355 -9.87 17.38 -35.03
C THR A 355 -10.72 18.51 -35.61
N GLY A 356 -11.77 18.96 -34.92
CA GLY A 356 -12.66 19.95 -35.48
C GLY A 356 -14.05 19.79 -34.91
N LYS A 357 -14.93 20.71 -35.29
CA LYS A 357 -16.29 20.72 -34.74
C LYS A 357 -17.29 19.97 -35.61
N ASP A 358 -17.13 20.02 -36.93
CA ASP A 358 -18.15 19.51 -37.84
C ASP A 358 -17.81 18.07 -38.19
N GLY A 359 -18.35 17.14 -37.40
CA GLY A 359 -18.16 15.74 -37.68
C GLY A 359 -16.77 15.25 -37.31
N PHE A 360 -16.58 13.95 -37.46
CA PHE A 360 -15.35 13.32 -37.02
C PHE A 360 -15.13 12.03 -37.80
N ASP A 361 -13.87 11.63 -37.86
CA ASP A 361 -13.48 10.33 -38.38
C ASP A 361 -13.70 9.28 -37.28
N ALA A 362 -14.50 8.26 -37.58
CA ALA A 362 -14.81 7.26 -36.56
C ALA A 362 -13.55 6.57 -36.05
N HIS A 363 -12.49 6.55 -36.86
CA HIS A 363 -11.21 5.96 -36.48
C HIS A 363 -10.16 7.00 -36.12
N ASN A 364 -10.55 8.25 -35.91
CA ASN A 364 -9.63 9.27 -35.42
C ASN A 364 -8.98 8.84 -34.11
N ASP A 365 -7.68 9.07 -33.99
CA ASP A 365 -6.96 8.73 -32.76
C ASP A 365 -6.85 9.90 -31.80
N ASP A 366 -7.15 11.11 -32.26
CA ASP A 366 -6.93 12.31 -31.46
C ASP A 366 -8.25 12.72 -30.82
N TYR A 367 -8.58 12.05 -29.72
CA TYR A 367 -9.75 12.39 -28.92
C TYR A 367 -9.43 12.26 -27.44
N LEU A 368 -10.28 12.87 -26.63
CA LEU A 368 -10.33 12.67 -25.19
C LEU A 368 -11.62 11.94 -24.85
N ILE A 369 -11.63 11.21 -23.74
CA ILE A 369 -12.86 10.62 -23.23
C ILE A 369 -13.30 11.44 -22.03
N LEU A 370 -14.46 12.06 -22.15
CA LEU A 370 -15.06 12.83 -21.04
C LEU A 370 -16.13 11.98 -20.37
N LEU A 371 -16.08 11.90 -19.04
CA LEU A 371 -17.07 11.16 -18.26
C LEU A 371 -18.12 12.09 -17.67
N ALA A 372 -19.37 11.65 -17.78
CA ALA A 372 -20.55 12.32 -17.20
C ALA A 372 -20.66 13.79 -17.63
N GLU A 373 -20.17 14.11 -18.83
CA GLU A 373 -20.21 15.49 -19.33
C GLU A 373 -19.60 16.47 -18.34
N GLY A 374 -18.60 16.00 -17.58
CA GLY A 374 -17.92 16.82 -16.58
C GLY A 374 -18.65 16.97 -15.26
N ARG A 375 -19.83 16.38 -15.11
CA ARG A 375 -20.54 16.37 -13.84
C ARG A 375 -19.93 15.33 -12.90
N LEU A 376 -20.26 15.45 -11.61
CA LEU A 376 -19.77 14.56 -10.56
C LEU A 376 -19.63 13.12 -11.03
N VAL A 377 -18.41 12.65 -11.23
CA VAL A 377 -18.22 11.41 -11.98
C VAL A 377 -18.59 10.17 -11.16
N ASN A 378 -18.39 10.20 -9.84
CA ASN A 378 -18.72 8.99 -9.07
C ASN A 378 -20.21 8.72 -9.10
N LEU A 379 -21.02 9.78 -9.03
CA LEU A 379 -22.47 9.60 -9.11
C LEU A 379 -22.97 9.48 -10.55
N GLY A 380 -22.27 10.09 -11.52
CA GLY A 380 -22.77 10.09 -12.87
C GLY A 380 -22.50 8.78 -13.61
N ASN A 381 -21.33 8.15 -13.34
CA ASN A 381 -20.92 6.91 -14.03
C ASN A 381 -20.94 5.68 -13.14
N ALA A 382 -21.24 5.84 -11.85
CA ALA A 382 -21.38 4.72 -10.94
C ALA A 382 -22.52 5.01 -9.97
N THR A 383 -22.39 4.71 -8.67
CA THR A 383 -23.51 4.94 -7.75
C THR A 383 -23.11 5.85 -6.59
N GLY A 384 -22.07 6.67 -6.75
CA GLY A 384 -21.57 7.50 -5.66
C GLY A 384 -21.02 6.67 -4.50
N HIS A 385 -21.05 7.26 -3.31
CA HIS A 385 -20.48 6.60 -2.13
C HIS A 385 -21.32 5.38 -1.72
N PRO A 386 -20.69 4.40 -1.08
CA PRO A 386 -21.43 3.22 -0.62
C PRO A 386 -22.23 3.52 0.65
N SER A 387 -23.29 2.72 0.84
CA SER A 387 -24.20 2.90 1.97
C SER A 387 -23.48 3.05 3.32
N ARG A 388 -22.47 2.21 3.60
CA ARG A 388 -21.86 2.25 4.92
C ARG A 388 -21.05 3.53 5.15
N ILE A 389 -20.61 4.21 4.08
CA ILE A 389 -20.01 5.53 4.24
C ILE A 389 -21.09 6.60 4.39
N MET A 390 -22.13 6.56 3.53
CA MET A 390 -23.19 7.57 3.59
C MET A 390 -23.95 7.52 4.91
N ASP A 391 -23.89 6.37 5.59
CA ASP A 391 -24.42 6.22 6.95
C ASP A 391 -24.01 7.37 7.86
N GLY A 392 -22.70 7.70 7.85
CA GLY A 392 -22.23 8.77 8.71
C GLY A 392 -22.80 10.12 8.32
N SER A 393 -22.69 10.45 7.02
CA SER A 393 -23.20 11.72 6.52
C SER A 393 -24.68 11.90 6.84
N PHE A 394 -25.48 10.84 6.64
CA PHE A 394 -26.92 11.00 6.76
C PHE A 394 -27.40 10.86 8.20
N ALA A 395 -26.68 10.14 9.06
CA ALA A 395 -26.96 10.25 10.49
C ALA A 395 -26.75 11.69 10.98
N ASN A 396 -25.69 12.36 10.50
CA ASN A 396 -25.50 13.78 10.83
C ASN A 396 -26.67 14.64 10.31
N GLN A 397 -27.13 14.38 9.09
CA GLN A 397 -28.26 15.12 8.53
C GLN A 397 -29.48 15.02 9.42
N VAL A 398 -29.81 13.80 9.88
CA VAL A 398 -31.00 13.61 10.71
C VAL A 398 -30.86 14.37 12.03
N LEU A 399 -29.69 14.27 12.69
CA LEU A 399 -29.48 15.03 13.93
C LEU A 399 -29.56 16.53 13.70
N ALA A 400 -29.01 17.01 12.58
CA ALA A 400 -29.06 18.42 12.27
C ALA A 400 -30.49 18.92 12.03
N GLN A 401 -31.30 18.13 11.29
CA GLN A 401 -32.72 18.47 11.11
C GLN A 401 -33.43 18.53 12.45
N ILE A 402 -33.21 17.54 13.32
CA ILE A 402 -33.86 17.55 14.63
C ILE A 402 -33.49 18.80 15.39
N HIS A 403 -32.20 19.12 15.41
CA HIS A 403 -31.73 20.25 16.21
C HIS A 403 -32.34 21.56 15.72
N LEU A 404 -32.25 21.84 14.41
CA LEU A 404 -32.76 23.12 13.92
C LEU A 404 -34.27 23.15 13.98
N PHE A 405 -34.94 22.03 13.71
CA PHE A 405 -36.40 22.03 13.85
C PHE A 405 -36.82 22.31 15.28
N GLU A 406 -36.15 21.71 16.26
CA GLU A 406 -36.58 21.92 17.64
C GLU A 406 -36.24 23.33 18.14
N GLN A 407 -35.25 24.00 17.54
CA GLN A 407 -34.95 25.38 17.95
C GLN A 407 -35.94 26.41 17.45
N LYS A 408 -36.68 26.13 16.36
CA LYS A 408 -37.83 26.95 15.97
C LYS A 408 -37.45 28.42 15.67
N TYR A 409 -36.35 28.60 14.91
CA TYR A 409 -35.90 29.96 14.57
C TYR A 409 -37.01 30.82 13.97
N ALA A 410 -37.84 30.22 13.10
CA ALA A 410 -38.83 31.02 12.37
C ALA A 410 -39.86 31.67 13.29
N ASP A 411 -40.01 31.15 14.51
CA ASP A 411 -40.99 31.66 15.46
C ASP A 411 -40.45 32.79 16.32
N LEU A 412 -39.17 33.18 16.14
CA LEU A 412 -38.54 34.17 17.01
C LEU A 412 -38.84 35.60 16.55
N PRO A 413 -38.92 36.55 17.50
CA PRO A 413 -38.96 37.97 17.12
C PRO A 413 -37.73 38.35 16.32
N ALA A 414 -37.87 39.38 15.48
CA ALA A 414 -36.79 39.82 14.61
C ALA A 414 -35.50 40.08 15.37
N ALA A 415 -35.59 40.70 16.56
CA ALA A 415 -34.39 40.97 17.34
C ALA A 415 -33.67 39.68 17.73
N GLU A 416 -34.44 38.63 18.06
CA GLU A 416 -33.82 37.37 18.43
C GLU A 416 -33.35 36.58 17.21
N LYS A 417 -34.08 36.66 16.10
CA LYS A 417 -33.56 36.07 14.87
C LYS A 417 -32.15 36.56 14.59
N ALA A 418 -31.91 37.87 14.80
CA ALA A 418 -30.60 38.44 14.49
C ALA A 418 -29.50 37.84 15.35
N LYS A 419 -29.80 37.55 16.61
CA LYS A 419 -28.81 36.92 17.48
C LYS A 419 -28.63 35.44 17.17
N ARG A 420 -29.62 34.80 16.57
CA ARG A 420 -29.58 33.37 16.32
C ARG A 420 -29.05 33.01 14.92
N LEU A 421 -28.87 33.98 14.04
CA LEU A 421 -28.59 33.69 12.64
C LEU A 421 -27.12 33.35 12.48
N SER A 422 -26.83 32.09 12.17
CA SER A 422 -25.46 31.58 12.23
C SER A 422 -25.35 30.36 11.31
N VAL A 423 -24.11 29.97 11.02
CA VAL A 423 -23.79 28.68 10.39
C VAL A 423 -22.96 27.92 11.41
N GLU A 424 -23.49 26.83 11.95
CA GLU A 424 -22.83 26.10 13.02
CA GLU A 424 -22.86 26.09 13.03
C GLU A 424 -22.59 24.64 12.62
N VAL A 425 -21.72 23.97 13.36
CA VAL A 425 -21.53 22.54 13.24
C VAL A 425 -22.22 21.87 14.42
N LEU A 426 -22.52 20.56 14.28
CA LEU A 426 -23.01 19.76 15.39
C LEU A 426 -21.96 19.63 16.48
N PRO A 427 -22.38 19.45 17.74
CA PRO A 427 -21.42 19.31 18.85
C PRO A 427 -20.61 18.02 18.72
N LYS A 428 -19.36 18.07 19.21
CA LYS A 428 -18.47 16.91 19.10
C LYS A 428 -19.09 15.64 19.68
N LYS A 429 -19.85 15.75 20.77
CA LYS A 429 -20.45 14.57 21.41
C LYS A 429 -21.32 13.78 20.44
N LEU A 430 -22.09 14.47 19.57
CA LEU A 430 -22.94 13.77 18.59
C LEU A 430 -22.11 13.15 17.48
N ASP A 431 -21.11 13.89 17.00
CA ASP A 431 -20.12 13.37 16.04
C ASP A 431 -19.52 12.07 16.57
N GLU A 432 -19.12 12.05 17.84
CA GLU A 432 -18.59 10.82 18.43
C GLU A 432 -19.64 9.70 18.46
N GLU A 433 -20.89 10.03 18.75
CA GLU A 433 -21.92 9.01 18.85
C GLU A 433 -22.23 8.39 17.48
N VAL A 434 -22.22 9.20 16.42
CA VAL A 434 -22.31 8.66 15.06
C VAL A 434 -21.15 7.73 14.78
N ALA A 435 -19.93 8.18 15.10
CA ALA A 435 -18.74 7.37 14.87
C ALA A 435 -18.80 6.04 15.61
N LEU A 436 -19.30 6.05 16.84
CA LEU A 436 -19.35 4.80 17.59
C LEU A 436 -20.25 3.77 16.91
N GLU A 437 -21.43 4.19 16.44
CA GLU A 437 -22.29 3.24 15.73
C GLU A 437 -21.63 2.76 14.44
N MET A 438 -20.90 3.63 13.74
CA MET A 438 -20.15 3.17 12.56
C MET A 438 -19.13 2.11 12.92
N VAL A 439 -18.36 2.33 14.00
CA VAL A 439 -17.35 1.34 14.39
C VAL A 439 -18.01 0.02 14.75
N LYS A 440 -19.10 0.07 15.51
CA LYS A 440 -19.83 -1.17 15.82
C LYS A 440 -20.28 -1.89 14.54
N GLY A 441 -20.63 -1.14 13.49
CA GLY A 441 -21.03 -1.76 12.25
C GLY A 441 -19.94 -2.63 11.64
N PHE A 442 -18.68 -2.24 11.83
CA PHE A 442 -17.56 -3.06 11.39
C PHE A 442 -17.22 -4.19 12.35
N GLY A 443 -17.91 -4.29 13.48
CA GLY A 443 -17.49 -5.20 14.53
C GLY A 443 -16.36 -4.68 15.40
N GLY A 444 -15.97 -3.41 15.26
CA GLY A 444 -14.91 -2.86 16.08
C GLY A 444 -15.34 -2.74 17.53
N VAL A 445 -14.37 -2.83 18.45
CA VAL A 445 -14.64 -2.70 19.89
C VAL A 445 -13.86 -1.51 20.44
N VAL A 446 -14.58 -0.44 20.81
CA VAL A 446 -13.98 0.74 21.40
C VAL A 446 -13.72 0.48 22.89
N THR A 447 -12.51 0.81 23.34
CA THR A 447 -12.12 0.66 24.74
C THR A 447 -12.68 1.81 25.58
N GLN A 448 -13.06 1.49 26.83
CA GLN A 448 -13.55 2.49 27.76
C GLN A 448 -12.44 2.87 28.73
N LEU A 449 -12.23 4.17 28.90
CA LEU A 449 -11.24 4.68 29.83
C LEU A 449 -11.59 4.27 31.24
N THR A 450 -10.58 3.99 32.06
CA THR A 450 -10.81 3.93 33.50
C THR A 450 -11.01 5.34 34.03
N PRO A 451 -11.60 5.48 35.21
CA PRO A 451 -11.72 6.84 35.75
C PRO A 451 -10.36 7.51 35.93
N LYS A 452 -9.33 6.76 36.32
CA LYS A 452 -8.02 7.37 36.50
C LYS A 452 -7.43 7.82 35.16
N GLN A 453 -7.60 7.02 34.11
CA GLN A 453 -7.11 7.43 32.80
C GLN A 453 -7.85 8.66 32.30
N ALA A 454 -9.18 8.71 32.52
CA ALA A 454 -9.93 9.88 32.07
C ALA A 454 -9.48 11.13 32.80
N GLU A 455 -9.17 11.00 34.10
CA GLU A 455 -8.65 12.13 34.86
C GLU A 455 -7.25 12.51 34.38
N TYR A 456 -6.43 11.51 34.04
CA TYR A 456 -5.06 11.75 33.61
C TYR A 456 -5.02 12.59 32.34
N ILE A 457 -5.90 12.32 31.35
CA ILE A 457 -5.89 13.13 30.13
C ILE A 457 -6.97 14.22 30.13
N GLY A 458 -7.75 14.38 31.19
CA GLY A 458 -8.64 15.52 31.31
C GLY A 458 -9.92 15.43 30.50
N VAL A 459 -10.52 14.26 30.40
CA VAL A 459 -11.78 14.09 29.69
C VAL A 459 -12.74 13.35 30.61
N SER A 460 -14.02 13.42 30.27
CA SER A 460 -15.03 12.55 30.89
C SER A 460 -14.93 11.18 30.26
N VAL A 461 -15.20 10.15 31.06
CA VAL A 461 -15.14 8.78 30.54
C VAL A 461 -16.05 8.60 29.34
N GLU A 462 -17.14 9.37 29.25
CA GLU A 462 -18.06 9.19 28.15
C GLU A 462 -17.76 10.12 26.96
N GLY A 463 -16.69 10.91 27.04
CA GLY A 463 -16.41 11.91 26.03
C GLY A 463 -17.09 13.24 26.33
N PRO A 464 -16.84 14.26 25.49
CA PRO A 464 -15.99 14.18 24.29
C PRO A 464 -14.52 13.96 24.63
N PHE A 465 -13.77 13.37 23.70
CA PHE A 465 -12.43 12.92 23.99
C PHE A 465 -11.37 13.88 23.49
N LYS A 466 -11.75 14.87 22.68
CA LYS A 466 -10.81 15.80 22.07
C LYS A 466 -11.31 17.23 22.24
N PRO A 467 -10.40 18.20 22.31
CA PRO A 467 -10.81 19.59 22.27
C PRO A 467 -11.36 19.93 20.89
N ASP A 468 -12.13 21.00 20.81
CA ASP A 468 -12.73 21.37 19.53
C ASP A 468 -11.69 21.79 18.50
N THR A 469 -10.47 22.13 18.93
CA THR A 469 -9.37 22.45 18.03
C THR A 469 -8.84 21.23 17.28
N TYR A 470 -9.17 20.01 17.71
CA TYR A 470 -8.50 18.83 17.20
C TYR A 470 -8.85 18.54 15.74
N ARG A 471 -7.85 18.14 14.95
CA ARG A 471 -8.04 18.00 13.50
C ARG A 471 -8.17 16.56 13.03
N TYR A 472 -7.85 15.58 13.87
CA TYR A 472 -7.98 14.14 13.48
C TYR A 472 -7.08 13.84 12.28
N GLY B 12 -26.95 -11.10 -46.73
CA GLY B 12 -27.89 -12.02 -46.11
C GLY B 12 -27.22 -13.00 -45.16
N PHE B 13 -26.35 -12.48 -44.28
CA PHE B 13 -25.64 -13.30 -43.31
C PHE B 13 -26.55 -13.65 -42.14
N THR B 14 -26.75 -14.94 -41.88
CA THR B 14 -27.61 -15.40 -40.79
C THR B 14 -26.96 -16.43 -39.87
N ASP B 15 -25.68 -16.76 -40.08
CA ASP B 15 -24.99 -17.86 -39.40
C ASP B 15 -24.45 -17.40 -38.04
N TYR B 16 -25.36 -17.12 -37.12
CA TYR B 16 -24.98 -16.64 -35.79
C TYR B 16 -26.19 -16.71 -34.87
N LYS B 17 -25.96 -16.46 -33.57
CA LYS B 17 -27.06 -16.20 -32.66
C LYS B 17 -26.56 -15.37 -31.49
N VAL B 18 -27.12 -14.17 -31.35
CA VAL B 18 -26.73 -13.20 -30.33
C VAL B 18 -27.99 -12.66 -29.69
N ALA B 19 -27.82 -11.96 -28.57
CA ALA B 19 -28.96 -11.44 -27.83
C ALA B 19 -29.71 -10.39 -28.65
N ASP B 20 -28.98 -9.50 -29.33
CA ASP B 20 -29.62 -8.33 -29.96
C ASP B 20 -28.61 -7.76 -30.94
N ILE B 21 -28.83 -7.98 -32.24
CA ILE B 21 -27.90 -7.51 -33.26
C ILE B 21 -27.81 -5.98 -33.32
N THR B 22 -28.83 -5.24 -32.84
CA THR B 22 -28.79 -3.78 -32.92
C THR B 22 -27.77 -3.16 -31.97
N LEU B 23 -27.15 -3.94 -31.09
CA LEU B 23 -26.07 -3.44 -30.24
C LEU B 23 -24.73 -3.38 -30.97
N ALA B 24 -24.70 -3.72 -32.26
CA ALA B 24 -23.42 -3.87 -32.95
C ALA B 24 -22.69 -2.54 -33.08
N ALA B 25 -23.41 -1.43 -33.32
CA ALA B 25 -22.76 -0.14 -33.46
C ALA B 25 -22.10 0.30 -32.15
N TRP B 26 -22.77 0.09 -31.03
CA TRP B 26 -22.15 0.27 -29.72
C TRP B 26 -20.95 -0.65 -29.56
N GLY B 27 -21.13 -1.95 -29.85
CA GLY B 27 -20.02 -2.87 -29.78
C GLY B 27 -18.82 -2.39 -30.59
N ARG B 28 -19.06 -1.89 -31.81
CA ARG B 28 -17.96 -1.42 -32.66
C ARG B 28 -17.26 -0.20 -32.05
N ARG B 29 -18.01 0.73 -31.48
CA ARG B 29 -17.38 1.87 -30.79
C ARG B 29 -16.42 1.36 -29.70
N GLU B 30 -16.86 0.39 -28.91
CA GLU B 30 -16.02 -0.11 -27.84
C GLU B 30 -14.85 -0.93 -28.37
N LEU B 31 -15.02 -1.61 -29.52
CA LEU B 31 -13.89 -2.28 -30.15
C LEU B 31 -12.83 -1.28 -30.60
N ILE B 32 -13.25 -0.17 -31.19
CA ILE B 32 -12.28 0.83 -31.67
C ILE B 32 -11.48 1.38 -30.50
N ILE B 33 -12.14 1.60 -29.36
CA ILE B 33 -11.41 2.04 -28.18
C ILE B 33 -10.46 0.95 -27.71
N ALA B 34 -10.95 -0.29 -27.67
CA ALA B 34 -10.12 -1.40 -27.18
C ALA B 34 -8.88 -1.59 -28.04
N GLU B 35 -8.99 -1.40 -29.36
CA GLU B 35 -7.81 -1.53 -30.20
C GLU B 35 -6.72 -0.58 -29.73
N SER B 36 -7.10 0.63 -29.30
CA SER B 36 -6.07 1.56 -28.85
C SER B 36 -5.46 1.13 -27.50
N GLU B 37 -6.09 0.21 -26.79
CA GLU B 37 -5.58 -0.30 -25.54
C GLU B 37 -4.85 -1.62 -25.69
N MET B 38 -4.67 -2.13 -26.92
CA MET B 38 -4.10 -3.46 -27.13
C MET B 38 -2.98 -3.38 -28.18
N PRO B 39 -1.87 -2.71 -27.83
CA PRO B 39 -0.77 -2.51 -28.80
C PRO B 39 -0.07 -3.79 -29.23
N ALA B 40 0.13 -4.76 -28.34
CA ALA B 40 0.79 -5.99 -28.75
C ALA B 40 -0.04 -6.72 -29.80
N LEU B 41 -1.33 -6.85 -29.53
CA LEU B 41 -2.23 -7.51 -30.46
C LEU B 41 -2.33 -6.73 -31.78
N MET B 42 -2.55 -5.43 -31.71
CA MET B 42 -2.64 -4.65 -32.94
C MET B 42 -1.31 -4.65 -33.69
N GLY B 43 -0.19 -4.72 -32.97
CA GLY B 43 1.09 -4.81 -33.63
C GLY B 43 1.23 -6.09 -34.43
N LEU B 44 0.65 -7.19 -33.93
CA LEU B 44 0.67 -8.45 -34.69
C LEU B 44 -0.11 -8.34 -35.98
N ARG B 45 -1.23 -7.60 -35.96
CA ARG B 45 -1.95 -7.35 -37.22
C ARG B 45 -1.03 -6.68 -38.23
N ARG B 46 -0.32 -5.64 -37.81
CA ARG B 46 0.55 -4.95 -38.76
C ARG B 46 1.72 -5.83 -39.18
N LYS B 47 2.30 -6.56 -38.23
CA LYS B 47 3.50 -7.33 -38.55
C LYS B 47 3.20 -8.48 -39.51
N TYR B 48 2.07 -9.18 -39.31
CA TYR B 48 1.80 -10.40 -40.08
C TYR B 48 0.78 -10.23 -41.20
N ALA B 49 0.10 -9.09 -41.31
CA ALA B 49 -1.00 -9.00 -42.27
C ALA B 49 -0.54 -9.27 -43.70
N GLY B 50 0.59 -8.69 -44.11
CA GLY B 50 1.09 -8.95 -45.45
C GLY B 50 1.37 -10.41 -45.71
N GLN B 51 1.74 -11.17 -44.70
CA GLN B 51 2.17 -12.55 -44.90
C GLN B 51 1.02 -13.56 -44.78
N GLN B 52 -0.11 -13.14 -44.20
CA GLN B 52 -1.29 -13.99 -44.06
C GLN B 52 -0.96 -15.38 -43.50
N PRO B 53 -0.31 -15.45 -42.34
CA PRO B 53 0.12 -16.76 -41.81
C PRO B 53 -1.02 -17.67 -41.39
N LEU B 54 -2.24 -17.16 -41.25
CA LEU B 54 -3.37 -18.00 -40.93
C LEU B 54 -4.27 -18.27 -42.14
N LYS B 55 -3.79 -17.97 -43.35
CA LYS B 55 -4.54 -18.29 -44.56
C LYS B 55 -4.86 -19.79 -44.58
N GLY B 56 -6.14 -20.12 -44.65
CA GLY B 56 -6.55 -21.50 -44.67
C GLY B 56 -6.74 -22.11 -43.30
N ALA B 57 -6.42 -21.38 -42.24
CA ALA B 57 -6.80 -21.82 -40.90
C ALA B 57 -8.30 -21.67 -40.71
N LYS B 58 -8.92 -22.70 -40.13
CA LYS B 58 -10.33 -22.69 -39.74
C LYS B 58 -10.38 -23.01 -38.25
N ILE B 59 -10.65 -22.00 -37.43
CA ILE B 59 -10.46 -22.11 -35.99
C ILE B 59 -11.81 -22.21 -35.31
N LEU B 60 -12.00 -23.26 -34.52
CA LEU B 60 -13.07 -23.28 -33.53
C LEU B 60 -12.60 -22.54 -32.28
N GLY B 61 -13.31 -21.47 -31.91
CA GLY B 61 -12.97 -20.68 -30.73
C GLY B 61 -14.03 -20.79 -29.64
N CYS B 62 -13.57 -21.04 -28.41
CA CYS B 62 -14.47 -21.10 -27.26
C CYS B 62 -13.85 -20.30 -26.11
N ILE B 63 -14.25 -19.04 -25.99
CA ILE B 63 -13.73 -18.18 -24.93
C ILE B 63 -14.69 -17.00 -24.78
N HIS B 64 -14.91 -16.60 -23.51
CA HIS B 64 -15.71 -15.43 -23.12
C HIS B 64 -15.85 -14.37 -24.21
N MET B 65 -17.07 -14.14 -24.68
CA MET B 65 -17.31 -13.31 -25.85
C MET B 65 -17.41 -11.85 -25.42
N THR B 66 -16.26 -11.31 -24.99
CA THR B 66 -16.13 -9.94 -24.53
C THR B 66 -15.63 -9.05 -25.66
N ILE B 67 -15.56 -7.74 -25.38
CA ILE B 67 -14.92 -6.82 -26.33
C ILE B 67 -13.49 -7.25 -26.62
N GLN B 68 -12.76 -7.68 -25.61
CA GLN B 68 -11.35 -8.05 -25.79
C GLN B 68 -11.23 -9.27 -26.70
N THR B 69 -12.10 -10.26 -26.50
CA THR B 69 -12.15 -11.40 -27.41
C THR B 69 -12.53 -10.96 -28.82
N GLY B 70 -13.38 -9.92 -28.93
CA GLY B 70 -13.64 -9.33 -30.24
C GLY B 70 -12.37 -8.92 -30.98
N VAL B 71 -11.45 -8.25 -30.28
CA VAL B 71 -10.21 -7.81 -30.95
C VAL B 71 -9.33 -9.01 -31.30
N LEU B 72 -9.31 -10.03 -30.42
CA LEU B 72 -8.64 -11.29 -30.75
C LEU B 72 -9.20 -11.90 -32.03
N ILE B 73 -10.52 -12.09 -32.08
CA ILE B 73 -11.17 -12.72 -33.23
C ILE B 73 -10.79 -11.97 -34.52
N GLU B 74 -10.96 -10.65 -34.51
CA GLU B 74 -10.71 -9.90 -35.73
C GLU B 74 -9.23 -9.86 -36.09
N THR B 75 -8.34 -10.07 -35.12
CA THR B 75 -6.92 -10.22 -35.46
C THR B 75 -6.69 -11.54 -36.20
N LEU B 76 -7.25 -12.64 -35.68
CA LEU B 76 -7.11 -13.93 -36.37
C LEU B 76 -7.64 -13.83 -37.80
N VAL B 77 -8.78 -13.18 -37.99
CA VAL B 77 -9.36 -13.01 -39.32
C VAL B 77 -8.48 -12.10 -40.18
N ALA B 78 -7.97 -11.00 -39.60
CA ALA B 78 -7.11 -10.11 -40.39
C ALA B 78 -5.86 -10.83 -40.91
N LEU B 79 -5.43 -11.90 -40.22
CA LEU B 79 -4.25 -12.65 -40.59
C LEU B 79 -4.56 -13.87 -41.45
N GLY B 80 -5.84 -14.07 -41.81
CA GLY B 80 -6.24 -15.03 -42.81
C GLY B 80 -7.17 -16.13 -42.35
N ALA B 81 -7.49 -16.22 -41.05
CA ALA B 81 -8.29 -17.33 -40.53
C ALA B 81 -9.77 -17.12 -40.81
N GLU B 82 -10.50 -18.22 -40.93
CA GLU B 82 -11.93 -18.25 -40.69
C GLU B 82 -12.14 -18.83 -39.30
N VAL B 83 -13.20 -18.40 -38.62
CA VAL B 83 -13.48 -18.85 -37.26
C VAL B 83 -14.97 -19.08 -37.12
N ARG B 84 -15.33 -19.88 -36.11
CA ARG B 84 -16.70 -20.04 -35.61
C ARG B 84 -16.58 -20.03 -34.09
N TRP B 85 -17.34 -19.16 -33.43
CA TRP B 85 -17.02 -18.77 -32.07
C TRP B 85 -18.17 -19.00 -31.10
N SER B 86 -17.82 -19.32 -29.85
CA SER B 86 -18.77 -19.39 -28.73
C SER B 86 -18.07 -18.96 -27.45
N SER B 87 -18.87 -18.62 -26.44
CA SER B 87 -18.28 -18.25 -25.16
C SER B 87 -18.06 -19.50 -24.32
N CYS B 88 -17.10 -19.43 -23.39
CA CYS B 88 -16.87 -20.54 -22.48
C CYS B 88 -17.52 -20.35 -21.12
N ASN B 89 -18.40 -19.35 -20.96
CA ASN B 89 -19.18 -19.22 -19.74
C ASN B 89 -20.56 -18.67 -20.08
N ILE B 90 -21.58 -19.13 -19.34
CA ILE B 90 -22.96 -18.70 -19.63
C ILE B 90 -23.21 -17.21 -19.32
N PHE B 91 -22.41 -16.58 -18.44
CA PHE B 91 -22.61 -15.17 -18.04
C PHE B 91 -21.50 -14.21 -18.51
N SER B 92 -20.50 -14.69 -19.26
CA SER B 92 -19.34 -13.81 -19.52
C SER B 92 -19.45 -12.98 -20.80
N THR B 93 -20.37 -13.32 -21.72
CA THR B 93 -20.51 -12.57 -22.96
C THR B 93 -20.95 -11.14 -22.68
N GLN B 94 -20.38 -10.20 -23.42
CA GLN B 94 -20.91 -8.84 -23.49
C GLN B 94 -21.69 -8.76 -24.79
N ASP B 95 -23.00 -8.52 -24.68
CA ASP B 95 -23.86 -8.67 -25.84
C ASP B 95 -23.50 -7.72 -26.97
N GLN B 96 -23.01 -6.53 -26.65
CA GLN B 96 -22.58 -5.62 -27.71
C GLN B 96 -21.34 -6.17 -28.44
N ALA B 97 -20.47 -6.88 -27.74
CA ALA B 97 -19.33 -7.48 -28.45
C ALA B 97 -19.79 -8.58 -29.39
N ALA B 98 -20.65 -9.47 -28.91
CA ALA B 98 -21.16 -10.53 -29.76
C ALA B 98 -21.88 -9.95 -30.97
N ALA B 99 -22.65 -8.87 -30.78
CA ALA B 99 -23.38 -8.25 -31.88
C ALA B 99 -22.43 -7.68 -32.93
N ALA B 100 -21.37 -6.97 -32.49
CA ALA B 100 -20.44 -6.39 -33.44
C ALA B 100 -19.74 -7.48 -34.25
N ILE B 101 -19.44 -8.61 -33.61
CA ILE B 101 -18.78 -9.70 -34.31
C ILE B 101 -19.71 -10.31 -35.36
N ALA B 102 -20.96 -10.59 -34.97
CA ALA B 102 -21.93 -11.11 -35.93
C ALA B 102 -22.14 -10.14 -37.09
N ALA B 103 -22.20 -8.85 -36.79
CA ALA B 103 -22.50 -7.87 -37.83
C ALA B 103 -21.35 -7.74 -38.81
N ALA B 104 -20.16 -8.19 -38.43
CA ALA B 104 -19.01 -8.25 -39.32
C ALA B 104 -18.98 -9.53 -40.16
N GLY B 105 -20.03 -10.36 -40.09
CA GLY B 105 -20.11 -11.56 -40.88
C GLY B 105 -19.42 -12.78 -40.30
N ILE B 106 -19.22 -12.82 -38.99
CA ILE B 106 -18.43 -13.86 -38.35
C ILE B 106 -19.38 -14.75 -37.55
N PRO B 107 -19.36 -16.06 -37.74
CA PRO B 107 -20.25 -16.94 -36.96
C PRO B 107 -19.95 -16.88 -35.47
N VAL B 108 -20.92 -16.41 -34.70
CA VAL B 108 -20.78 -16.33 -33.25
C VAL B 108 -22.11 -16.71 -32.60
N PHE B 109 -22.02 -17.51 -31.54
CA PHE B 109 -23.18 -18.07 -30.83
C PHE B 109 -22.92 -17.83 -29.35
N ALA B 110 -23.42 -16.71 -28.82
CA ALA B 110 -23.11 -16.33 -27.45
C ALA B 110 -24.01 -15.19 -27.01
N TRP B 111 -24.47 -15.24 -25.77
CA TRP B 111 -25.20 -14.14 -25.15
C TRP B 111 -25.02 -14.24 -23.65
N LYS B 112 -25.16 -13.11 -22.96
CA LYS B 112 -25.09 -13.11 -21.51
C LYS B 112 -26.37 -13.72 -20.94
N GLY B 113 -26.22 -14.64 -19.98
CA GLY B 113 -27.37 -15.31 -19.40
C GLY B 113 -27.87 -16.54 -20.11
N GLU B 114 -27.00 -17.32 -20.75
CA GLU B 114 -27.40 -18.59 -21.32
C GLU B 114 -27.83 -19.57 -20.23
N THR B 115 -28.73 -20.48 -20.59
CA THR B 115 -28.93 -21.69 -19.79
C THR B 115 -27.82 -22.69 -20.11
N GLU B 116 -27.73 -23.75 -19.30
CA GLU B 116 -26.72 -24.78 -19.59
C GLU B 116 -26.97 -25.42 -20.94
N GLU B 117 -28.24 -25.65 -21.28
CA GLU B 117 -28.58 -26.27 -22.56
C GLU B 117 -28.17 -25.38 -23.72
N GLU B 118 -28.48 -24.07 -23.62
CA GLU B 118 -28.04 -23.09 -24.61
C GLU B 118 -26.52 -23.03 -24.71
N TYR B 119 -25.81 -23.12 -23.57
CA TYR B 119 -24.36 -23.12 -23.62
C TYR B 119 -23.82 -24.25 -24.51
N GLU B 120 -24.35 -25.46 -24.32
CA GLU B 120 -23.89 -26.61 -25.09
C GLU B 120 -24.27 -26.47 -26.55
N TRP B 121 -25.50 -26.03 -26.81
CA TRP B 121 -25.94 -25.78 -28.18
C TRP B 121 -25.02 -24.79 -28.89
N CYS B 122 -24.58 -23.75 -28.17
CA CYS B 122 -23.73 -22.73 -28.79
C CYS B 122 -22.40 -23.33 -29.24
N ILE B 123 -21.79 -24.16 -28.40
CA ILE B 123 -20.55 -24.81 -28.84
C ILE B 123 -20.82 -25.64 -30.08
N GLU B 124 -21.94 -26.36 -30.09
CA GLU B 124 -22.26 -27.24 -31.20
C GLU B 124 -22.46 -26.49 -32.51
N GLN B 125 -23.01 -25.28 -32.44
CA GLN B 125 -23.19 -24.48 -33.64
C GLN B 125 -21.85 -24.05 -34.23
N THR B 126 -20.80 -23.93 -33.41
CA THR B 126 -19.48 -23.69 -33.98
C THR B 126 -18.94 -24.95 -34.64
N ILE B 127 -19.20 -26.12 -34.04
CA ILE B 127 -18.65 -27.38 -34.53
C ILE B 127 -19.33 -27.81 -35.83
N LEU B 128 -20.65 -27.62 -35.92
CA LEU B 128 -21.42 -27.97 -37.09
C LEU B 128 -21.65 -26.76 -37.97
N LYS B 129 -21.47 -26.92 -39.28
CA LYS B 129 -21.89 -25.91 -40.25
C LYS B 129 -22.87 -26.58 -41.20
N ASP B 130 -24.11 -26.07 -41.22
CA ASP B 130 -25.18 -26.62 -42.05
C ASP B 130 -25.45 -28.09 -41.71
N GLY B 131 -25.42 -28.42 -40.42
CA GLY B 131 -25.76 -29.75 -39.97
C GLY B 131 -24.66 -30.77 -40.05
N GLN B 132 -23.46 -30.40 -40.50
CA GLN B 132 -22.36 -31.33 -40.69
C GLN B 132 -21.11 -30.79 -40.02
N PRO B 133 -20.17 -31.64 -39.65
CA PRO B 133 -18.94 -31.14 -39.02
C PRO B 133 -18.25 -30.15 -39.95
N TRP B 134 -17.95 -28.98 -39.42
CA TRP B 134 -17.14 -28.02 -40.16
C TRP B 134 -15.75 -28.61 -40.39
N ASP B 135 -15.10 -28.18 -41.48
CA ASP B 135 -13.74 -28.63 -41.76
C ASP B 135 -12.72 -27.80 -40.98
N ALA B 136 -12.89 -27.82 -39.65
CA ALA B 136 -12.01 -27.10 -38.75
C ALA B 136 -10.62 -27.72 -38.74
N ASN B 137 -9.59 -26.88 -38.56
CA ASN B 137 -8.24 -27.40 -38.44
C ASN B 137 -7.45 -26.77 -37.30
N MET B 138 -8.07 -25.94 -36.46
CA MET B 138 -7.44 -25.37 -35.29
C MET B 138 -8.49 -25.20 -34.21
N VAL B 139 -8.04 -25.20 -32.94
CA VAL B 139 -8.90 -25.01 -31.79
C VAL B 139 -8.27 -23.97 -30.87
N LEU B 140 -9.08 -23.00 -30.43
CA LEU B 140 -8.70 -22.04 -29.39
C LEU B 140 -9.72 -22.19 -28.26
N ASP B 141 -9.24 -22.51 -27.06
CA ASP B 141 -10.15 -22.91 -25.99
C ASP B 141 -9.73 -22.22 -24.69
N ASP B 142 -10.70 -22.10 -23.79
CA ASP B 142 -10.49 -21.47 -22.49
C ASP B 142 -11.30 -22.32 -21.51
N GLY B 143 -10.62 -23.26 -20.86
CA GLY B 143 -11.24 -24.13 -19.87
C GLY B 143 -11.38 -25.57 -20.31
N GLY B 144 -11.19 -25.86 -21.61
CA GLY B 144 -11.19 -27.23 -22.11
C GLY B 144 -12.55 -27.83 -22.49
N ASP B 145 -13.65 -27.05 -22.41
CA ASP B 145 -14.96 -27.64 -22.71
C ASP B 145 -15.11 -28.01 -24.18
N LEU B 146 -14.75 -27.08 -25.08
CA LEU B 146 -14.75 -27.40 -26.51
C LEU B 146 -13.79 -28.56 -26.80
N THR B 147 -12.61 -28.56 -26.16
CA THR B 147 -11.62 -29.60 -26.38
C THR B 147 -12.16 -30.96 -25.98
N GLU B 148 -12.86 -31.01 -24.83
CA GLU B 148 -13.46 -32.24 -24.35
C GLU B 148 -14.56 -32.72 -25.30
N ILE B 149 -15.44 -31.82 -25.73
CA ILE B 149 -16.53 -32.20 -26.61
C ILE B 149 -15.98 -32.78 -27.92
N LEU B 150 -14.92 -32.18 -28.46
CA LEU B 150 -14.34 -32.74 -29.69
C LEU B 150 -13.75 -34.12 -29.46
N HIS B 151 -12.99 -34.29 -28.37
CA HIS B 151 -12.39 -35.59 -28.10
C HIS B 151 -13.46 -36.67 -27.87
N LYS B 152 -14.54 -36.31 -27.18
CA LYS B 152 -15.52 -37.28 -26.77
C LYS B 152 -16.59 -37.53 -27.84
N LYS B 153 -17.05 -36.46 -28.49
CA LYS B 153 -18.24 -36.53 -29.33
C LYS B 153 -17.93 -36.47 -30.81
N TYR B 154 -16.85 -35.81 -31.21
CA TYR B 154 -16.48 -35.69 -32.62
C TYR B 154 -15.01 -36.07 -32.83
N PRO B 155 -14.58 -37.25 -32.34
CA PRO B 155 -13.16 -37.60 -32.47
C PRO B 155 -12.63 -37.55 -33.91
N GLN B 156 -13.47 -37.83 -34.90
CA GLN B 156 -13.01 -37.80 -36.28
C GLN B 156 -12.55 -36.41 -36.71
N MET B 157 -13.14 -35.37 -36.14
CA MET B 157 -12.73 -34.03 -36.54
C MET B 157 -11.27 -33.76 -36.14
N LEU B 158 -10.78 -34.43 -35.10
CA LEU B 158 -9.42 -34.17 -34.64
C LEU B 158 -8.36 -34.73 -35.59
N GLU B 159 -8.75 -35.61 -36.50
CA GLU B 159 -7.82 -36.07 -37.52
C GLU B 159 -7.44 -34.97 -38.50
N ARG B 160 -8.17 -33.85 -38.52
CA ARG B 160 -7.86 -32.73 -39.39
C ARG B 160 -7.27 -31.54 -38.65
N ILE B 161 -7.16 -31.60 -37.31
CA ILE B 161 -6.84 -30.43 -36.50
C ILE B 161 -5.35 -30.44 -36.18
N HIS B 162 -4.69 -29.30 -36.44
CA HIS B 162 -3.24 -29.21 -36.26
C HIS B 162 -2.84 -28.93 -34.82
N GLY B 163 -3.75 -28.44 -33.97
CA GLY B 163 -3.41 -28.18 -32.59
C GLY B 163 -4.49 -27.39 -31.88
N ILE B 164 -4.28 -27.27 -30.56
CA ILE B 164 -5.14 -26.54 -29.62
C ILE B 164 -4.29 -25.50 -28.92
N THR B 165 -4.83 -24.28 -28.73
CA THR B 165 -4.17 -23.27 -27.92
C THR B 165 -5.11 -22.97 -26.74
N GLU B 166 -4.68 -23.34 -25.53
CA GLU B 166 -5.54 -23.33 -24.35
C GLU B 166 -5.18 -22.16 -23.44
N GLU B 167 -6.20 -21.41 -23.03
CA GLU B 167 -6.03 -20.13 -22.37
C GLU B 167 -5.73 -20.25 -20.88
N THR B 168 -6.32 -21.22 -20.17
CA THR B 168 -6.37 -21.04 -18.72
C THR B 168 -5.93 -22.30 -17.96
N THR B 169 -5.55 -22.08 -16.70
CA THR B 169 -4.96 -23.12 -15.86
C THR B 169 -5.82 -24.37 -15.82
N THR B 170 -7.13 -24.19 -15.61
CA THR B 170 -8.01 -25.35 -15.55
C THR B 170 -7.97 -26.14 -16.86
N GLY B 171 -8.03 -25.44 -17.99
CA GLY B 171 -7.94 -26.13 -19.28
C GLY B 171 -6.62 -26.83 -19.48
N VAL B 172 -5.51 -26.21 -19.04
CA VAL B 172 -4.21 -26.87 -19.16
C VAL B 172 -4.18 -28.18 -18.37
N HIS B 173 -4.69 -28.16 -17.12
CA HIS B 173 -4.76 -29.40 -16.35
C HIS B 173 -5.47 -30.51 -17.12
N ARG B 174 -6.60 -30.19 -17.75
CA ARG B 174 -7.32 -31.23 -18.47
C ARG B 174 -6.50 -31.75 -19.67
N LEU B 175 -5.77 -30.86 -20.35
CA LEU B 175 -4.89 -31.33 -21.43
C LEU B 175 -3.82 -32.27 -20.91
N LEU B 176 -3.21 -31.92 -19.77
CA LEU B 176 -2.14 -32.72 -19.20
C LEU B 176 -2.64 -34.06 -18.72
N ASP B 177 -3.88 -34.10 -18.24
CA ASP B 177 -4.50 -35.38 -17.92
C ASP B 177 -4.58 -36.26 -19.15
N MET B 178 -5.01 -35.69 -20.27
CA MET B 178 -5.15 -36.51 -21.47
C MET B 178 -3.78 -36.96 -21.98
N LEU B 179 -2.81 -36.06 -21.97
CA LEU B 179 -1.46 -36.41 -22.38
C LEU B 179 -0.91 -37.57 -21.55
N LYS B 180 -1.12 -37.50 -20.24
CA LYS B 180 -0.69 -38.56 -19.33
C LYS B 180 -1.37 -39.87 -19.65
N ASN B 181 -2.67 -39.83 -20.00
CA ASN B 181 -3.44 -41.04 -20.28
C ASN B 181 -3.29 -41.52 -21.72
N GLY B 182 -2.60 -40.75 -22.55
CA GLY B 182 -2.46 -41.07 -23.96
C GLY B 182 -3.74 -40.96 -24.76
N THR B 183 -4.63 -40.03 -24.39
CA THR B 183 -5.91 -39.80 -25.05
C THR B 183 -5.98 -38.43 -25.73
N LEU B 184 -4.93 -37.62 -25.63
CA LEU B 184 -4.85 -36.36 -26.33
C LEU B 184 -4.52 -36.62 -27.80
N LYS B 185 -5.35 -36.11 -28.72
CA LYS B 185 -5.18 -36.47 -30.13
C LYS B 185 -4.34 -35.46 -30.92
N VAL B 186 -4.21 -34.22 -30.47
CA VAL B 186 -3.46 -33.19 -31.19
C VAL B 186 -2.59 -32.42 -30.21
N PRO B 187 -1.50 -31.81 -30.68
CA PRO B 187 -0.63 -31.07 -29.77
C PRO B 187 -1.31 -29.79 -29.32
N ALA B 188 -0.85 -29.27 -28.18
CA ALA B 188 -1.43 -28.07 -27.58
C ALA B 188 -0.33 -27.08 -27.21
N ILE B 189 -0.67 -25.80 -27.24
CA ILE B 189 0.12 -24.79 -26.57
C ILE B 189 -0.59 -24.38 -25.29
N ASN B 190 0.15 -24.46 -24.19
CA ASN B 190 -0.26 -23.93 -22.89
C ASN B 190 0.00 -22.44 -22.95
N VAL B 191 -1.02 -21.68 -23.36
CA VAL B 191 -0.92 -20.21 -23.41
C VAL B 191 -0.88 -19.62 -22.00
N ASN B 192 -1.52 -20.31 -21.05
CA ASN B 192 -1.60 -19.79 -19.69
C ASN B 192 -0.24 -19.46 -19.12
N ASP B 193 0.76 -20.32 -19.37
CA ASP B 193 2.02 -20.23 -18.67
C ASP B 193 3.05 -19.32 -19.36
N SER B 194 2.67 -18.59 -20.41
CA SER B 194 3.48 -17.42 -20.75
C SER B 194 3.46 -16.47 -19.56
N VAL B 195 4.62 -15.84 -19.27
CA VAL B 195 4.63 -14.87 -18.17
C VAL B 195 3.71 -13.70 -18.50
N THR B 196 3.72 -13.27 -19.77
CA THR B 196 2.82 -12.18 -20.17
C THR B 196 1.37 -12.61 -20.21
N LYS B 197 1.06 -13.84 -19.79
CA LYS B 197 -0.30 -14.28 -19.55
C LYS B 197 -0.50 -14.54 -18.07
N SER B 198 0.04 -15.64 -17.55
CA SER B 198 -0.18 -16.07 -16.16
C SER B 198 0.10 -14.95 -15.14
N LYS B 199 1.24 -14.26 -15.27
CA LYS B 199 1.62 -13.23 -14.31
CA LYS B 199 1.60 -13.23 -14.30
C LYS B 199 1.10 -11.85 -14.70
N ASN B 200 0.13 -11.78 -15.59
CA ASN B 200 -0.41 -10.54 -16.08
C ASN B 200 -1.93 -10.63 -15.99
N ASP B 201 -2.49 -11.54 -16.78
CA ASP B 201 -3.92 -11.85 -16.77
C ASP B 201 -4.36 -12.46 -15.43
N ASN B 202 -3.80 -13.62 -15.05
CA ASN B 202 -4.31 -14.32 -13.87
C ASN B 202 -4.17 -13.47 -12.61
N LYS B 203 -3.07 -12.74 -12.48
CA LYS B 203 -2.84 -11.97 -11.25
C LYS B 203 -3.36 -10.54 -11.36
N TYR B 204 -2.73 -9.73 -12.23
CA TYR B 204 -3.13 -8.33 -12.32
C TYR B 204 -4.55 -8.15 -12.85
N GLY B 205 -5.00 -9.07 -13.73
CA GLY B 205 -6.37 -8.95 -14.23
C GLY B 205 -7.40 -9.09 -13.12
N CYS B 206 -7.21 -10.09 -12.26
CA CYS B 206 -8.14 -10.24 -11.15
C CYS B 206 -7.99 -9.11 -10.13
N ARG B 207 -6.79 -8.52 -10.02
CA ARG B 207 -6.63 -7.35 -9.16
C ARG B 207 -7.53 -6.22 -9.61
N HIS B 208 -7.59 -5.97 -10.91
CA HIS B 208 -8.46 -4.96 -11.50
C HIS B 208 -9.92 -5.34 -11.33
N SER B 209 -10.28 -6.59 -11.64
CA SER B 209 -11.68 -6.86 -11.93
C SER B 209 -12.44 -7.53 -10.79
N LEU B 210 -11.79 -8.02 -9.73
CA LEU B 210 -12.54 -8.63 -8.63
C LEU B 210 -13.32 -7.56 -7.84
N ASN B 211 -12.62 -6.54 -7.32
CA ASN B 211 -13.35 -5.52 -6.59
CA ASN B 211 -13.32 -5.49 -6.60
C ASN B 211 -14.30 -4.76 -7.51
N ASP B 212 -13.99 -4.69 -8.80
CA ASP B 212 -14.90 -4.10 -9.78
C ASP B 212 -16.24 -4.84 -9.78
N ALA B 213 -16.19 -6.18 -9.88
CA ALA B 213 -17.42 -6.97 -9.94
C ALA B 213 -18.19 -6.89 -8.63
N ILE B 214 -17.51 -6.93 -7.50
CA ILE B 214 -18.18 -6.86 -6.20
C ILE B 214 -18.88 -5.50 -6.04
N LYS B 215 -18.22 -4.42 -6.45
CA LYS B 215 -18.86 -3.10 -6.39
C LYS B 215 -20.08 -3.04 -7.29
N ARG B 216 -19.96 -3.53 -8.52
CA ARG B 216 -21.11 -3.43 -9.42
C ARG B 216 -22.28 -4.25 -8.90
N GLY B 217 -21.99 -5.43 -8.34
CA GLY B 217 -23.04 -6.31 -7.86
C GLY B 217 -23.71 -5.84 -6.58
N THR B 218 -22.94 -5.32 -5.63
CA THR B 218 -23.47 -5.01 -4.31
C THR B 218 -23.34 -3.56 -3.91
N ASP B 219 -22.42 -2.81 -4.53
CA ASP B 219 -22.04 -1.47 -4.07
C ASP B 219 -21.69 -1.45 -2.58
N HIS B 220 -21.17 -2.56 -2.04
CA HIS B 220 -20.74 -2.59 -0.65
C HIS B 220 -19.42 -1.86 -0.48
N LEU B 221 -19.33 -1.02 0.55
CA LEU B 221 -18.02 -0.63 1.08
C LEU B 221 -17.22 -1.90 1.41
N LEU B 222 -15.97 -1.94 0.96
CA LEU B 222 -15.08 -3.03 1.31
C LEU B 222 -14.10 -2.63 2.40
N SER B 223 -13.71 -1.35 2.47
CA SER B 223 -12.75 -0.90 3.46
C SER B 223 -13.22 -1.26 4.86
N GLY B 224 -12.30 -1.79 5.69
CA GLY B 224 -12.61 -2.08 7.09
C GLY B 224 -13.26 -3.44 7.32
N LYS B 225 -13.68 -4.13 6.28
CA LYS B 225 -14.42 -5.38 6.41
C LYS B 225 -13.48 -6.57 6.25
N GLN B 226 -13.97 -7.76 6.66
CA GLN B 226 -13.18 -8.98 6.74
CA GLN B 226 -13.16 -8.98 6.73
C GLN B 226 -13.43 -9.86 5.52
N ALA B 227 -12.35 -10.25 4.82
CA ALA B 227 -12.45 -11.14 3.66
C ALA B 227 -11.64 -12.42 3.90
N LEU B 228 -12.13 -13.52 3.34
CA LEU B 228 -11.39 -14.79 3.32
C LEU B 228 -11.20 -15.18 1.86
N VAL B 229 -9.95 -15.24 1.42
CA VAL B 229 -9.64 -15.66 0.05
C VAL B 229 -9.18 -17.11 0.12
N ILE B 230 -9.85 -18.00 -0.61
CA ILE B 230 -9.46 -19.40 -0.64
C ILE B 230 -8.53 -19.60 -1.84
N GLY B 231 -7.25 -19.84 -1.57
CA GLY B 231 -6.25 -20.01 -2.61
C GLY B 231 -5.34 -18.79 -2.73
N TYR B 232 -4.08 -19.04 -3.11
CA TYR B 232 -3.08 -18.00 -3.25
C TYR B 232 -2.08 -18.38 -4.36
N GLY B 233 -2.60 -18.96 -5.46
CA GLY B 233 -1.86 -19.04 -6.71
C GLY B 233 -1.95 -17.69 -7.39
N ASP B 234 -1.86 -17.67 -8.71
CA ASP B 234 -1.87 -16.37 -9.39
C ASP B 234 -3.18 -15.63 -9.19
N VAL B 235 -4.31 -16.33 -9.32
CA VAL B 235 -5.60 -15.65 -9.17
C VAL B 235 -5.82 -15.25 -7.71
N GLY B 236 -5.45 -16.12 -6.77
CA GLY B 236 -5.59 -15.76 -5.36
C GLY B 236 -4.71 -14.60 -4.96
N LYS B 237 -3.50 -14.52 -5.55
CA LYS B 237 -2.63 -13.37 -5.29
C LYS B 237 -3.27 -12.08 -5.77
N GLY B 238 -3.76 -12.09 -7.02
CA GLY B 238 -4.39 -10.91 -7.58
C GLY B 238 -5.68 -10.53 -6.86
N SER B 239 -6.48 -11.54 -6.51
CA SER B 239 -7.73 -11.32 -5.77
C SER B 239 -7.47 -10.74 -4.39
N SER B 240 -6.48 -11.28 -3.69
CA SER B 240 -6.16 -10.76 -2.35
C SER B 240 -5.74 -9.30 -2.43
N GLN B 241 -4.95 -8.96 -3.45
CA GLN B 241 -4.53 -7.57 -3.60
C GLN B 241 -5.72 -6.68 -3.97
N SER B 242 -6.63 -7.19 -4.80
CA SER B 242 -7.83 -6.43 -5.18
C SER B 242 -8.59 -5.97 -3.94
N LEU B 243 -8.68 -6.84 -2.94
CA LEU B 243 -9.42 -6.52 -1.72
C LEU B 243 -8.56 -5.73 -0.74
N ARG B 244 -7.29 -6.11 -0.58
CA ARG B 244 -6.43 -5.41 0.39
C ARG B 244 -6.23 -3.94 0.00
N GLN B 245 -6.10 -3.66 -1.30
CA GLN B 245 -5.87 -2.27 -1.70
C GLN B 245 -7.11 -1.41 -1.47
N GLU B 246 -8.29 -2.04 -1.36
CA GLU B 246 -9.50 -1.34 -0.97
C GLU B 246 -9.62 -1.17 0.53
N GLY B 247 -8.71 -1.73 1.32
CA GLY B 247 -8.74 -1.62 2.78
C GLY B 247 -9.45 -2.77 3.47
N MET B 248 -9.74 -3.87 2.78
CA MET B 248 -10.24 -5.03 3.50
C MET B 248 -9.13 -5.63 4.37
N ILE B 249 -9.54 -6.23 5.48
CA ILE B 249 -8.66 -7.10 6.26
C ILE B 249 -8.80 -8.49 5.67
N VAL B 250 -7.76 -8.94 4.97
CA VAL B 250 -7.84 -10.16 4.16
C VAL B 250 -7.12 -11.29 4.87
N LYS B 251 -7.80 -12.43 4.98
CA LYS B 251 -7.15 -13.66 5.39
C LYS B 251 -7.13 -14.62 4.21
N VAL B 252 -6.15 -15.54 4.21
CA VAL B 252 -5.89 -16.37 3.05
C VAL B 252 -5.82 -17.82 3.48
N ALA B 253 -6.48 -18.71 2.73
CA ALA B 253 -6.36 -20.15 2.99
C ALA B 253 -5.59 -20.79 1.84
N GLU B 254 -4.81 -21.81 2.16
CA GLU B 254 -4.02 -22.50 1.13
C GLU B 254 -3.76 -23.93 1.56
N VAL B 255 -3.63 -24.81 0.57
CA VAL B 255 -3.13 -26.16 0.80
C VAL B 255 -1.65 -26.26 0.46
N ASP B 256 -1.11 -25.28 -0.27
CA ASP B 256 0.27 -25.32 -0.70
C ASP B 256 1.08 -24.45 0.25
N PRO B 257 1.99 -25.04 1.04
CA PRO B 257 2.74 -24.24 2.02
C PRO B 257 3.64 -23.17 1.40
N ILE B 258 4.14 -23.38 0.18
CA ILE B 258 4.95 -22.35 -0.47
C ILE B 258 4.08 -21.15 -0.81
N CYS B 259 2.90 -21.38 -1.38
CA CYS B 259 1.99 -20.25 -1.60
C CYS B 259 1.55 -19.58 -0.30
N ALA B 260 1.35 -20.38 0.75
CA ALA B 260 0.98 -19.82 2.06
C ALA B 260 2.11 -18.97 2.62
N MET B 261 3.35 -19.41 2.40
N MET B 261 3.35 -19.41 2.40
CA MET B 261 4.49 -18.61 2.83
CA MET B 261 4.50 -18.62 2.82
C MET B 261 4.50 -17.26 2.15
C MET B 261 4.47 -17.26 2.16
N GLN B 262 4.17 -17.22 0.86
CA GLN B 262 4.12 -15.94 0.15
C GLN B 262 3.02 -15.04 0.72
N ALA B 263 1.86 -15.62 1.06
CA ALA B 263 0.81 -14.79 1.63
C ALA B 263 1.24 -14.19 2.95
N CYS B 264 1.92 -14.97 3.80
CA CYS B 264 2.43 -14.41 5.05
C CYS B 264 3.37 -13.25 4.78
N MET B 265 4.37 -13.47 3.92
CA MET B 265 5.33 -12.41 3.59
C MET B 265 4.65 -11.22 2.94
N ASP B 266 3.56 -11.44 2.22
CA ASP B 266 2.83 -10.35 1.59
C ASP B 266 1.94 -9.60 2.58
N GLY B 267 1.94 -10.01 3.84
CA GLY B 267 1.23 -9.28 4.88
C GLY B 267 -0.14 -9.79 5.17
N PHE B 268 -0.43 -11.07 4.86
CA PHE B 268 -1.73 -11.67 5.12
C PHE B 268 -1.63 -12.71 6.22
N GLU B 269 -2.67 -12.75 7.07
CA GLU B 269 -2.83 -13.84 8.01
C GLU B 269 -3.31 -15.10 7.27
N VAL B 270 -2.64 -16.23 7.48
CA VAL B 270 -3.00 -17.46 6.78
C VAL B 270 -3.80 -18.34 7.76
N VAL B 271 -5.02 -18.71 7.37
CA VAL B 271 -5.95 -19.45 8.23
C VAL B 271 -6.57 -20.59 7.43
N SER B 272 -7.11 -21.56 8.16
CA SER B 272 -7.89 -22.62 7.55
C SER B 272 -9.35 -22.48 7.96
N PRO B 273 -10.30 -22.77 7.06
CA PRO B 273 -11.69 -22.89 7.50
C PRO B 273 -11.88 -23.96 8.56
N TYR B 274 -10.93 -24.90 8.71
CA TYR B 274 -11.06 -26.08 9.53
C TYR B 274 -10.08 -26.09 10.69
N LYS B 275 -10.52 -26.65 11.82
CA LYS B 275 -9.63 -26.82 12.96
C LYS B 275 -8.50 -27.76 12.58
N ASN B 276 -7.27 -27.36 12.88
CA ASN B 276 -6.05 -28.08 12.54
C ASN B 276 -5.87 -28.24 11.03
N GLY B 277 -6.67 -27.53 10.23
CA GLY B 277 -6.66 -27.68 8.79
C GLY B 277 -7.26 -28.97 8.27
N ILE B 278 -8.00 -29.71 9.10
CA ILE B 278 -8.49 -31.06 8.72
C ILE B 278 -9.94 -30.95 8.32
N ASN B 279 -10.21 -31.24 7.05
CA ASN B 279 -11.54 -31.12 6.46
C ASN B 279 -12.22 -32.49 6.52
N ASP B 280 -12.78 -32.83 7.69
CA ASP B 280 -13.37 -34.15 7.88
C ASP B 280 -14.86 -34.19 7.51
N GLY B 281 -15.40 -33.09 6.98
CA GLY B 281 -16.77 -33.06 6.51
C GLY B 281 -17.82 -32.73 7.56
N THR B 282 -17.44 -32.54 8.82
CA THR B 282 -18.37 -32.26 9.91
C THR B 282 -18.46 -30.77 10.21
N GLU B 283 -19.54 -30.39 10.90
CA GLU B 283 -19.69 -29.01 11.36
C GLU B 283 -18.66 -28.69 12.43
N ALA B 284 -18.35 -29.67 13.29
CA ALA B 284 -17.37 -29.44 14.35
C ALA B 284 -15.99 -29.09 13.80
N SER B 285 -15.68 -29.51 12.59
CA SER B 285 -14.41 -29.11 12.00
C SER B 285 -14.34 -27.61 11.72
N ILE B 286 -15.48 -26.94 11.50
CA ILE B 286 -15.45 -25.54 11.08
C ILE B 286 -14.98 -24.66 12.23
N ASP B 287 -14.06 -23.75 11.93
CA ASP B 287 -13.70 -22.68 12.84
C ASP B 287 -14.85 -21.68 12.78
N ALA B 288 -15.81 -21.86 13.68
CA ALA B 288 -17.03 -21.04 13.66
C ALA B 288 -16.75 -19.58 14.00
N ALA B 289 -15.80 -19.34 14.93
CA ALA B 289 -15.43 -17.98 15.26
C ALA B 289 -14.89 -17.26 14.03
N LEU B 290 -14.02 -17.91 13.26
CA LEU B 290 -13.51 -17.31 12.04
C LEU B 290 -14.63 -17.07 11.04
N LEU B 291 -15.37 -18.12 10.67
CA LEU B 291 -16.36 -17.94 9.60
C LEU B 291 -17.41 -16.91 10.00
N GLY B 292 -17.68 -16.82 11.31
CA GLY B 292 -18.66 -15.91 11.86
C GLY B 292 -18.26 -14.44 11.80
N LYS B 293 -17.00 -14.14 11.45
CA LYS B 293 -16.53 -12.78 11.28
C LYS B 293 -16.32 -12.37 9.83
N ILE B 294 -16.48 -13.29 8.89
CA ILE B 294 -16.07 -13.03 7.51
C ILE B 294 -17.22 -12.33 6.77
N ASP B 295 -16.92 -11.19 6.14
CA ASP B 295 -17.91 -10.45 5.37
C ASP B 295 -17.93 -10.83 3.88
N LEU B 296 -16.90 -11.50 3.41
CA LEU B 296 -16.75 -11.76 1.99
C LEU B 296 -15.85 -12.96 1.87
N ILE B 297 -16.29 -13.96 1.10
CA ILE B 297 -15.44 -15.08 0.78
C ILE B 297 -15.34 -15.18 -0.75
N VAL B 298 -14.11 -15.40 -1.23
CA VAL B 298 -13.78 -15.49 -2.64
C VAL B 298 -12.96 -16.75 -2.88
N THR B 299 -13.37 -17.58 -3.84
CA THR B 299 -12.68 -18.83 -4.14
C THR B 299 -11.88 -18.64 -5.41
N THR B 300 -10.61 -19.08 -5.39
CA THR B 300 -9.68 -18.81 -6.49
C THR B 300 -8.88 -20.05 -6.91
N THR B 301 -9.37 -21.25 -6.66
CA THR B 301 -8.49 -22.41 -6.61
C THR B 301 -8.44 -23.25 -7.89
N GLY B 302 -9.51 -23.27 -8.68
CA GLY B 302 -9.62 -24.31 -9.69
C GLY B 302 -9.94 -25.70 -9.15
N ASN B 303 -10.23 -25.83 -7.86
CA ASN B 303 -10.51 -27.09 -7.16
C ASN B 303 -12.02 -27.18 -6.88
N VAL B 304 -12.46 -28.28 -6.26
CA VAL B 304 -13.89 -28.56 -6.08
C VAL B 304 -14.25 -28.36 -4.60
N ASN B 305 -15.36 -27.66 -4.37
CA ASN B 305 -15.97 -27.55 -3.03
C ASN B 305 -14.98 -27.04 -1.98
N VAL B 306 -14.33 -25.91 -2.28
CA VAL B 306 -13.46 -25.25 -1.31
C VAL B 306 -14.21 -24.21 -0.49
N CYS B 307 -15.45 -23.90 -0.86
CA CYS B 307 -16.39 -23.16 0.00
C CYS B 307 -17.60 -24.09 0.13
N ASP B 308 -17.57 -24.96 1.15
CA ASP B 308 -18.47 -26.10 1.25
C ASP B 308 -19.72 -25.77 2.09
N ALA B 309 -20.63 -26.75 2.19
CA ALA B 309 -21.90 -26.50 2.86
C ALA B 309 -21.71 -26.08 4.32
N ASN B 310 -20.80 -26.73 5.05
CA ASN B 310 -20.64 -26.35 6.44
C ASN B 310 -20.05 -24.94 6.58
N MET B 311 -19.16 -24.53 5.67
CA MET B 311 -18.68 -23.14 5.70
C MET B 311 -19.83 -22.16 5.44
N LEU B 312 -20.66 -22.45 4.44
CA LEU B 312 -21.80 -21.58 4.14
C LEU B 312 -22.76 -21.48 5.34
N LYS B 313 -22.96 -22.58 6.07
CA LYS B 313 -23.83 -22.52 7.25
C LYS B 313 -23.22 -21.66 8.35
N ALA B 314 -21.89 -21.62 8.44
CA ALA B 314 -21.19 -20.91 9.52
C ALA B 314 -20.93 -19.44 9.22
N LEU B 315 -21.06 -19.01 7.97
CA LEU B 315 -20.69 -17.66 7.57
C LEU B 315 -21.53 -16.62 8.30
N LYS B 316 -20.90 -15.48 8.58
CA LYS B 316 -21.59 -14.32 9.09
C LYS B 316 -22.82 -13.99 8.25
N LYS B 317 -23.93 -13.67 8.93
CA LYS B 317 -25.11 -13.17 8.23
C LYS B 317 -24.75 -12.02 7.30
N ARG B 318 -25.33 -12.06 6.10
CA ARG B 318 -25.19 -11.04 5.05
C ARG B 318 -23.80 -11.00 4.43
N ALA B 319 -23.00 -12.04 4.61
CA ALA B 319 -21.75 -12.14 3.87
C ALA B 319 -22.03 -12.32 2.38
N VAL B 320 -21.09 -11.83 1.58
CA VAL B 320 -21.05 -12.02 0.13
C VAL B 320 -20.18 -13.25 -0.16
N VAL B 321 -20.62 -14.06 -1.12
CA VAL B 321 -19.94 -15.27 -1.55
C VAL B 321 -19.74 -15.19 -3.05
N CYS B 322 -18.52 -15.41 -3.51
CA CYS B 322 -18.32 -15.39 -4.95
C CYS B 322 -17.10 -16.24 -5.30
N ASN B 323 -17.03 -16.56 -6.59
CA ASN B 323 -15.99 -17.40 -7.15
C ASN B 323 -15.39 -16.71 -8.37
N ILE B 324 -14.06 -16.70 -8.46
CA ILE B 324 -13.34 -16.17 -9.62
C ILE B 324 -12.45 -17.25 -10.27
N GLY B 325 -12.54 -18.49 -9.78
CA GLY B 325 -12.01 -19.64 -10.47
C GLY B 325 -12.89 -19.99 -11.67
N HIS B 326 -12.40 -20.88 -12.54
CA HIS B 326 -13.05 -21.07 -13.83
C HIS B 326 -14.45 -21.67 -13.74
N PHE B 327 -14.71 -22.56 -12.77
CA PHE B 327 -15.94 -23.34 -12.75
C PHE B 327 -16.67 -23.12 -11.43
N ASP B 328 -18.02 -23.18 -11.46
CA ASP B 328 -18.83 -22.84 -10.29
C ASP B 328 -18.84 -23.90 -9.19
N ASN B 329 -18.19 -25.05 -9.38
CA ASN B 329 -18.23 -26.06 -8.33
C ASN B 329 -17.23 -25.80 -7.21
N GLU B 330 -16.48 -24.68 -7.27
CA GLU B 330 -15.70 -24.26 -6.10
C GLU B 330 -16.59 -24.02 -4.90
N ILE B 331 -17.82 -23.54 -5.13
CA ILE B 331 -18.78 -23.27 -4.08
C ILE B 331 -19.88 -24.32 -4.20
N ASP B 332 -20.36 -24.82 -3.05
CA ASP B 332 -21.42 -25.82 -3.06
C ASP B 332 -22.75 -25.08 -3.24
N THR B 333 -22.93 -24.52 -4.44
CA THR B 333 -24.23 -23.92 -4.79
C THR B 333 -25.33 -24.97 -4.88
N ALA B 334 -24.98 -26.22 -5.23
CA ALA B 334 -25.99 -27.26 -5.23
C ALA B 334 -26.66 -27.38 -3.86
N PHE B 335 -25.86 -27.38 -2.80
CA PHE B 335 -26.43 -27.46 -1.46
C PHE B 335 -27.38 -26.30 -1.20
N MET B 336 -27.01 -25.12 -1.67
CA MET B 336 -27.82 -23.93 -1.41
C MET B 336 -29.11 -23.97 -2.23
N ARG B 337 -29.05 -24.50 -3.46
CA ARG B 337 -30.27 -24.65 -4.25
C ARG B 337 -31.23 -25.63 -3.58
N LYS B 338 -30.70 -26.70 -2.98
CA LYS B 338 -31.55 -27.74 -2.41
C LYS B 338 -32.22 -27.29 -1.13
N ASN B 339 -31.60 -26.40 -0.37
CA ASN B 339 -31.99 -26.16 1.02
C ASN B 339 -32.49 -24.78 1.33
N TRP B 340 -32.10 -23.78 0.56
CA TRP B 340 -32.32 -22.39 0.88
C TRP B 340 -33.04 -21.68 -0.25
N ALA B 341 -33.79 -20.64 0.11
CA ALA B 341 -34.63 -19.90 -0.83
C ALA B 341 -33.83 -18.78 -1.46
N TRP B 342 -33.84 -18.72 -2.79
CA TRP B 342 -33.09 -17.69 -3.52
C TRP B 342 -34.01 -16.52 -3.87
N GLU B 343 -33.58 -15.32 -3.52
CA GLU B 343 -34.28 -14.09 -3.89
C GLU B 343 -33.39 -13.29 -4.81
N GLU B 344 -33.84 -13.09 -6.06
CA GLU B 344 -33.03 -12.30 -6.98
C GLU B 344 -33.11 -10.83 -6.61
N VAL B 345 -31.96 -10.21 -6.38
CA VAL B 345 -31.91 -8.77 -6.18
C VAL B 345 -31.99 -8.06 -7.53
N LYS B 346 -31.13 -8.49 -8.44
CA LYS B 346 -31.04 -8.08 -9.83
C LYS B 346 -30.22 -9.15 -10.55
N PRO B 347 -30.11 -9.10 -11.89
CA PRO B 347 -29.42 -10.21 -12.56
C PRO B 347 -28.03 -10.45 -11.98
N GLN B 348 -27.71 -11.73 -11.80
CA GLN B 348 -26.45 -12.20 -11.26
C GLN B 348 -26.22 -11.76 -9.83
N VAL B 349 -27.28 -11.41 -9.08
CA VAL B 349 -27.12 -11.08 -7.65
C VAL B 349 -28.31 -11.70 -6.93
N HIS B 350 -28.04 -12.66 -6.05
CA HIS B 350 -29.10 -13.37 -5.33
C HIS B 350 -28.84 -13.34 -3.84
N LYS B 351 -29.90 -13.05 -3.07
CA LYS B 351 -29.90 -13.27 -1.63
C LYS B 351 -30.34 -14.72 -1.40
N ILE B 352 -29.57 -15.44 -0.60
CA ILE B 352 -29.84 -16.84 -0.30
C ILE B 352 -30.29 -16.91 1.15
N HIS B 353 -31.57 -17.19 1.38
CA HIS B 353 -32.12 -17.08 2.72
C HIS B 353 -31.92 -18.40 3.47
N ARG B 354 -31.13 -18.38 4.54
CA ARG B 354 -30.77 -19.61 5.22
C ARG B 354 -31.87 -20.10 6.17
N THR B 355 -33.03 -19.46 6.17
CA THR B 355 -34.17 -19.86 6.99
C THR B 355 -34.95 -21.06 6.44
N GLY B 356 -34.73 -21.45 5.21
CA GLY B 356 -35.46 -22.58 4.65
C GLY B 356 -35.62 -22.42 3.16
N LYS B 357 -36.25 -23.44 2.57
CA LYS B 357 -36.53 -23.49 1.15
C LYS B 357 -37.92 -22.97 0.80
N ASP B 358 -38.86 -23.06 1.75
CA ASP B 358 -40.28 -22.74 1.54
C ASP B 358 -40.52 -21.23 1.62
N GLY B 359 -40.07 -20.52 0.60
CA GLY B 359 -40.22 -19.06 0.58
C GLY B 359 -39.32 -18.39 1.59
N PHE B 360 -39.49 -17.07 1.71
CA PHE B 360 -38.62 -16.28 2.57
C PHE B 360 -39.36 -15.04 3.06
N ASP B 361 -38.95 -14.54 4.22
CA ASP B 361 -39.40 -13.23 4.69
C ASP B 361 -38.57 -12.15 4.00
N ALA B 362 -39.24 -11.22 3.31
CA ALA B 362 -38.52 -10.16 2.58
C ALA B 362 -37.61 -9.36 3.52
N HIS B 363 -37.92 -9.32 4.80
CA HIS B 363 -37.09 -8.61 5.78
C HIS B 363 -36.21 -9.54 6.59
N ASN B 364 -36.04 -10.79 6.15
CA ASN B 364 -35.15 -11.71 6.85
C ASN B 364 -33.72 -11.16 6.90
N ASP B 365 -33.07 -11.28 8.05
CA ASP B 365 -31.69 -10.81 8.16
C ASP B 365 -30.69 -11.92 7.89
N ASP B 366 -31.12 -13.18 7.91
CA ASP B 366 -30.21 -14.33 7.83
C ASP B 366 -30.12 -14.80 6.38
N TYR B 367 -29.32 -14.10 5.59
CA TYR B 367 -29.10 -14.44 4.20
C TYR B 367 -27.63 -14.23 3.84
N LEU B 368 -27.22 -14.86 2.72
CA LEU B 368 -25.95 -14.57 2.07
C LEU B 368 -26.25 -13.92 0.72
N ILE B 369 -25.31 -13.14 0.21
CA ILE B 369 -25.42 -12.63 -1.15
C ILE B 369 -24.48 -13.42 -2.05
N LEU B 370 -25.04 -14.12 -3.05
CA LEU B 370 -24.25 -14.88 -4.01
C LEU B 370 -24.17 -14.10 -5.31
N LEU B 371 -22.96 -13.96 -5.86
CA LEU B 371 -22.74 -13.24 -7.10
C LEU B 371 -22.59 -14.22 -8.26
N ALA B 372 -23.28 -13.93 -9.37
CA ALA B 372 -23.18 -14.70 -10.64
C ALA B 372 -23.45 -16.19 -10.44
N GLU B 373 -24.32 -16.51 -9.48
CA GLU B 373 -24.68 -17.89 -9.19
C GLU B 373 -23.43 -18.77 -9.03
N GLY B 374 -22.34 -18.20 -8.52
CA GLY B 374 -21.12 -18.97 -8.31
C GLY B 374 -20.20 -19.07 -9.50
N ARG B 375 -20.59 -18.53 -10.66
CA ARG B 375 -19.76 -18.53 -11.87
C ARG B 375 -18.74 -17.40 -11.78
N LEU B 376 -17.71 -17.47 -12.63
CA LEU B 376 -16.64 -16.46 -12.68
C LEU B 376 -17.14 -15.05 -12.41
N VAL B 377 -16.81 -14.47 -11.25
CA VAL B 377 -17.51 -13.27 -10.83
C VAL B 377 -17.02 -12.03 -11.58
N ASN B 378 -15.73 -11.98 -11.98
CA ASN B 378 -15.28 -10.77 -12.65
C ASN B 378 -15.96 -10.61 -13.99
N LEU B 379 -16.15 -11.72 -14.71
CA LEU B 379 -16.84 -11.64 -16.00
C LEU B 379 -18.36 -11.65 -15.83
N GLY B 380 -18.87 -12.27 -14.77
CA GLY B 380 -20.30 -12.39 -14.58
C GLY B 380 -20.98 -11.13 -14.09
N ASN B 381 -20.35 -10.44 -13.16
CA ASN B 381 -20.88 -9.18 -12.60
C ASN B 381 -20.18 -7.93 -13.12
N ALA B 382 -19.10 -8.07 -13.90
CA ALA B 382 -18.49 -6.88 -14.47
C ALA B 382 -18.12 -7.23 -15.91
N THR B 383 -16.90 -6.88 -16.37
CA THR B 383 -16.51 -7.14 -17.76
C THR B 383 -15.19 -7.89 -17.84
N GLY B 384 -14.82 -8.61 -16.79
CA GLY B 384 -13.53 -9.29 -16.66
C GLY B 384 -12.37 -8.33 -16.81
N HIS B 385 -11.26 -8.86 -17.31
CA HIS B 385 -10.02 -8.09 -17.33
C HIS B 385 -10.11 -6.97 -18.36
N PRO B 386 -9.37 -5.88 -18.14
CA PRO B 386 -9.37 -4.77 -19.08
C PRO B 386 -8.54 -5.08 -20.32
N SER B 387 -8.83 -4.32 -21.39
CA SER B 387 -8.21 -4.57 -22.69
C SER B 387 -6.68 -4.60 -22.58
N ARG B 388 -6.10 -3.63 -21.87
CA ARG B 388 -4.64 -3.56 -21.85
C ARG B 388 -3.99 -4.76 -21.16
N ILE B 389 -4.72 -5.46 -20.28
CA ILE B 389 -4.20 -6.72 -19.75
C ILE B 389 -4.44 -7.86 -20.73
N MET B 390 -5.64 -7.96 -21.30
CA MET B 390 -5.94 -9.04 -22.24
C MET B 390 -5.09 -8.95 -23.50
N ASP B 391 -4.56 -7.76 -23.80
CA ASP B 391 -3.56 -7.60 -24.85
C ASP B 391 -2.44 -8.65 -24.76
N GLY B 392 -1.89 -8.86 -23.56
CA GLY B 392 -0.84 -9.86 -23.42
C GLY B 392 -1.34 -11.26 -23.71
N SER B 393 -2.45 -11.64 -23.08
CA SER B 393 -3.00 -12.99 -23.23
C SER B 393 -3.31 -13.29 -24.69
N PHE B 394 -3.90 -12.32 -25.38
CA PHE B 394 -4.38 -12.58 -26.73
C PHE B 394 -3.27 -12.42 -27.77
N ALA B 395 -2.24 -11.59 -27.52
CA ALA B 395 -1.07 -11.65 -28.40
C ALA B 395 -0.42 -13.04 -28.32
N ASN B 396 -0.37 -13.63 -27.12
CA ASN B 396 0.12 -15.01 -27.01
C ASN B 396 -0.76 -15.99 -27.79
N GLN B 397 -2.08 -15.86 -27.69
CA GLN B 397 -2.99 -16.76 -28.43
C GLN B 397 -2.70 -16.72 -29.92
N VAL B 398 -2.65 -15.53 -30.50
CA VAL B 398 -2.37 -15.39 -31.92
C VAL B 398 -1.06 -16.08 -32.27
N LEU B 399 -0.01 -15.82 -31.47
CA LEU B 399 1.28 -16.42 -31.79
C LEU B 399 1.23 -17.93 -31.63
N ALA B 400 0.47 -18.43 -30.65
CA ALA B 400 0.33 -19.88 -30.48
C ALA B 400 -0.42 -20.49 -31.66
N GLN B 401 -1.46 -19.81 -32.14
CA GLN B 401 -2.19 -20.29 -33.32
C GLN B 401 -1.28 -20.38 -34.54
N ILE B 402 -0.49 -19.33 -34.77
CA ILE B 402 0.46 -19.37 -35.91
C ILE B 402 1.46 -20.50 -35.71
N HIS B 403 2.00 -20.62 -34.50
CA HIS B 403 3.01 -21.63 -34.17
C HIS B 403 2.53 -23.04 -34.50
N LEU B 404 1.35 -23.42 -34.02
CA LEU B 404 0.86 -24.77 -34.30
C LEU B 404 0.38 -24.90 -35.75
N PHE B 405 -0.32 -23.89 -36.27
CA PHE B 405 -0.81 -24.02 -37.64
C PHE B 405 0.33 -24.16 -38.65
N GLU B 406 1.45 -23.47 -38.43
CA GLU B 406 2.57 -23.59 -39.37
C GLU B 406 3.29 -24.94 -39.25
N GLN B 407 3.09 -25.69 -38.16
CA GLN B 407 3.75 -26.98 -38.01
CA GLN B 407 3.75 -26.98 -38.01
C GLN B 407 2.96 -28.15 -38.61
N LYS B 408 1.66 -27.96 -38.88
CA LYS B 408 0.87 -28.91 -39.69
C LYS B 408 0.93 -30.35 -39.16
N TYR B 409 0.66 -30.50 -37.86
CA TYR B 409 0.70 -31.83 -37.25
C TYR B 409 -0.26 -32.79 -37.92
N ALA B 410 -1.44 -32.31 -38.33
CA ALA B 410 -2.45 -33.23 -38.86
C ALA B 410 -2.00 -33.88 -40.16
N ASP B 411 -0.97 -33.32 -40.82
CA ASP B 411 -0.49 -33.91 -42.05
C ASP B 411 0.63 -34.94 -41.84
N LEU B 412 1.06 -35.16 -40.60
CA LEU B 412 2.11 -36.13 -40.33
C LEU B 412 1.55 -37.55 -40.29
N PRO B 413 2.36 -38.55 -40.61
CA PRO B 413 1.98 -39.94 -40.32
C PRO B 413 2.00 -40.21 -38.82
N ALA B 414 1.30 -41.27 -38.43
CA ALA B 414 1.01 -41.52 -37.01
C ALA B 414 2.31 -41.60 -36.19
N ALA B 415 3.32 -42.29 -36.71
CA ALA B 415 4.59 -42.42 -35.98
C ALA B 415 5.24 -41.06 -35.75
N GLU B 416 5.18 -40.18 -36.74
CA GLU B 416 5.72 -38.84 -36.54
C GLU B 416 4.83 -38.02 -35.62
N LYS B 417 3.51 -38.20 -35.73
CA LYS B 417 2.60 -37.53 -34.79
C LYS B 417 2.96 -37.85 -33.34
N ALA B 418 3.24 -39.12 -33.05
CA ALA B 418 3.51 -39.51 -31.67
C ALA B 418 4.71 -38.76 -31.12
N LYS B 419 5.74 -38.56 -31.96
CA LYS B 419 6.95 -37.81 -31.56
C LYS B 419 6.66 -36.33 -31.35
N ARG B 420 5.69 -35.79 -32.09
CA ARG B 420 5.36 -34.36 -32.06
C ARG B 420 4.30 -34.01 -31.02
N LEU B 421 3.64 -35.00 -30.44
CA LEU B 421 2.52 -34.75 -29.54
C LEU B 421 3.03 -34.24 -28.21
N SER B 422 2.59 -33.06 -27.81
CA SER B 422 3.10 -32.43 -26.62
C SER B 422 2.13 -31.35 -26.20
N VAL B 423 2.30 -30.89 -24.96
CA VAL B 423 1.68 -29.69 -24.45
C VAL B 423 2.86 -28.80 -24.07
N GLU B 424 3.10 -27.75 -24.85
CA GLU B 424 4.26 -26.90 -24.62
C GLU B 424 3.84 -25.45 -24.40
N VAL B 425 4.78 -24.66 -23.84
CA VAL B 425 4.64 -23.21 -23.74
C VAL B 425 5.33 -22.57 -24.93
N LEU B 426 4.97 -21.32 -25.22
CA LEU B 426 5.68 -20.58 -26.25
C LEU B 426 7.09 -20.32 -25.77
N PRO B 427 8.07 -20.30 -26.69
CA PRO B 427 9.45 -19.97 -26.32
C PRO B 427 9.52 -18.61 -25.65
N LYS B 428 10.52 -18.41 -24.80
CA LYS B 428 10.67 -17.13 -24.04
C LYS B 428 10.84 -15.92 -24.96
N LYS B 429 11.47 -16.09 -26.12
CA LYS B 429 11.72 -14.93 -27.02
C LYS B 429 10.38 -14.29 -27.40
N LEU B 430 9.33 -15.10 -27.60
CA LEU B 430 8.01 -14.55 -27.97
C LEU B 430 7.39 -13.87 -26.77
N ASP B 431 7.54 -14.49 -25.59
CA ASP B 431 7.01 -13.91 -24.34
C ASP B 431 7.62 -12.52 -24.17
N GLU B 432 8.93 -12.41 -24.36
CA GLU B 432 9.63 -11.11 -24.26
C GLU B 432 9.13 -10.12 -25.32
N GLU B 433 8.88 -10.58 -26.54
CA GLU B 433 8.40 -9.68 -27.62
C GLU B 433 7.04 -9.09 -27.20
N VAL B 434 6.13 -9.93 -26.73
CA VAL B 434 4.81 -9.43 -26.25
C VAL B 434 5.08 -8.44 -25.13
N ALA B 435 5.98 -8.80 -24.21
CA ALA B 435 6.15 -7.91 -23.05
C ALA B 435 6.69 -6.56 -23.49
N LEU B 436 7.62 -6.56 -24.45
CA LEU B 436 8.16 -5.29 -24.91
C LEU B 436 7.06 -4.40 -25.48
N GLU B 437 6.12 -4.99 -26.22
CA GLU B 437 5.04 -4.18 -26.78
C GLU B 437 4.12 -3.66 -25.68
N MET B 438 3.84 -4.49 -24.68
CA MET B 438 3.08 -4.00 -23.52
C MET B 438 3.80 -2.86 -22.83
N VAL B 439 5.13 -2.97 -22.64
CA VAL B 439 5.87 -1.91 -21.94
C VAL B 439 5.82 -0.61 -22.74
N LYS B 440 5.98 -0.69 -24.05
CA LYS B 440 5.92 0.51 -24.86
C LYS B 440 4.53 1.14 -24.79
N GLY B 441 3.48 0.34 -24.61
CA GLY B 441 2.14 0.90 -24.51
C GLY B 441 1.95 1.77 -23.28
N PHE B 442 2.70 1.49 -22.22
CA PHE B 442 2.75 2.36 -21.04
C PHE B 442 3.67 3.55 -21.23
N GLY B 443 4.36 3.65 -22.36
CA GLY B 443 5.42 4.63 -22.50
C GLY B 443 6.72 4.27 -21.80
N GLY B 444 6.89 3.01 -21.38
CA GLY B 444 8.11 2.62 -20.69
C GLY B 444 9.26 2.50 -21.68
N VAL B 445 10.48 2.75 -21.20
CA VAL B 445 11.68 2.70 -22.05
C VAL B 445 12.60 1.61 -21.48
N VAL B 446 12.75 0.53 -22.22
CA VAL B 446 13.65 -0.55 -21.83
C VAL B 446 15.08 -0.18 -22.20
N THR B 447 16.02 -0.47 -21.30
CA THR B 447 17.42 -0.20 -21.57
C THR B 447 18.05 -1.32 -22.41
N GLN B 448 18.95 -0.93 -23.32
CA GLN B 448 19.69 -1.89 -24.13
C GLN B 448 21.04 -2.19 -23.50
N LEU B 449 21.34 -3.47 -23.28
CA LEU B 449 22.65 -3.87 -22.77
C LEU B 449 23.77 -3.46 -23.73
N THR B 450 24.91 -3.04 -23.19
CA THR B 450 26.11 -2.96 -24.00
C THR B 450 26.59 -4.37 -24.32
N PRO B 451 27.42 -4.52 -25.35
CA PRO B 451 28.01 -5.85 -25.61
C PRO B 451 28.77 -6.42 -24.42
N LYS B 452 29.54 -5.57 -23.72
CA LYS B 452 30.28 -6.02 -22.54
C LYS B 452 29.34 -6.50 -21.44
N GLN B 453 28.23 -5.80 -21.23
CA GLN B 453 27.28 -6.21 -20.21
C GLN B 453 26.59 -7.51 -20.59
N ALA B 454 26.22 -7.65 -21.86
CA ALA B 454 25.60 -8.89 -22.31
C ALA B 454 26.55 -10.08 -22.14
N GLU B 455 27.81 -9.89 -22.52
CA GLU B 455 28.82 -10.92 -22.27
C GLU B 455 28.97 -11.19 -20.76
N TYR B 456 28.90 -10.13 -19.93
CA TYR B 456 29.12 -10.28 -18.51
C TYR B 456 28.10 -11.21 -17.86
N ILE B 457 26.84 -11.14 -18.28
CA ILE B 457 25.78 -11.95 -17.70
C ILE B 457 25.39 -13.12 -18.59
N GLY B 458 26.00 -13.25 -19.76
CA GLY B 458 25.84 -14.45 -20.57
C GLY B 458 24.58 -14.51 -21.39
N VAL B 459 24.14 -13.37 -21.93
CA VAL B 459 22.94 -13.31 -22.76
C VAL B 459 23.28 -12.59 -24.05
N SER B 460 22.42 -12.76 -25.05
CA SER B 460 22.45 -11.89 -26.22
C SER B 460 21.86 -10.53 -25.89
N VAL B 461 22.36 -9.50 -26.57
CA VAL B 461 21.77 -8.15 -26.43
C VAL B 461 20.29 -8.19 -26.80
N GLU B 462 19.89 -9.10 -27.70
CA GLU B 462 18.50 -9.22 -28.12
C GLU B 462 17.69 -10.18 -27.26
N GLY B 463 18.29 -10.80 -26.24
CA GLY B 463 17.58 -11.74 -25.42
C GLY B 463 17.55 -13.11 -26.08
N PRO B 464 16.96 -14.13 -25.42
CA PRO B 464 16.27 -14.04 -24.13
C PRO B 464 17.19 -13.68 -22.96
N PHE B 465 16.62 -13.01 -21.96
CA PHE B 465 17.41 -12.41 -20.90
C PHE B 465 17.51 -13.29 -19.66
N LYS B 466 16.72 -14.37 -19.60
CA LYS B 466 16.60 -15.24 -18.44
C LYS B 466 16.69 -16.69 -18.88
N PRO B 467 17.27 -17.56 -18.04
CA PRO B 467 17.18 -19.00 -18.30
C PRO B 467 15.73 -19.47 -18.23
N ASP B 468 15.44 -20.62 -18.87
CA ASP B 468 14.06 -21.08 -18.88
C ASP B 468 13.57 -21.46 -17.48
N THR B 469 14.48 -21.70 -16.53
CA THR B 469 14.11 -22.00 -15.15
C THR B 469 13.60 -20.79 -14.38
N TYR B 470 13.76 -19.58 -14.92
CA TYR B 470 13.49 -18.37 -14.12
C TYR B 470 12.00 -18.20 -13.87
N ARG B 471 11.65 -17.77 -12.65
CA ARG B 471 10.27 -17.70 -12.18
C ARG B 471 9.71 -16.28 -12.15
N TYR B 472 10.55 -15.25 -12.28
CA TYR B 472 10.03 -13.88 -12.27
C TYR B 472 9.27 -13.59 -11.00
N ALA C 11 39.79 -20.43 24.71
CA ALA C 11 40.59 -21.14 25.71
C ALA C 11 41.29 -22.35 25.10
N GLY C 12 42.62 -22.26 24.94
CA GLY C 12 43.42 -23.29 24.28
C GLY C 12 43.28 -23.24 22.77
N PHE C 13 42.10 -22.85 22.31
CA PHE C 13 41.73 -22.83 20.90
C PHE C 13 42.03 -21.44 20.33
N THR C 14 42.94 -21.39 19.36
CA THR C 14 43.39 -20.13 18.75
C THR C 14 43.15 -20.09 17.24
N ASP C 15 42.43 -21.07 16.70
CA ASP C 15 42.30 -21.25 15.25
C ASP C 15 41.17 -20.37 14.70
N TYR C 16 41.33 -19.04 14.78
CA TYR C 16 40.29 -18.11 14.30
C TYR C 16 40.88 -16.71 14.22
N LYS C 17 40.16 -15.79 13.58
CA LYS C 17 40.51 -14.37 13.69
C LYS C 17 39.27 -13.50 13.60
N VAL C 18 38.96 -12.77 14.67
CA VAL C 18 37.77 -11.92 14.73
C VAL C 18 38.20 -10.56 15.28
N ALA C 19 37.31 -9.59 15.17
CA ALA C 19 37.63 -8.23 15.62
C ALA C 19 37.86 -8.20 17.13
N ASP C 20 36.99 -8.85 17.89
CA ASP C 20 36.98 -8.64 19.34
C ASP C 20 36.24 -9.84 19.95
N ILE C 21 37.02 -10.77 20.50
CA ILE C 21 36.43 -11.99 21.06
C ILE C 21 35.56 -11.70 22.29
N THR C 22 35.76 -10.54 22.96
CA THR C 22 34.95 -10.18 24.11
C THR C 22 33.51 -9.83 23.75
N LEU C 23 33.18 -9.75 22.46
CA LEU C 23 31.81 -9.56 22.02
C LEU C 23 31.02 -10.85 22.00
N ALA C 24 31.61 -11.97 22.45
CA ALA C 24 31.01 -13.29 22.26
C ALA C 24 29.71 -13.43 23.08
N ALA C 25 29.72 -13.00 24.34
CA ALA C 25 28.51 -13.09 25.16
C ALA C 25 27.34 -12.37 24.48
N TRP C 26 27.57 -11.15 23.99
CA TRP C 26 26.51 -10.43 23.29
C TRP C 26 26.05 -11.21 22.06
N GLY C 27 26.99 -11.73 21.27
CA GLY C 27 26.62 -12.54 20.13
C GLY C 27 25.78 -13.75 20.52
N ARG C 28 26.15 -14.41 21.63
CA ARG C 28 25.39 -15.57 22.11
C ARG C 28 23.96 -15.18 22.46
N ARG C 29 23.79 -13.99 23.07
CA ARG C 29 22.44 -13.52 23.39
C ARG C 29 21.60 -13.37 22.12
N GLU C 30 22.17 -12.76 21.09
CA GLU C 30 21.42 -12.57 19.87
C GLU C 30 21.20 -13.90 19.15
N LEU C 31 22.12 -14.86 19.28
CA LEU C 31 21.93 -16.18 18.67
C LEU C 31 20.74 -16.88 19.28
N ILE C 32 20.58 -16.77 20.61
CA ILE C 32 19.46 -17.43 21.28
C ILE C 32 18.13 -16.84 20.82
N ILE C 33 18.09 -15.52 20.60
CA ILE C 33 16.91 -14.89 20.01
C ILE C 33 16.70 -15.36 18.57
N ALA C 34 17.75 -15.34 17.75
CA ALA C 34 17.58 -15.71 16.35
C ALA C 34 17.05 -17.14 16.23
N GLU C 35 17.51 -18.02 17.11
CA GLU C 35 17.00 -19.40 17.10
C GLU C 35 15.47 -19.43 17.20
N SER C 36 14.88 -18.57 18.04
CA SER C 36 13.43 -18.52 18.15
C SER C 36 12.78 -17.93 16.90
N GLU C 37 13.55 -17.29 16.03
CA GLU C 37 13.04 -16.69 14.80
C GLU C 37 13.26 -17.60 13.60
N MET C 38 13.86 -18.78 13.78
CA MET C 38 14.25 -19.65 12.67
C MET C 38 13.74 -21.07 12.90
N PRO C 39 12.42 -21.28 12.80
CA PRO C 39 11.82 -22.59 13.13
C PRO C 39 12.15 -23.69 12.15
N ALA C 40 12.26 -23.37 10.86
CA ALA C 40 12.64 -24.39 9.88
C ALA C 40 14.06 -24.88 10.13
N LEU C 41 14.98 -23.95 10.43
CA LEU C 41 16.36 -24.36 10.68
C LEU C 41 16.47 -25.13 11.99
N MET C 42 15.82 -24.63 13.05
N MET C 42 15.81 -24.66 13.05
CA MET C 42 15.76 -25.35 14.31
CA MET C 42 15.84 -25.39 14.30
C MET C 42 15.10 -26.70 14.16
C MET C 42 15.01 -26.67 14.26
N GLY C 43 14.03 -26.76 13.35
CA GLY C 43 13.33 -28.01 13.18
C GLY C 43 14.23 -29.06 12.57
N LEU C 44 15.11 -28.66 11.64
CA LEU C 44 16.05 -29.61 11.03
C LEU C 44 17.08 -30.04 12.05
N ARG C 45 17.51 -29.10 12.90
CA ARG C 45 18.41 -29.41 13.99
C ARG C 45 17.84 -30.49 14.88
N ARG C 46 16.57 -30.35 15.29
CA ARG C 46 15.94 -31.38 16.10
C ARG C 46 15.68 -32.66 15.30
N LYS C 47 15.33 -32.53 14.02
CA LYS C 47 14.95 -33.71 13.24
C LYS C 47 16.14 -34.63 13.02
N TYR C 48 17.31 -34.06 12.75
CA TYR C 48 18.48 -34.82 12.30
C TYR C 48 19.55 -34.98 13.36
N ALA C 49 19.39 -34.41 14.56
CA ALA C 49 20.45 -34.49 15.56
C ALA C 49 20.79 -35.94 15.92
N GLY C 50 19.76 -36.78 16.10
CA GLY C 50 20.00 -38.15 16.46
C GLY C 50 20.74 -38.94 15.39
N GLN C 51 20.44 -38.67 14.12
CA GLN C 51 21.04 -39.42 13.01
CA GLN C 51 21.09 -39.48 13.09
C GLN C 51 22.43 -38.93 12.65
N GLN C 52 22.79 -37.70 13.03
CA GLN C 52 24.07 -37.11 12.70
C GLN C 52 24.43 -37.29 11.22
N PRO C 53 23.56 -36.80 10.31
CA PRO C 53 23.78 -37.06 8.88
C PRO C 53 25.03 -36.40 8.33
N LEU C 54 25.60 -35.43 9.05
CA LEU C 54 26.83 -34.78 8.62
C LEU C 54 28.05 -35.25 9.41
N LYS C 55 27.98 -36.41 10.07
CA LYS C 55 29.16 -36.92 10.75
C LYS C 55 30.24 -37.19 9.71
N GLY C 56 31.43 -36.63 9.94
CA GLY C 56 32.51 -36.77 8.98
C GLY C 56 32.55 -35.73 7.89
N ALA C 57 31.54 -34.86 7.81
CA ALA C 57 31.60 -33.75 6.87
C ALA C 57 32.60 -32.71 7.37
N LYS C 58 33.33 -32.11 6.43
CA LYS C 58 34.29 -31.07 6.73
C LYS C 58 34.00 -29.96 5.73
N ILE C 59 33.29 -28.92 6.17
CA ILE C 59 32.71 -27.92 5.28
C ILE C 59 33.54 -26.65 5.28
N LEU C 60 34.02 -26.24 4.11
CA LEU C 60 34.51 -24.88 3.90
C LEU C 60 33.29 -23.98 3.66
N GLY C 61 33.11 -22.97 4.51
CA GLY C 61 31.97 -22.09 4.30
C GLY C 61 32.40 -20.66 4.08
N CYS C 62 31.81 -20.00 3.09
CA CYS C 62 32.15 -18.60 2.78
C CYS C 62 30.82 -17.87 2.58
N ILE C 63 30.35 -17.19 3.63
CA ILE C 63 29.10 -16.45 3.53
C ILE C 63 29.04 -15.47 4.71
N HIS C 64 28.51 -14.28 4.42
CA HIS C 64 28.34 -13.20 5.38
C HIS C 64 28.20 -13.67 6.82
N MET C 65 29.15 -13.28 7.68
CA MET C 65 29.25 -13.81 9.04
C MET C 65 28.38 -12.98 9.99
N THR C 66 27.08 -13.13 9.80
CA THR C 66 26.00 -12.49 10.53
C THR C 66 25.49 -13.43 11.63
N ILE C 67 24.62 -12.90 12.49
CA ILE C 67 23.96 -13.77 13.47
C ILE C 67 23.22 -14.93 12.78
N GLN C 68 22.58 -14.66 11.64
CA GLN C 68 21.82 -15.70 10.95
C GLN C 68 22.74 -16.82 10.46
N THR C 69 23.88 -16.44 9.88
CA THR C 69 24.88 -17.45 9.53
C THR C 69 25.37 -18.19 10.76
N GLY C 70 25.40 -17.54 11.92
CA GLY C 70 25.78 -18.25 13.12
C GLY C 70 24.83 -19.39 13.44
N VAL C 71 23.53 -19.16 13.24
CA VAL C 71 22.61 -20.28 13.50
C VAL C 71 22.81 -21.38 12.45
N LEU C 72 23.08 -21.00 11.21
CA LEU C 72 23.40 -21.97 10.17
C LEU C 72 24.61 -22.82 10.55
N ILE C 73 25.72 -22.15 10.90
CA ILE C 73 26.96 -22.85 11.28
C ILE C 73 26.69 -23.86 12.40
N GLU C 74 26.00 -23.41 13.45
CA GLU C 74 25.79 -24.28 14.61
C GLU C 74 24.78 -25.39 14.33
N THR C 75 23.91 -25.22 13.33
CA THR C 75 23.09 -26.35 12.89
C THR C 75 23.93 -27.40 12.16
N LEU C 76 24.82 -26.96 11.27
CA LEU C 76 25.71 -27.90 10.59
C LEU C 76 26.56 -28.68 11.59
N VAL C 77 27.13 -27.97 12.58
CA VAL C 77 27.94 -28.59 13.63
C VAL C 77 27.09 -29.55 14.45
N ALA C 78 25.88 -29.10 14.84
CA ALA C 78 24.98 -29.93 15.64
C ALA C 78 24.62 -31.23 14.92
N LEU C 79 24.68 -31.26 13.58
CA LEU C 79 24.38 -32.49 12.85
C LEU C 79 25.63 -33.30 12.53
N GLY C 80 26.79 -32.90 13.05
CA GLY C 80 28.00 -33.72 12.96
C GLY C 80 29.15 -33.10 12.18
N ALA C 81 28.93 -31.99 11.47
CA ALA C 81 29.97 -31.42 10.63
C ALA C 81 31.04 -30.71 11.45
N GLU C 82 32.27 -30.72 10.94
CA GLU C 82 33.27 -29.69 11.24
C GLU C 82 33.27 -28.65 10.12
N VAL C 83 33.54 -27.38 10.49
CA VAL C 83 33.53 -26.29 9.52
C VAL C 83 34.74 -25.39 9.74
N ARG C 84 35.09 -24.67 8.68
CA ARG C 84 36.00 -23.52 8.74
C ARG C 84 35.37 -22.42 7.90
N TRP C 85 35.26 -21.21 8.47
CA TRP C 85 34.33 -20.21 7.95
C TRP C 85 35.01 -18.89 7.67
N SER C 86 34.53 -18.22 6.62
CA SER C 86 34.89 -16.84 6.34
C SER C 86 33.67 -16.13 5.77
N SER C 87 33.71 -14.79 5.77
CA SER C 87 32.61 -14.02 5.19
C SER C 87 32.84 -13.85 3.69
N CYS C 88 31.75 -13.69 2.92
CA CYS C 88 31.92 -13.45 1.49
C CYS C 88 31.88 -11.95 1.13
N ASN C 89 31.93 -11.07 2.12
CA ASN C 89 32.00 -9.63 1.88
C ASN C 89 32.80 -8.94 2.97
N ILE C 90 33.55 -7.89 2.60
CA ILE C 90 34.45 -7.21 3.54
C ILE C 90 33.69 -6.43 4.60
N PHE C 91 32.44 -6.03 4.34
CA PHE C 91 31.67 -5.20 5.28
C PHE C 91 30.50 -5.93 5.93
N SER C 92 30.26 -7.20 5.61
CA SER C 92 28.99 -7.78 6.00
C SER C 92 29.02 -8.52 7.34
N THR C 93 30.19 -8.74 7.93
CA THR C 93 30.29 -9.44 9.19
C THR C 93 29.66 -8.61 10.32
N GLN C 94 28.93 -9.29 11.21
CA GLN C 94 28.59 -8.74 12.51
C GLN C 94 29.63 -9.25 13.49
N ASP C 95 30.42 -8.36 14.07
CA ASP C 95 31.54 -8.79 14.88
C ASP C 95 31.11 -9.62 16.08
N GLN C 96 29.92 -9.36 16.63
CA GLN C 96 29.52 -10.14 17.80
C GLN C 96 29.11 -11.56 17.42
N ALA C 97 28.67 -11.74 16.17
CA ALA C 97 28.34 -13.07 15.70
C ALA C 97 29.60 -13.88 15.45
N ALA C 98 30.59 -13.26 14.79
CA ALA C 98 31.89 -13.91 14.62
C ALA C 98 32.51 -14.27 15.96
N ALA C 99 32.39 -13.38 16.96
CA ALA C 99 33.00 -13.67 18.27
C ALA C 99 32.34 -14.86 18.94
N ALA C 100 31.01 -14.92 18.89
CA ALA C 100 30.29 -16.04 19.49
C ALA C 100 30.66 -17.36 18.84
N ILE C 101 30.85 -17.38 17.52
CA ILE C 101 31.22 -18.61 16.82
C ILE C 101 32.65 -19.04 17.20
N ALA C 102 33.60 -18.11 17.19
CA ALA C 102 34.96 -18.47 17.59
C ALA C 102 34.99 -18.92 19.04
N ALA C 103 34.18 -18.28 19.91
CA ALA C 103 34.15 -18.67 21.31
C ALA C 103 33.56 -20.07 21.51
N ALA C 104 32.81 -20.58 20.54
CA ALA C 104 32.27 -21.93 20.56
C ALA C 104 33.27 -22.99 20.10
N GLY C 105 34.50 -22.58 19.77
CA GLY C 105 35.51 -23.50 19.29
C GLY C 105 35.49 -23.75 17.81
N ILE C 106 34.91 -22.85 17.03
CA ILE C 106 34.69 -23.05 15.59
C ILE C 106 35.61 -22.11 14.83
N PRO C 107 36.44 -22.62 13.91
CA PRO C 107 37.35 -21.73 13.16
C PRO C 107 36.57 -20.76 12.27
N VAL C 108 36.80 -19.46 12.48
CA VAL C 108 36.12 -18.42 11.71
C VAL C 108 37.09 -17.27 11.52
N PHE C 109 37.15 -16.75 10.31
CA PHE C 109 38.09 -15.68 10.00
C PHE C 109 37.28 -14.59 9.31
N ALA C 110 36.86 -13.59 10.10
CA ALA C 110 35.88 -12.62 9.63
C ALA C 110 35.71 -11.47 10.61
N TRP C 111 35.70 -10.25 10.09
CA TRP C 111 35.39 -9.06 10.87
C TRP C 111 34.84 -8.01 9.93
N LYS C 112 34.11 -7.07 10.50
CA LYS C 112 33.54 -5.99 9.71
C LYS C 112 34.64 -5.00 9.34
N GLY C 113 34.75 -4.68 8.06
CA GLY C 113 35.75 -3.71 7.62
C GLY C 113 37.09 -4.28 7.20
N GLU C 114 37.10 -5.48 6.62
CA GLU C 114 38.31 -6.05 6.06
C GLU C 114 38.78 -5.23 4.87
N THR C 115 40.09 -5.21 4.66
CA THR C 115 40.64 -4.79 3.38
C THR C 115 40.50 -5.93 2.37
N GLU C 116 40.72 -5.62 1.09
CA GLU C 116 40.69 -6.65 0.06
C GLU C 116 41.72 -7.74 0.33
N GLU C 117 42.92 -7.34 0.74
CA GLU C 117 43.95 -8.33 1.05
C GLU C 117 43.54 -9.21 2.22
N GLU C 118 42.97 -8.59 3.27
CA GLU C 118 42.52 -9.35 4.43
C GLU C 118 41.38 -10.29 4.07
N TYR C 119 40.48 -9.87 3.17
CA TYR C 119 39.40 -10.74 2.70
C TYR C 119 39.95 -12.02 2.08
N GLU C 120 40.91 -11.87 1.16
CA GLU C 120 41.55 -13.03 0.55
C GLU C 120 42.25 -13.90 1.58
N TRP C 121 42.95 -13.26 2.53
CA TRP C 121 43.63 -13.99 3.58
C TRP C 121 42.66 -14.83 4.40
N CYS C 122 41.47 -14.27 4.68
CA CYS C 122 40.49 -14.98 5.50
C CYS C 122 40.00 -16.25 4.80
N ILE C 123 39.74 -16.17 3.50
CA ILE C 123 39.35 -17.36 2.76
C ILE C 123 40.46 -18.41 2.82
N GLU C 124 41.72 -17.99 2.59
CA GLU C 124 42.85 -18.91 2.61
CA GLU C 124 42.84 -18.92 2.60
C GLU C 124 43.01 -19.58 3.97
N GLN C 125 42.66 -18.87 5.05
CA GLN C 125 42.77 -19.47 6.38
C GLN C 125 41.75 -20.57 6.60
N THR C 126 40.60 -20.51 5.92
CA THR C 126 39.69 -21.65 6.00
C THR C 126 40.25 -22.81 5.21
N ILE C 127 40.86 -22.53 4.06
CA ILE C 127 41.37 -23.58 3.16
C ILE C 127 42.55 -24.28 3.78
N LEU C 128 43.47 -23.51 4.38
CA LEU C 128 44.66 -24.07 4.99
C LEU C 128 44.45 -24.22 6.48
N LYS C 129 44.92 -25.33 7.02
CA LYS C 129 45.04 -25.49 8.46
C LYS C 129 46.49 -25.84 8.75
N ASP C 130 47.15 -25.01 9.56
CA ASP C 130 48.57 -25.20 9.90
C ASP C 130 49.43 -25.29 8.66
N GLY C 131 49.19 -24.40 7.68
CA GLY C 131 50.07 -24.29 6.54
C GLY C 131 49.79 -25.25 5.40
N GLN C 132 48.94 -26.24 5.60
CA GLN C 132 48.63 -27.23 4.59
C GLN C 132 47.13 -27.28 4.33
N PRO C 133 46.70 -27.74 3.14
CA PRO C 133 45.26 -27.84 2.86
C PRO C 133 44.55 -28.68 3.89
N TRP C 134 43.50 -28.12 4.47
CA TRP C 134 42.55 -28.89 5.27
C TRP C 134 41.96 -30.02 4.45
N ASP C 135 41.56 -31.11 5.11
CA ASP C 135 40.90 -32.22 4.41
C ASP C 135 39.40 -31.95 4.27
N ALA C 136 39.08 -30.82 3.63
CA ALA C 136 37.69 -30.49 3.33
C ALA C 136 37.06 -31.55 2.44
N ASN C 137 35.74 -31.68 2.53
CA ASN C 137 35.02 -32.52 1.59
C ASN C 137 33.66 -31.94 1.21
N MET C 138 33.33 -30.73 1.66
CA MET C 138 32.10 -30.03 1.31
C MET C 138 32.42 -28.55 1.21
N VAL C 139 31.69 -27.85 0.34
CA VAL C 139 31.83 -26.41 0.20
C VAL C 139 30.45 -25.75 0.33
N LEU C 140 30.34 -24.71 1.18
CA LEU C 140 29.17 -23.84 1.22
C LEU C 140 29.61 -22.43 0.81
N ASP C 141 28.97 -21.86 -0.21
CA ASP C 141 29.52 -20.64 -0.80
C ASP C 141 28.38 -19.66 -1.12
N ASP C 142 28.75 -18.39 -1.19
CA ASP C 142 27.79 -17.32 -1.45
C ASP C 142 28.52 -16.32 -2.34
N GLY C 143 28.35 -16.48 -3.66
CA GLY C 143 28.96 -15.59 -4.63
C GLY C 143 30.05 -16.24 -5.46
N GLY C 144 30.56 -17.42 -5.07
CA GLY C 144 31.52 -18.15 -5.88
C GLY C 144 33.00 -17.81 -5.66
N ASP C 145 33.33 -16.88 -4.74
CA ASP C 145 34.73 -16.54 -4.50
C ASP C 145 35.52 -17.73 -3.98
N LEU C 146 34.99 -18.43 -2.97
CA LEU C 146 35.66 -19.63 -2.45
C LEU C 146 35.75 -20.70 -3.51
N THR C 147 34.65 -20.93 -4.23
CA THR C 147 34.62 -21.93 -5.29
C THR C 147 35.69 -21.65 -6.34
N GLU C 148 35.86 -20.38 -6.70
CA GLU C 148 36.83 -19.99 -7.71
C GLU C 148 38.26 -20.20 -7.20
N ILE C 149 38.52 -19.84 -5.94
CA ILE C 149 39.86 -20.02 -5.37
C ILE C 149 40.23 -21.50 -5.33
N LEU C 150 39.27 -22.36 -4.95
CA LEU C 150 39.53 -23.79 -4.97
C LEU C 150 39.90 -24.26 -6.37
N HIS C 151 39.07 -23.91 -7.36
CA HIS C 151 39.31 -24.41 -8.72
C HIS C 151 40.61 -23.86 -9.31
N LYS C 152 40.95 -22.60 -9.03
CA LYS C 152 42.15 -22.00 -9.61
C LYS C 152 43.41 -22.36 -8.83
N LYS C 153 43.42 -22.15 -7.52
CA LYS C 153 44.65 -22.21 -6.73
C LYS C 153 44.83 -23.53 -5.97
N TYR C 154 43.76 -24.29 -5.72
CA TYR C 154 43.84 -25.54 -4.97
C TYR C 154 43.09 -26.67 -5.66
N PRO C 155 43.30 -26.89 -6.96
CA PRO C 155 42.51 -27.92 -7.65
C PRO C 155 42.61 -29.31 -7.03
N GLN C 156 43.73 -29.64 -6.39
CA GLN C 156 43.87 -30.97 -5.82
CA GLN C 156 43.88 -30.97 -5.81
C GLN C 156 42.83 -31.20 -4.72
N MET C 157 42.48 -30.16 -3.98
CA MET C 157 41.47 -30.30 -2.92
C MET C 157 40.11 -30.73 -3.45
N LEU C 158 39.76 -30.33 -4.67
CA LEU C 158 38.43 -30.70 -5.18
C LEU C 158 38.31 -32.21 -5.42
N GLU C 159 39.43 -32.93 -5.50
CA GLU C 159 39.37 -34.38 -5.63
C GLU C 159 38.65 -35.04 -4.46
N ARG C 160 38.66 -34.43 -3.28
CA ARG C 160 38.02 -35.04 -2.11
C ARG C 160 36.69 -34.39 -1.75
N ILE C 161 36.23 -33.40 -2.51
CA ILE C 161 35.05 -32.63 -2.17
C ILE C 161 33.83 -33.22 -2.88
N HIS C 162 32.77 -33.46 -2.11
CA HIS C 162 31.58 -34.10 -2.64
C HIS C 162 30.58 -33.13 -3.28
N GLY C 163 30.65 -31.83 -2.98
CA GLY C 163 29.73 -30.90 -3.63
C GLY C 163 29.91 -29.49 -3.11
N ILE C 164 29.27 -28.56 -3.81
CA ILE C 164 29.16 -27.16 -3.41
C ILE C 164 27.68 -26.85 -3.24
N THR C 165 27.33 -26.12 -2.19
CA THR C 165 25.98 -25.59 -2.05
C THR C 165 26.07 -24.06 -2.14
N GLU C 166 25.53 -23.51 -3.23
CA GLU C 166 25.76 -22.11 -3.59
C GLU C 166 24.50 -21.28 -3.32
N GLU C 167 24.70 -20.17 -2.61
CA GLU C 167 23.61 -19.40 -2.03
C GLU C 167 22.91 -18.46 -3.01
N THR C 168 23.64 -17.80 -3.92
CA THR C 168 23.10 -16.59 -4.52
C THR C 168 23.20 -16.61 -6.05
N THR C 169 22.35 -15.80 -6.68
CA THR C 169 22.23 -15.77 -8.15
C THR C 169 23.59 -15.61 -8.85
N THR C 170 24.42 -14.66 -8.40
CA THR C 170 25.73 -14.48 -9.02
C THR C 170 26.58 -15.75 -8.94
N GLY C 171 26.63 -16.37 -7.76
CA GLY C 171 27.38 -17.61 -7.64
C GLY C 171 26.89 -18.70 -8.57
N VAL C 172 25.56 -18.79 -8.76
CA VAL C 172 24.99 -19.82 -9.61
C VAL C 172 25.39 -19.59 -11.06
N HIS C 173 25.30 -18.33 -11.51
CA HIS C 173 25.76 -18.00 -12.85
C HIS C 173 27.18 -18.47 -13.08
N ARG C 174 28.06 -18.25 -12.10
CA ARG C 174 29.47 -18.66 -12.26
C ARG C 174 29.60 -20.17 -12.35
N LEU C 175 28.82 -20.91 -11.54
CA LEU C 175 28.83 -22.38 -11.59
C LEU C 175 28.36 -22.90 -12.95
N LEU C 176 27.28 -22.31 -13.49
CA LEU C 176 26.75 -22.78 -14.76
C LEU C 176 27.71 -22.50 -15.91
N ASP C 177 28.47 -21.42 -15.84
CA ASP C 177 29.48 -21.19 -16.89
C ASP C 177 30.58 -22.21 -16.80
N MET C 178 31.05 -22.53 -15.60
CA MET C 178 32.05 -23.56 -15.44
C MET C 178 31.53 -24.91 -15.93
N LEU C 179 30.28 -25.22 -15.62
CA LEU C 179 29.71 -26.49 -16.08
C LEU C 179 29.69 -26.54 -17.61
N LYS C 180 29.21 -25.47 -18.26
CA LYS C 180 29.20 -25.43 -19.71
C LYS C 180 30.60 -25.56 -20.28
N ASN C 181 31.60 -24.98 -19.58
CA ASN C 181 32.98 -25.04 -20.06
C ASN C 181 33.68 -26.33 -19.70
N GLY C 182 33.03 -27.21 -18.93
CA GLY C 182 33.69 -28.42 -18.47
C GLY C 182 34.74 -28.20 -17.41
N THR C 183 34.74 -27.07 -16.72
CA THR C 183 35.74 -26.77 -15.69
C THR C 183 35.22 -26.96 -14.26
N LEU C 184 33.94 -27.21 -14.07
CA LEU C 184 33.41 -27.50 -12.73
C LEU C 184 33.80 -28.92 -12.34
N LYS C 185 34.43 -29.09 -11.17
CA LYS C 185 34.99 -30.38 -10.79
C LYS C 185 34.12 -31.20 -9.85
N VAL C 186 33.18 -30.58 -9.16
CA VAL C 186 32.34 -31.27 -8.19
C VAL C 186 30.89 -30.83 -8.47
N PRO C 187 29.89 -31.65 -8.18
CA PRO C 187 28.50 -31.23 -8.38
C PRO C 187 28.11 -30.10 -7.43
N ALA C 188 27.07 -29.37 -7.80
CA ALA C 188 26.58 -28.29 -6.95
C ALA C 188 25.06 -28.34 -6.82
N ILE C 189 24.57 -27.81 -5.71
CA ILE C 189 23.15 -27.51 -5.57
C ILE C 189 22.98 -26.00 -5.60
N ASN C 190 22.16 -25.56 -6.55
CA ASN C 190 21.68 -24.20 -6.65
C ASN C 190 20.68 -23.95 -5.53
N VAL C 191 21.15 -23.43 -4.38
CA VAL C 191 20.23 -23.17 -3.27
C VAL C 191 19.38 -21.95 -3.56
N ASN C 192 19.88 -21.05 -4.42
CA ASN C 192 19.18 -19.80 -4.71
C ASN C 192 17.78 -20.05 -5.28
N ASP C 193 17.62 -21.05 -6.14
CA ASP C 193 16.36 -21.18 -6.85
C ASP C 193 15.34 -22.11 -6.17
N SER C 194 15.57 -22.50 -4.92
CA SER C 194 14.42 -22.92 -4.11
C SER C 194 13.48 -21.73 -3.95
N VAL C 195 12.16 -21.99 -4.03
CA VAL C 195 11.22 -20.87 -3.88
C VAL C 195 11.37 -20.25 -2.50
N THR C 196 11.61 -21.10 -1.48
CA THR C 196 11.78 -20.57 -0.13
C THR C 196 13.11 -19.86 0.05
N LYS C 197 13.90 -19.76 -1.01
CA LYS C 197 15.08 -18.90 -1.02
C LYS C 197 14.82 -17.72 -1.96
N SER C 198 14.79 -17.95 -3.28
CA SER C 198 14.71 -16.88 -4.25
C SER C 198 13.54 -15.92 -3.98
N LYS C 199 12.34 -16.47 -3.77
CA LYS C 199 11.11 -15.70 -3.62
CA LYS C 199 11.15 -15.64 -3.64
C LYS C 199 10.84 -15.31 -2.20
N ASN C 200 11.85 -15.38 -1.33
CA ASN C 200 11.69 -15.06 0.08
C ASN C 200 12.86 -14.16 0.49
N ASP C 201 14.07 -14.71 0.40
CA ASP C 201 15.31 -13.99 0.65
C ASP C 201 15.54 -12.87 -0.39
N ASN C 202 15.71 -13.24 -1.67
CA ASN C 202 16.10 -12.24 -2.67
C ASN C 202 15.10 -11.08 -2.73
N LYS C 203 13.80 -11.38 -2.64
CA LYS C 203 12.77 -10.33 -2.70
C LYS C 203 12.43 -9.74 -1.32
N TYR C 204 11.80 -10.53 -0.45
CA TYR C 204 11.31 -9.94 0.80
C TYR C 204 12.43 -9.52 1.75
N GLY C 205 13.59 -10.18 1.66
CA GLY C 205 14.72 -9.77 2.49
C GLY C 205 15.19 -8.37 2.13
N CYS C 206 15.26 -8.09 0.82
CA CYS C 206 15.65 -6.74 0.42
C CYS C 206 14.57 -5.71 0.76
N ARG C 207 13.30 -6.12 0.76
CA ARG C 207 12.22 -5.22 1.15
CA ARG C 207 12.22 -5.22 1.15
C ARG C 207 12.42 -4.76 2.60
N HIS C 208 12.77 -5.70 3.49
CA HIS C 208 13.02 -5.36 4.90
C HIS C 208 14.29 -4.54 5.06
N SER C 209 15.37 -4.91 4.35
CA SER C 209 16.70 -4.44 4.73
C SER C 209 17.25 -3.28 3.87
N LEU C 210 16.71 -2.99 2.68
CA LEU C 210 17.21 -1.85 1.91
C LEU C 210 16.89 -0.52 2.60
N ASN C 211 15.61 -0.26 2.88
CA ASN C 211 15.31 1.01 3.53
CA ASN C 211 15.28 1.00 3.54
C ASN C 211 15.92 1.06 4.93
N ASP C 212 16.09 -0.10 5.57
CA ASP C 212 16.80 -0.20 6.85
C ASP C 212 18.21 0.39 6.76
N ALA C 213 19.01 -0.11 5.81
CA ALA C 213 20.38 0.37 5.65
C ALA C 213 20.43 1.85 5.26
N ILE C 214 19.52 2.31 4.41
CA ILE C 214 19.57 3.72 4.01
C ILE C 214 19.25 4.60 5.22
N LYS C 215 18.30 4.19 6.07
CA LYS C 215 18.01 5.00 7.25
C LYS C 215 19.20 5.00 8.21
N ARG C 216 19.79 3.83 8.49
CA ARG C 216 20.93 3.80 9.39
C ARG C 216 22.08 4.66 8.87
N GLY C 217 22.35 4.61 7.57
CA GLY C 217 23.52 5.31 7.05
C GLY C 217 23.32 6.82 6.96
N THR C 218 22.12 7.26 6.58
CA THR C 218 21.87 8.67 6.28
C THR C 218 20.82 9.31 7.18
N ASP C 219 19.90 8.51 7.74
CA ASP C 219 18.72 9.01 8.45
C ASP C 219 17.89 9.93 7.57
N HIS C 220 17.97 9.74 6.24
CA HIS C 220 17.18 10.58 5.33
C HIS C 220 15.72 10.20 5.36
N LEU C 221 14.84 11.20 5.43
CA LEU C 221 13.46 11.00 4.99
C LEU C 221 13.43 10.44 3.57
N LEU C 222 12.69 9.35 3.38
CA LEU C 222 12.50 8.83 2.03
C LEU C 222 11.19 9.26 1.38
N SER C 223 10.12 9.40 2.17
CA SER C 223 8.80 9.82 1.68
C SER C 223 8.91 11.08 0.82
N GLY C 224 8.27 11.06 -0.34
CA GLY C 224 8.20 12.22 -1.20
C GLY C 224 9.40 12.44 -2.11
N LYS C 225 10.46 11.66 -1.95
CA LYS C 225 11.64 11.84 -2.78
C LYS C 225 11.60 10.84 -3.94
N GLN C 226 12.48 11.06 -4.90
CA GLN C 226 12.53 10.32 -6.16
C GLN C 226 13.65 9.29 -6.12
N ALA C 227 13.33 8.05 -6.46
CA ALA C 227 14.32 6.98 -6.50
C ALA C 227 14.37 6.39 -7.90
N LEU C 228 15.55 5.89 -8.26
CA LEU C 228 15.74 5.12 -9.49
C LEU C 228 16.31 3.77 -9.09
N VAL C 229 15.57 2.71 -9.34
CA VAL C 229 16.03 1.36 -9.04
C VAL C 229 16.46 0.72 -10.37
N ILE C 230 17.73 0.32 -10.46
CA ILE C 230 18.25 -0.30 -11.67
C ILE C 230 18.07 -1.80 -11.50
N GLY C 231 17.14 -2.37 -12.27
CA GLY C 231 16.87 -3.79 -12.21
C GLY C 231 15.54 -4.08 -11.53
N TYR C 232 14.88 -5.14 -11.98
CA TYR C 232 13.58 -5.50 -11.43
C TYR C 232 13.43 -7.02 -11.42
N GLY C 233 14.54 -7.71 -11.11
CA GLY C 233 14.52 -9.14 -10.80
C GLY C 233 14.03 -9.30 -9.39
N ASP C 234 14.46 -10.36 -8.71
CA ASP C 234 13.96 -10.58 -7.36
C ASP C 234 14.43 -9.46 -6.41
N VAL C 235 15.72 -9.12 -6.49
CA VAL C 235 16.25 -8.07 -5.63
C VAL C 235 15.66 -6.70 -6.00
N GLY C 236 15.56 -6.40 -7.30
CA GLY C 236 14.99 -5.12 -7.69
C GLY C 236 13.52 -5.02 -7.32
N LYS C 237 12.78 -6.13 -7.42
CA LYS C 237 11.39 -6.14 -6.98
C LYS C 237 11.28 -5.81 -5.50
N GLY C 238 12.07 -6.49 -4.67
CA GLY C 238 12.01 -6.24 -3.24
C GLY C 238 12.50 -4.86 -2.88
N SER C 239 13.54 -4.41 -3.57
CA SER C 239 14.11 -3.07 -3.33
C SER C 239 13.13 -1.97 -3.69
N SER C 240 12.49 -2.09 -4.86
CA SER C 240 11.49 -1.10 -5.27
C SER C 240 10.36 -1.00 -4.24
N GLN C 241 9.92 -2.14 -3.73
CA GLN C 241 8.87 -2.13 -2.72
CA GLN C 241 8.88 -2.13 -2.71
C GLN C 241 9.39 -1.54 -1.40
N SER C 242 10.63 -1.84 -1.02
CA SER C 242 11.22 -1.23 0.17
C SER C 242 11.14 0.30 0.13
N LEU C 243 11.33 0.88 -1.05
CA LEU C 243 11.30 2.33 -1.18
C LEU C 243 9.87 2.82 -1.36
N ARG C 244 9.08 2.16 -2.21
CA ARG C 244 7.70 2.62 -2.45
C ARG C 244 6.88 2.59 -1.15
N GLN C 245 7.06 1.57 -0.31
CA GLN C 245 6.26 1.50 0.91
C GLN C 245 6.61 2.62 1.88
N GLU C 246 7.79 3.22 1.73
CA GLU C 246 8.17 4.39 2.51
C GLU C 246 7.63 5.70 1.93
N GLY C 247 6.92 5.65 0.81
CA GLY C 247 6.42 6.83 0.14
C GLY C 247 7.37 7.45 -0.90
N MET C 248 8.39 6.73 -1.32
CA MET C 248 9.23 7.27 -2.39
C MET C 248 8.49 7.20 -3.71
N ILE C 249 8.81 8.11 -4.62
CA ILE C 249 8.37 8.02 -6.02
C ILE C 249 9.45 7.24 -6.76
N VAL C 250 9.15 5.99 -7.10
CA VAL C 250 10.15 5.04 -7.58
C VAL C 250 10.01 4.87 -9.08
N LYS C 251 11.12 5.07 -9.81
CA LYS C 251 11.21 4.72 -11.21
C LYS C 251 12.11 3.49 -11.36
N VAL C 252 11.85 2.68 -12.36
CA VAL C 252 12.53 1.39 -12.51
C VAL C 252 13.20 1.32 -13.88
N ALA C 253 14.43 0.82 -13.93
CA ALA C 253 15.09 0.53 -15.19
C ALA C 253 15.28 -0.97 -15.35
N GLU C 254 15.17 -1.44 -16.60
CA GLU C 254 15.33 -2.85 -16.89
C GLU C 254 15.83 -3.01 -18.32
N VAL C 255 16.55 -4.10 -18.54
CA VAL C 255 16.82 -4.58 -19.90
C VAL C 255 15.86 -5.71 -20.29
N ASP C 256 15.20 -6.33 -19.31
CA ASP C 256 14.32 -7.47 -19.58
C ASP C 256 12.89 -6.96 -19.72
N PRO C 257 12.27 -7.07 -20.91
CA PRO C 257 10.93 -6.48 -21.07
C PRO C 257 9.87 -7.16 -20.24
N ILE C 258 10.06 -8.44 -19.88
CA ILE C 258 9.09 -9.09 -19.01
C ILE C 258 9.17 -8.51 -17.59
N CYS C 259 10.38 -8.38 -17.04
CA CYS C 259 10.52 -7.72 -15.74
C CYS C 259 10.01 -6.28 -15.80
N ALA C 260 10.26 -5.59 -16.90
CA ALA C 260 9.76 -4.22 -17.07
C ALA C 260 8.23 -4.21 -17.09
N MET C 261 7.63 -5.20 -17.75
N MET C 261 7.63 -5.20 -17.75
CA MET C 261 6.17 -5.29 -17.73
CA MET C 261 6.16 -5.28 -17.74
C MET C 261 5.65 -5.44 -16.31
C MET C 261 5.65 -5.44 -16.31
N GLN C 262 6.30 -6.29 -15.51
CA GLN C 262 5.89 -6.44 -14.11
C GLN C 262 5.99 -5.11 -13.36
N ALA C 263 7.06 -4.36 -13.60
CA ALA C 263 7.22 -3.08 -12.92
C ALA C 263 6.08 -2.13 -13.28
N CYS C 264 5.70 -2.06 -14.57
CA CYS C 264 4.57 -1.23 -14.94
C CYS C 264 3.32 -1.68 -14.21
N MET C 265 3.01 -2.97 -14.27
CA MET C 265 1.77 -3.45 -13.65
C MET C 265 1.81 -3.25 -12.14
N ASP C 266 3.00 -3.26 -11.55
CA ASP C 266 3.13 -3.02 -10.11
C ASP C 266 3.02 -1.54 -9.74
N GLY C 267 2.93 -0.64 -10.71
CA GLY C 267 2.70 0.75 -10.41
C GLY C 267 3.90 1.65 -10.49
N PHE C 268 4.92 1.26 -11.24
CA PHE C 268 6.15 2.03 -11.40
C PHE C 268 6.26 2.51 -12.84
N GLU C 269 6.81 3.72 -13.00
CA GLU C 269 7.22 4.22 -14.30
C GLU C 269 8.52 3.53 -14.69
N VAL C 270 8.61 3.04 -15.92
CA VAL C 270 9.83 2.38 -16.39
C VAL C 270 10.58 3.33 -17.32
N VAL C 271 11.82 3.64 -16.95
CA VAL C 271 12.65 4.66 -17.58
C VAL C 271 14.04 4.09 -17.77
N SER C 272 14.80 4.72 -18.68
CA SER C 272 16.20 4.39 -18.88
C SER C 272 17.07 5.59 -18.54
N PRO C 273 18.23 5.37 -17.90
CA PRO C 273 19.20 6.48 -17.75
C PRO C 273 19.66 7.07 -19.06
N TYR C 274 19.53 6.31 -20.17
CA TYR C 274 20.01 6.73 -21.49
C TYR C 274 18.85 7.09 -22.40
N LYS C 275 19.06 8.10 -23.24
CA LYS C 275 18.04 8.49 -24.20
C LYS C 275 17.71 7.33 -25.11
N ASN C 276 16.43 6.99 -25.19
CA ASN C 276 15.94 5.86 -25.96
C ASN C 276 16.55 4.54 -25.48
N GLY C 277 17.05 4.52 -24.25
CA GLY C 277 17.69 3.33 -23.72
C GLY C 277 18.98 2.92 -24.38
N ILE C 278 19.61 3.79 -25.17
CA ILE C 278 20.82 3.45 -25.94
C ILE C 278 22.06 3.97 -25.21
N ASN C 279 22.86 3.03 -24.68
CA ASN C 279 24.06 3.30 -23.88
C ASN C 279 25.28 3.24 -24.80
N ASP C 280 25.54 4.33 -25.52
CA ASP C 280 26.66 4.38 -26.43
C ASP C 280 27.95 4.89 -25.79
N GLY C 281 27.99 5.04 -24.46
CA GLY C 281 29.19 5.50 -23.80
C GLY C 281 29.47 6.99 -23.85
N THR C 282 28.58 7.80 -24.42
CA THR C 282 28.77 9.25 -24.53
C THR C 282 27.99 9.98 -23.45
N GLU C 283 28.49 11.17 -23.07
CA GLU C 283 27.74 11.99 -22.13
C GLU C 283 26.41 12.42 -22.72
N ALA C 284 26.39 12.67 -24.03
CA ALA C 284 25.18 13.12 -24.70
C ALA C 284 24.08 12.08 -24.62
N SER C 285 24.43 10.81 -24.42
CA SER C 285 23.41 9.77 -24.31
C SER C 285 22.71 9.77 -22.96
N ILE C 286 23.25 10.46 -21.95
CA ILE C 286 22.60 10.47 -20.64
C ILE C 286 21.34 11.33 -20.68
N ASP C 287 20.25 10.81 -20.11
CA ASP C 287 19.03 11.59 -19.88
C ASP C 287 19.28 12.44 -18.64
N ALA C 288 19.90 13.61 -18.89
CA ALA C 288 20.34 14.48 -17.81
C ALA C 288 19.16 15.05 -17.04
N ALA C 289 18.05 15.33 -17.73
CA ALA C 289 16.86 15.85 -17.05
C ALA C 289 16.31 14.83 -16.06
N LEU C 290 16.30 13.55 -16.45
CA LEU C 290 15.85 12.50 -15.55
C LEU C 290 16.80 12.32 -14.37
N LEU C 291 18.10 12.17 -14.64
CA LEU C 291 19.03 11.92 -13.54
C LEU C 291 19.16 13.13 -12.62
N GLY C 292 18.98 14.35 -13.14
CA GLY C 292 19.04 15.53 -12.30
C GLY C 292 17.90 15.67 -11.32
N LYS C 293 16.93 14.74 -11.35
CA LYS C 293 15.78 14.74 -10.46
C LYS C 293 15.84 13.61 -9.45
N ILE C 294 16.85 12.75 -9.50
CA ILE C 294 16.87 11.54 -8.71
C ILE C 294 17.60 11.80 -7.39
N ASP C 295 16.93 11.49 -6.27
CA ASP C 295 17.51 11.63 -4.95
C ASP C 295 18.21 10.37 -4.45
N LEU C 296 17.96 9.23 -5.08
CA LEU C 296 18.45 7.95 -4.61
C LEU C 296 18.50 6.99 -5.80
N ILE C 297 19.65 6.37 -6.02
CA ILE C 297 19.76 5.32 -7.02
C ILE C 297 20.28 4.06 -6.33
N VAL C 298 19.65 2.92 -6.64
CA VAL C 298 19.98 1.62 -6.07
C VAL C 298 20.17 0.65 -7.23
N THR C 299 21.33 0.00 -7.27
CA THR C 299 21.64 -1.03 -8.27
C THR C 299 21.33 -2.43 -7.72
N THR C 300 20.67 -3.26 -8.54
CA THR C 300 20.17 -4.56 -8.08
C THR C 300 20.44 -5.67 -9.10
N THR C 301 21.39 -5.50 -10.04
CA THR C 301 21.35 -6.29 -11.27
C THR C 301 22.20 -7.56 -11.26
N GLY C 302 23.30 -7.62 -10.49
CA GLY C 302 24.35 -8.61 -10.72
C GLY C 302 25.16 -8.42 -11.99
N ASN C 303 24.99 -7.27 -12.66
CA ASN C 303 25.66 -6.91 -13.91
C ASN C 303 26.74 -5.88 -13.59
N VAL C 304 27.48 -5.45 -14.62
CA VAL C 304 28.64 -4.57 -14.45
C VAL C 304 28.31 -3.17 -14.96
N ASN C 305 28.68 -2.16 -14.18
CA ASN C 305 28.65 -0.76 -14.62
C ASN C 305 27.25 -0.31 -15.08
N VAL C 306 26.24 -0.62 -14.25
CA VAL C 306 24.87 -0.18 -14.54
C VAL C 306 24.57 1.18 -13.92
N CYS C 307 25.45 1.69 -13.06
CA CYS C 307 25.46 3.09 -12.63
C CYS C 307 26.84 3.64 -12.98
N ASP C 308 26.99 4.21 -14.18
CA ASP C 308 28.31 4.46 -14.75
C ASP C 308 28.78 5.90 -14.47
N ALA C 309 29.98 6.23 -14.96
CA ALA C 309 30.58 7.52 -14.67
C ALA C 309 29.68 8.67 -15.11
N ASN C 310 29.12 8.57 -16.33
CA ASN C 310 28.32 9.66 -16.86
C ASN C 310 27.01 9.81 -16.09
N MET C 311 26.45 8.69 -15.62
CA MET C 311 25.29 8.76 -14.75
C MET C 311 25.65 9.45 -13.44
N LEU C 312 26.80 9.09 -12.87
CA LEU C 312 27.25 9.71 -11.62
C LEU C 312 27.46 11.21 -11.81
N LYS C 313 27.97 11.61 -12.98
CA LYS C 313 28.18 13.02 -13.26
C LYS C 313 26.87 13.78 -13.32
N ALA C 314 25.82 13.14 -13.82
CA ALA C 314 24.54 13.78 -14.11
C ALA C 314 23.57 13.79 -12.93
N LEU C 315 23.85 13.04 -11.88
CA LEU C 315 22.92 12.88 -10.77
C LEU C 315 22.75 14.20 -10.00
N LYS C 316 21.51 14.39 -9.54
CA LYS C 316 21.16 15.48 -8.64
C LYS C 316 22.19 15.64 -7.52
N LYS C 317 22.57 16.89 -7.24
CA LYS C 317 23.41 17.15 -6.09
C LYS C 317 22.81 16.51 -4.85
N ARG C 318 23.69 15.93 -4.02
CA ARG C 318 23.37 15.32 -2.73
C ARG C 318 22.52 14.06 -2.85
N ALA C 319 22.45 13.47 -4.04
CA ALA C 319 21.82 12.14 -4.20
C ALA C 319 22.61 11.07 -3.44
N VAL C 320 21.88 10.01 -3.02
CA VAL C 320 22.46 8.84 -2.38
C VAL C 320 22.62 7.75 -3.44
N VAL C 321 23.76 7.09 -3.42
CA VAL C 321 24.14 6.06 -4.37
C VAL C 321 24.47 4.80 -3.60
N CYS C 322 23.78 3.69 -3.91
CA CYS C 322 24.15 2.44 -3.25
C CYS C 322 23.87 1.26 -4.17
N ASN C 323 24.41 0.13 -3.77
CA ASN C 323 24.31 -1.13 -4.51
C ASN C 323 23.87 -2.23 -3.56
N ILE C 324 22.91 -3.04 -3.99
CA ILE C 324 22.47 -4.18 -3.21
C ILE C 324 22.62 -5.49 -4.00
N GLY C 325 23.25 -5.44 -5.18
CA GLY C 325 23.72 -6.64 -5.84
C GLY C 325 25.01 -7.15 -5.18
N HIS C 326 25.45 -8.33 -5.60
CA HIS C 326 26.50 -9.03 -4.86
C HIS C 326 27.82 -8.29 -4.88
N PHE C 327 28.21 -7.72 -6.04
CA PHE C 327 29.54 -7.15 -6.21
C PHE C 327 29.45 -5.65 -6.43
N ASP C 328 30.51 -4.94 -6.00
CA ASP C 328 30.49 -3.48 -6.07
C ASP C 328 30.72 -2.92 -7.46
N ASN C 329 31.05 -3.74 -8.44
CA ASN C 329 31.28 -3.19 -9.77
C ASN C 329 30.00 -2.82 -10.49
N GLU C 330 28.84 -2.92 -9.84
CA GLU C 330 27.61 -2.36 -10.44
C GLU C 330 27.71 -0.85 -10.58
N ILE C 331 28.40 -0.19 -9.67
CA ILE C 331 28.65 1.25 -9.73
C ILE C 331 30.09 1.47 -10.10
N ASP C 332 30.37 2.50 -10.92
CA ASP C 332 31.75 2.82 -11.28
C ASP C 332 32.38 3.63 -10.15
N THR C 333 32.60 2.94 -9.02
CA THR C 333 33.30 3.59 -7.92
C THR C 333 34.78 3.83 -8.23
N ALA C 334 35.37 3.08 -9.16
CA ALA C 334 36.76 3.37 -9.52
C ALA C 334 36.87 4.75 -10.17
N PHE C 335 35.91 5.10 -11.03
CA PHE C 335 35.87 6.45 -11.58
C PHE C 335 35.85 7.49 -10.46
N MET C 336 35.05 7.24 -9.42
CA MET C 336 34.93 8.22 -8.34
C MET C 336 36.19 8.28 -7.47
N ARG C 337 36.88 7.14 -7.28
CA ARG C 337 38.15 7.18 -6.56
C ARG C 337 39.19 7.96 -7.35
N LYS C 338 39.15 7.86 -8.68
CA LYS C 338 40.19 8.49 -9.49
C LYS C 338 40.01 10.01 -9.57
N ASN C 339 38.77 10.49 -9.50
CA ASN C 339 38.48 11.87 -9.90
C ASN C 339 37.94 12.77 -8.79
N TRP C 340 37.35 12.22 -7.75
CA TRP C 340 36.60 13.00 -6.78
C TRP C 340 37.13 12.74 -5.38
N ALA C 341 36.98 13.73 -4.49
CA ALA C 341 37.52 13.64 -3.14
C ALA C 341 36.48 12.99 -2.23
N TRP C 342 36.91 12.01 -1.42
CA TRP C 342 36.00 11.29 -0.53
C TRP C 342 36.08 11.84 0.88
N GLU C 343 34.95 12.16 1.47
CA GLU C 343 34.88 12.63 2.85
C GLU C 343 34.07 11.62 3.65
N GLU C 344 34.71 10.92 4.58
CA GLU C 344 33.99 9.95 5.37
C GLU C 344 33.09 10.68 6.35
N VAL C 345 31.79 10.36 6.31
CA VAL C 345 30.86 10.91 7.30
C VAL C 345 30.96 10.11 8.58
N LYS C 346 30.85 8.80 8.44
CA LYS C 346 31.07 7.81 9.47
C LYS C 346 31.37 6.49 8.75
N PRO C 347 31.69 5.41 9.47
CA PRO C 347 32.00 4.15 8.78
C PRO C 347 30.93 3.77 7.76
N GLN C 348 31.38 3.39 6.55
CA GLN C 348 30.53 2.98 5.43
C GLN C 348 29.62 4.11 4.92
N VAL C 349 29.94 5.38 5.16
CA VAL C 349 29.16 6.49 4.63
C VAL C 349 30.16 7.56 4.19
N HIS C 350 30.27 7.79 2.89
CA HIS C 350 31.17 8.81 2.34
C HIS C 350 30.42 9.83 1.51
N LYS C 351 30.80 11.09 1.69
CA LYS C 351 30.45 12.14 0.77
C LYS C 351 31.51 12.20 -0.32
N ILE C 352 31.07 12.20 -1.56
CA ILE C 352 31.97 12.19 -2.71
C ILE C 352 31.80 13.54 -3.40
N HIS C 353 32.84 14.37 -3.28
CA HIS C 353 32.78 15.76 -3.72
C HIS C 353 33.16 15.82 -5.19
N ARG C 354 32.21 16.23 -6.04
CA ARG C 354 32.42 16.25 -7.47
C ARG C 354 33.17 17.50 -7.94
N THR C 355 33.71 18.29 -7.01
CA THR C 355 34.48 19.49 -7.32
C THR C 355 35.95 19.22 -7.61
N GLY C 356 36.45 18.03 -7.32
CA GLY C 356 37.82 17.71 -7.61
C GLY C 356 38.33 16.60 -6.72
N LYS C 357 39.60 16.25 -6.96
CA LYS C 357 40.31 15.12 -6.37
C LYS C 357 41.02 15.47 -5.05
N ASP C 358 41.65 16.64 -4.97
CA ASP C 358 42.51 17.00 -3.83
C ASP C 358 41.74 17.90 -2.88
N GLY C 359 41.28 17.35 -1.78
CA GLY C 359 40.59 18.17 -0.80
C GLY C 359 39.24 18.63 -1.28
N PHE C 360 38.50 19.25 -0.37
CA PHE C 360 37.13 19.65 -0.64
C PHE C 360 36.81 20.80 0.30
N ASP C 361 35.85 21.62 -0.11
CA ASP C 361 35.26 22.55 0.83
C ASP C 361 34.34 21.75 1.74
N ALA C 362 34.54 21.88 3.06
CA ALA C 362 33.67 21.18 4.00
C ALA C 362 32.20 21.55 3.82
N HIS C 363 31.94 22.73 3.25
CA HIS C 363 30.58 23.21 3.04
C HIS C 363 30.17 23.14 1.56
N ASN C 364 30.94 22.43 0.73
CA ASN C 364 30.57 22.22 -0.67
C ASN C 364 29.19 21.56 -0.76
N ASP C 365 28.37 22.04 -1.70
CA ASP C 365 27.04 21.49 -1.93
C ASP C 365 27.02 20.42 -3.00
N ASP C 366 28.06 20.33 -3.83
CA ASP C 366 28.06 19.42 -4.97
C ASP C 366 28.75 18.12 -4.56
N TYR C 367 28.00 17.24 -3.90
CA TYR C 367 28.49 15.91 -3.53
C TYR C 367 27.37 14.89 -3.66
N LEU C 368 27.77 13.62 -3.77
CA LEU C 368 26.90 12.46 -3.64
C LEU C 368 27.22 11.75 -2.34
N ILE C 369 26.27 10.97 -1.82
CA ILE C 369 26.52 10.15 -0.65
C ILE C 369 26.58 8.70 -1.13
N LEU C 370 27.71 8.05 -0.91
CA LEU C 370 27.89 6.64 -1.27
C LEU C 370 27.82 5.81 0.00
N LEU C 371 27.04 4.73 -0.04
CA LEU C 371 26.88 3.83 1.09
C LEU C 371 27.73 2.59 0.86
N ALA C 372 28.46 2.18 1.91
CA ALA C 372 29.21 0.92 1.95
C ALA C 372 30.26 0.82 0.85
N GLU C 373 30.74 1.99 0.37
CA GLU C 373 31.70 2.06 -0.73
C GLU C 373 31.24 1.23 -1.93
N GLY C 374 29.92 1.15 -2.12
CA GLY C 374 29.35 0.40 -3.22
C GLY C 374 29.18 -1.09 -3.01
N ARG C 375 29.58 -1.62 -1.86
CA ARG C 375 29.35 -3.03 -1.55
C ARG C 375 27.91 -3.20 -1.05
N LEU C 376 27.43 -4.46 -1.07
CA LEU C 376 26.06 -4.81 -0.64
C LEU C 376 25.59 -3.96 0.51
N VAL C 377 24.62 -3.05 0.27
CA VAL C 377 24.33 -2.00 1.24
C VAL C 377 23.54 -2.52 2.44
N ASN C 378 22.65 -3.51 2.24
CA ASN C 378 21.86 -3.98 3.37
C ASN C 378 22.76 -4.61 4.43
N LEU C 379 23.75 -5.39 4.00
CA LEU C 379 24.71 -5.96 4.95
C LEU C 379 25.77 -4.94 5.39
N GLY C 380 26.13 -3.98 4.52
CA GLY C 380 27.22 -3.09 4.89
C GLY C 380 26.81 -1.99 5.85
N ASN C 381 25.58 -1.48 5.70
CA ASN C 381 25.09 -0.38 6.52
C ASN C 381 24.03 -0.79 7.54
N ALA C 382 23.55 -2.03 7.46
CA ALA C 382 22.63 -2.52 8.47
C ALA C 382 23.02 -3.97 8.78
N THR C 383 22.07 -4.91 8.89
CA THR C 383 22.43 -6.27 9.29
C THR C 383 21.94 -7.30 8.28
N GLY C 384 21.67 -6.88 7.04
CA GLY C 384 21.15 -7.81 6.04
C GLY C 384 19.71 -8.25 6.38
N HIS C 385 19.34 -9.41 5.83
CA HIS C 385 17.99 -9.90 5.99
C HIS C 385 17.74 -10.35 7.44
N PRO C 386 16.49 -10.30 7.90
CA PRO C 386 16.17 -10.75 9.26
C PRO C 386 16.17 -12.26 9.37
N SER C 387 16.35 -12.73 10.62
CA SER C 387 16.50 -14.17 10.88
C SER C 387 15.34 -14.97 10.29
N ARG C 388 14.10 -14.47 10.41
CA ARG C 388 12.94 -15.28 10.00
C ARG C 388 12.88 -15.45 8.49
N ILE C 389 13.47 -14.53 7.72
CA ILE C 389 13.61 -14.75 6.28
C ILE C 389 14.79 -15.67 6.00
N MET C 390 15.93 -15.46 6.66
CA MET C 390 17.10 -16.29 6.42
C MET C 390 16.87 -17.73 6.83
N ASP C 391 15.88 -17.97 7.70
CA ASP C 391 15.46 -19.30 8.06
C ASP C 391 15.19 -20.16 6.83
N GLY C 392 14.47 -19.61 5.85
CA GLY C 392 14.19 -20.37 4.63
C GLY C 392 15.46 -20.69 3.86
N SER C 393 16.28 -19.67 3.61
CA SER C 393 17.51 -19.89 2.84
C SER C 393 18.38 -20.93 3.53
N PHE C 394 18.48 -20.86 4.83
CA PHE C 394 19.47 -21.67 5.47
C PHE C 394 18.96 -23.06 5.81
N ALA C 395 17.64 -23.25 5.90
CA ALA C 395 17.10 -24.60 5.92
C ALA C 395 17.39 -25.32 4.59
N ASN C 396 17.28 -24.60 3.48
CA ASN C 396 17.68 -25.19 2.19
C ASN C 396 19.17 -25.56 2.17
N GLN C 397 20.03 -24.67 2.68
CA GLN C 397 21.46 -24.96 2.74
C GLN C 397 21.73 -26.25 3.51
N VAL C 398 21.12 -26.41 4.68
CA VAL C 398 21.34 -27.63 5.48
C VAL C 398 20.92 -28.86 4.70
N LEU C 399 19.73 -28.82 4.11
CA LEU C 399 19.25 -29.95 3.31
C LEU C 399 20.17 -30.24 2.13
N ALA C 400 20.67 -29.17 1.48
CA ALA C 400 21.56 -29.32 0.33
C ALA C 400 22.87 -29.96 0.75
N GLN C 401 23.40 -29.55 1.90
CA GLN C 401 24.63 -30.13 2.41
C GLN C 401 24.45 -31.61 2.73
N ILE C 402 23.33 -31.95 3.39
CA ILE C 402 23.03 -33.35 3.69
C ILE C 402 22.99 -34.16 2.41
N HIS C 403 22.29 -33.66 1.39
CA HIS C 403 22.07 -34.44 0.19
C HIS C 403 23.39 -34.72 -0.53
N LEU C 404 24.20 -33.68 -0.74
CA LEU C 404 25.42 -33.86 -1.51
C LEU C 404 26.46 -34.64 -0.70
N PHE C 405 26.52 -34.42 0.62
CA PHE C 405 27.43 -35.19 1.45
C PHE C 405 27.06 -36.67 1.46
N GLU C 406 25.78 -36.99 1.55
CA GLU C 406 25.38 -38.39 1.54
C GLU C 406 25.53 -39.03 0.17
N GLN C 407 25.48 -38.23 -0.90
CA GLN C 407 25.71 -38.76 -2.24
C GLN C 407 27.15 -39.21 -2.45
N LYS C 408 28.10 -38.56 -1.76
CA LYS C 408 29.50 -38.99 -1.74
C LYS C 408 30.14 -39.01 -3.13
N TYR C 409 29.90 -37.94 -3.90
CA TYR C 409 30.40 -37.86 -5.27
C TYR C 409 31.89 -38.21 -5.39
N ALA C 410 32.74 -37.70 -4.49
CA ALA C 410 34.19 -37.92 -4.66
C ALA C 410 34.55 -39.39 -4.59
N ASP C 411 33.67 -40.23 -4.07
CA ASP C 411 33.98 -41.63 -3.88
C ASP C 411 33.35 -42.51 -4.94
N LEU C 412 32.63 -41.93 -5.90
CA LEU C 412 31.91 -42.77 -6.85
C LEU C 412 32.80 -43.12 -8.03
N PRO C 413 32.50 -44.23 -8.72
CA PRO C 413 33.21 -44.56 -9.95
C PRO C 413 32.97 -43.50 -11.03
N ALA C 414 33.87 -43.46 -12.02
CA ALA C 414 33.86 -42.41 -13.03
C ALA C 414 32.53 -42.34 -13.78
N ALA C 415 31.91 -43.48 -14.06
CA ALA C 415 30.65 -43.44 -14.79
C ALA C 415 29.55 -42.80 -13.94
N GLU C 416 29.56 -43.08 -12.65
CA GLU C 416 28.59 -42.46 -11.76
C GLU C 416 28.87 -40.98 -11.58
N LYS C 417 30.14 -40.60 -11.46
CA LYS C 417 30.50 -39.19 -11.36
C LYS C 417 29.98 -38.42 -12.57
N ALA C 418 30.17 -38.97 -13.78
CA ALA C 418 29.74 -38.26 -14.98
C ALA C 418 28.24 -38.07 -15.00
N LYS C 419 27.48 -39.02 -14.45
CA LYS C 419 26.02 -38.87 -14.41
C LYS C 419 25.57 -37.85 -13.38
N ARG C 420 26.37 -37.57 -12.35
CA ARG C 420 25.95 -36.72 -11.25
C ARG C 420 26.65 -35.37 -11.23
N LEU C 421 27.58 -35.13 -12.16
CA LEU C 421 28.27 -33.85 -12.23
C LEU C 421 27.35 -32.83 -12.89
N SER C 422 26.62 -32.10 -12.06
CA SER C 422 25.58 -31.20 -12.55
C SER C 422 25.36 -30.09 -11.53
N VAL C 423 24.52 -29.13 -11.90
CA VAL C 423 24.04 -28.08 -10.99
C VAL C 423 22.52 -28.25 -10.90
N GLU C 424 22.02 -28.67 -9.74
CA GLU C 424 20.62 -29.03 -9.54
C GLU C 424 20.03 -28.20 -8.41
N VAL C 425 18.69 -28.13 -8.40
CA VAL C 425 17.94 -27.60 -7.27
C VAL C 425 17.45 -28.76 -6.41
N LEU C 426 17.09 -28.43 -5.16
CA LEU C 426 16.46 -29.40 -4.29
C LEU C 426 15.07 -29.76 -4.84
N PRO C 427 14.62 -31.00 -4.61
CA PRO C 427 13.25 -31.39 -5.02
C PRO C 427 12.20 -30.51 -4.37
N LYS C 428 11.06 -30.34 -5.08
CA LYS C 428 10.01 -29.43 -4.62
C LYS C 428 9.41 -29.88 -3.29
N LYS C 429 9.39 -31.18 -3.04
CA LYS C 429 8.84 -31.66 -1.76
C LYS C 429 9.60 -31.06 -0.58
N LEU C 430 10.93 -30.91 -0.70
CA LEU C 430 11.69 -30.29 0.40
C LEU C 430 11.43 -28.79 0.48
N ASP C 431 11.35 -28.10 -0.67
CA ASP C 431 10.95 -26.68 -0.70
C ASP C 431 9.65 -26.49 0.07
N GLU C 432 8.67 -27.38 -0.14
CA GLU C 432 7.38 -27.29 0.55
C GLU C 432 7.54 -27.56 2.05
N GLU C 433 8.36 -28.53 2.41
CA GLU C 433 8.55 -28.81 3.82
C GLU C 433 9.22 -27.64 4.55
N VAL C 434 10.14 -26.94 3.89
CA VAL C 434 10.72 -25.73 4.50
C VAL C 434 9.64 -24.67 4.67
N ALA C 435 8.85 -24.46 3.61
CA ALA C 435 7.81 -23.45 3.63
C ALA C 435 6.81 -23.70 4.75
N LEU C 436 6.46 -24.97 4.95
CA LEU C 436 5.45 -25.31 5.95
C LEU C 436 5.91 -24.88 7.34
N GLU C 437 7.19 -25.14 7.64
CA GLU C 437 7.73 -24.70 8.93
C GLU C 437 7.73 -23.18 9.03
N MET C 438 8.03 -22.48 7.93
CA MET C 438 7.99 -21.00 7.97
C MET C 438 6.58 -20.51 8.26
N VAL C 439 5.57 -21.13 7.63
CA VAL C 439 4.18 -20.69 7.80
C VAL C 439 3.74 -20.93 9.25
N LYS C 440 4.05 -22.09 9.79
CA LYS C 440 3.78 -22.37 11.20
C LYS C 440 4.46 -21.35 12.11
N GLY C 441 5.67 -20.87 11.71
CA GLY C 441 6.36 -19.85 12.51
C GLY C 441 5.56 -18.57 12.66
N PHE C 442 4.75 -18.23 11.65
CA PHE C 442 3.85 -17.08 11.71
C PHE C 442 2.53 -17.40 12.41
N GLY C 443 2.30 -18.66 12.79
CA GLY C 443 1.01 -19.10 13.27
C GLY C 443 0.01 -19.35 12.19
N GLY C 444 0.44 -19.39 10.93
CA GLY C 444 -0.48 -19.73 9.86
C GLY C 444 -0.85 -21.21 9.92
N VAL C 445 -1.99 -21.55 9.33
CA VAL C 445 -2.47 -22.93 9.29
C VAL C 445 -2.73 -23.30 7.84
N VAL C 446 -2.04 -24.35 7.35
CA VAL C 446 -2.23 -24.82 5.97
C VAL C 446 -3.33 -25.86 5.99
N THR C 447 -4.27 -25.74 5.06
CA THR C 447 -5.38 -26.67 4.96
C THR C 447 -4.92 -27.95 4.26
N GLN C 448 -5.43 -29.09 4.73
CA GLN C 448 -5.18 -30.37 4.09
C GLN C 448 -6.27 -30.69 3.05
N LEU C 449 -5.86 -31.10 1.85
CA LEU C 449 -6.81 -31.52 0.83
C LEU C 449 -7.55 -32.75 1.28
N THR C 450 -8.82 -32.87 0.89
CA THR C 450 -9.49 -34.16 1.00
C THR C 450 -8.98 -35.09 -0.11
N PRO C 451 -9.11 -36.39 0.06
CA PRO C 451 -8.75 -37.30 -1.03
C PRO C 451 -9.37 -36.93 -2.37
N LYS C 452 -10.68 -36.60 -2.37
CA LYS C 452 -11.35 -36.24 -3.60
C LYS C 452 -10.77 -34.96 -4.20
N GLN C 453 -10.48 -33.96 -3.35
CA GLN C 453 -9.88 -32.75 -3.89
C GLN C 453 -8.48 -33.01 -4.46
N ALA C 454 -7.68 -33.81 -3.77
CA ALA C 454 -6.35 -34.13 -4.30
C ALA C 454 -6.48 -34.81 -5.66
N GLU C 455 -7.41 -35.74 -5.78
CA GLU C 455 -7.64 -36.42 -7.05
C GLU C 455 -8.10 -35.44 -8.13
N TYR C 456 -8.94 -34.48 -7.76
CA TYR C 456 -9.48 -33.51 -8.71
C TYR C 456 -8.38 -32.67 -9.35
N ILE C 457 -7.37 -32.25 -8.58
CA ILE C 457 -6.29 -31.44 -9.18
C ILE C 457 -5.04 -32.27 -9.50
N GLY C 458 -5.06 -33.57 -9.24
CA GLY C 458 -4.02 -34.47 -9.70
C GLY C 458 -2.77 -34.42 -8.86
N VAL C 459 -2.92 -34.29 -7.54
CA VAL C 459 -1.78 -34.23 -6.64
C VAL C 459 -2.00 -35.22 -5.51
N SER C 460 -0.93 -35.56 -4.81
CA SER C 460 -1.03 -36.28 -3.55
CA SER C 460 -1.00 -36.27 -3.55
C SER C 460 -1.41 -35.31 -2.43
N VAL C 461 -2.15 -35.84 -1.44
CA VAL C 461 -2.51 -35.05 -0.26
C VAL C 461 -1.25 -34.51 0.40
N GLU C 462 -0.16 -35.26 0.34
CA GLU C 462 1.11 -34.84 0.92
C GLU C 462 1.91 -33.92 0.02
N GLY C 463 1.46 -33.64 -1.20
CA GLY C 463 2.25 -32.84 -2.10
C GLY C 463 3.25 -33.74 -2.82
N PRO C 464 4.05 -33.17 -3.73
CA PRO C 464 4.13 -31.75 -4.12
C PRO C 464 2.81 -31.29 -4.73
N PHE C 465 2.49 -30.02 -4.54
CA PHE C 465 1.20 -29.49 -4.94
C PHE C 465 1.21 -28.84 -6.31
N LYS C 466 2.38 -28.61 -6.89
CA LYS C 466 2.55 -27.89 -8.15
C LYS C 466 3.48 -28.67 -9.06
N PRO C 467 3.33 -28.57 -10.37
CA PRO C 467 4.34 -29.12 -11.28
C PRO C 467 5.63 -28.31 -11.17
N ASP C 468 6.72 -28.93 -11.63
CA ASP C 468 8.01 -28.26 -11.59
C ASP C 468 8.04 -27.00 -12.47
N THR C 469 7.17 -26.92 -13.47
CA THR C 469 7.09 -25.71 -14.29
C THR C 469 6.57 -24.49 -13.51
N TYR C 470 5.99 -24.67 -12.33
CA TYR C 470 5.24 -23.57 -11.70
C TYR C 470 6.15 -22.45 -11.24
N ARG C 471 5.71 -21.19 -11.45
CA ARG C 471 6.54 -20.03 -11.16
C ARG C 471 6.20 -19.33 -9.84
N TYR C 472 5.06 -19.64 -9.23
CA TYR C 472 4.59 -18.95 -8.01
C TYR C 472 4.57 -17.43 -8.20
N GLY D 12 38.71 28.86 26.43
CA GLY D 12 38.60 27.69 27.27
C GLY D 12 37.19 27.45 27.79
N PHE D 13 36.29 27.05 26.89
CA PHE D 13 34.88 26.87 27.24
C PHE D 13 34.69 25.52 27.90
N THR D 14 34.13 25.53 29.12
CA THR D 14 33.84 24.29 29.84
C THR D 14 32.43 24.22 30.40
N ASP D 15 31.55 25.16 30.00
CA ASP D 15 30.18 25.25 30.52
C ASP D 15 29.26 24.28 29.74
N TYR D 16 29.52 22.99 29.93
CA TYR D 16 28.74 21.95 29.27
C TYR D 16 28.96 20.61 29.97
N LYS D 17 28.19 19.61 29.56
CA LYS D 17 28.46 18.22 29.97
C LYS D 17 27.90 17.29 28.90
N VAL D 18 28.77 16.56 28.22
CA VAL D 18 28.39 15.66 27.13
C VAL D 18 29.17 14.36 27.32
N ALA D 19 28.81 13.34 26.53
CA ALA D 19 29.47 12.04 26.70
C ALA D 19 30.93 12.10 26.29
N ASP D 20 31.24 12.76 25.19
CA ASP D 20 32.53 12.61 24.53
C ASP D 20 32.67 13.77 23.55
N ILE D 21 33.45 14.78 23.94
CA ILE D 21 33.66 15.96 23.13
C ILE D 21 34.39 15.63 21.83
N THR D 22 35.13 14.51 21.79
CA THR D 22 35.83 14.13 20.57
C THR D 22 34.89 13.71 19.45
N LEU D 23 33.59 13.57 19.72
CA LEU D 23 32.64 13.27 18.66
C LEU D 23 32.19 14.51 17.91
N ALA D 24 32.76 15.68 18.22
CA ALA D 24 32.19 16.91 17.68
C ALA D 24 32.39 17.01 16.18
N ALA D 25 33.56 16.59 15.67
CA ALA D 25 33.80 16.64 14.23
C ALA D 25 32.75 15.82 13.49
N TRP D 26 32.44 14.63 14.00
CA TRP D 26 31.41 13.80 13.39
C TRP D 26 30.05 14.46 13.46
N GLY D 27 29.70 15.03 14.61
CA GLY D 27 28.45 15.74 14.73
C GLY D 27 28.33 16.90 13.76
N ARG D 28 29.45 17.61 13.54
CA ARG D 28 29.42 18.75 12.62
C ARG D 28 29.21 18.31 11.19
N ARG D 29 29.83 17.20 10.79
CA ARG D 29 29.55 16.62 9.47
C ARG D 29 28.06 16.35 9.30
N GLU D 30 27.42 15.74 10.32
CA GLU D 30 26.01 15.41 10.19
C GLU D 30 25.13 16.67 10.23
N LEU D 31 25.56 17.71 10.95
CA LEU D 31 24.80 18.96 10.94
C LEU D 31 24.82 19.62 9.55
N ILE D 32 25.99 19.64 8.91
CA ILE D 32 26.10 20.19 7.56
C ILE D 32 25.17 19.47 6.59
N ILE D 33 25.13 18.12 6.66
CA ILE D 33 24.15 17.36 5.88
C ILE D 33 22.73 17.77 6.27
N ALA D 34 22.44 17.79 7.57
CA ALA D 34 21.09 18.08 8.03
C ALA D 34 20.63 19.46 7.54
N GLU D 35 21.53 20.43 7.50
CA GLU D 35 21.11 21.75 7.04
C GLU D 35 20.54 21.68 5.63
N SER D 36 21.14 20.85 4.77
CA SER D 36 20.64 20.69 3.40
C SER D 36 19.28 19.97 3.36
N GLU D 37 18.91 19.26 4.43
CA GLU D 37 17.60 18.61 4.54
C GLU D 37 16.54 19.48 5.21
N MET D 38 16.85 20.73 5.59
CA MET D 38 15.93 21.53 6.40
C MET D 38 15.75 22.91 5.80
N PRO D 39 15.09 23.01 4.63
CA PRO D 39 15.03 24.29 3.93
C PRO D 39 14.13 25.32 4.60
N ALA D 40 13.06 24.91 5.30
CA ALA D 40 12.21 25.89 5.99
C ALA D 40 12.99 26.55 7.12
N LEU D 41 13.68 25.72 7.92
CA LEU D 41 14.44 26.25 9.06
C LEU D 41 15.65 27.05 8.61
N MET D 42 16.42 26.50 7.65
N MET D 42 16.41 26.51 7.65
CA MET D 42 17.52 27.23 7.05
CA MET D 42 17.54 27.28 7.14
C MET D 42 17.05 28.53 6.44
C MET D 42 17.07 28.53 6.40
N GLY D 43 15.88 28.50 5.78
CA GLY D 43 15.37 29.71 5.15
C GLY D 43 15.05 30.81 6.14
N LEU D 44 14.47 30.44 7.28
CA LEU D 44 14.29 31.39 8.37
C LEU D 44 15.62 31.87 8.89
N ARG D 45 16.61 30.98 9.00
CA ARG D 45 17.91 31.41 9.50
C ARG D 45 18.48 32.52 8.62
N ARG D 46 18.38 32.34 7.29
CA ARG D 46 18.87 33.34 6.35
C ARG D 46 17.97 34.58 6.35
N LYS D 47 16.66 34.39 6.45
CA LYS D 47 15.73 35.52 6.38
C LYS D 47 15.90 36.49 7.55
N TYR D 48 16.04 35.97 8.76
CA TYR D 48 16.01 36.82 9.95
C TYR D 48 17.39 37.21 10.47
N ALA D 49 18.46 36.75 9.83
CA ALA D 49 19.81 37.02 10.34
C ALA D 49 20.11 38.51 10.36
N GLY D 50 19.73 39.26 9.31
CA GLY D 50 19.99 40.69 9.31
C GLY D 50 19.29 41.42 10.44
N GLN D 51 18.05 41.03 10.74
CA GLN D 51 17.25 41.76 11.73
C GLN D 51 17.66 41.41 13.17
N GLN D 52 18.24 40.22 13.39
CA GLN D 52 18.55 39.72 14.72
C GLN D 52 17.34 39.81 15.67
N PRO D 53 16.21 39.18 15.30
CA PRO D 53 14.99 39.31 16.12
C PRO D 53 15.14 38.78 17.53
N LEU D 54 16.10 37.88 17.78
CA LEU D 54 16.28 37.32 19.11
C LEU D 54 17.48 37.90 19.84
N LYS D 55 18.03 39.01 19.36
CA LYS D 55 19.01 39.74 20.16
C LYS D 55 18.44 40.08 21.53
N GLY D 56 19.18 39.70 22.58
CA GLY D 56 18.71 39.88 23.93
C GLY D 56 17.91 38.71 24.48
N ALA D 57 17.51 37.77 23.64
CA ALA D 57 16.80 36.61 24.13
C ALA D 57 17.76 35.65 24.84
N LYS D 58 17.30 35.10 25.96
CA LYS D 58 18.05 34.14 26.76
C LYS D 58 17.11 32.95 26.98
N ILE D 59 17.28 31.91 26.16
CA ILE D 59 16.33 30.82 26.02
C ILE D 59 16.81 29.61 26.80
N LEU D 60 15.99 29.14 27.75
CA LEU D 60 16.17 27.80 28.32
C LEU D 60 15.50 26.82 27.36
N GLY D 61 16.23 25.82 26.91
N GLY D 61 16.24 25.83 26.89
CA GLY D 61 15.71 24.84 25.96
CA GLY D 61 15.71 24.84 25.96
C GLY D 61 15.79 23.43 26.53
C GLY D 61 15.78 23.44 26.55
N CYS D 62 14.72 22.67 26.37
CA CYS D 62 14.65 21.30 26.88
C CYS D 62 13.95 20.47 25.82
N ILE D 63 14.75 19.85 24.94
CA ILE D 63 14.22 19.02 23.87
C ILE D 63 15.36 18.11 23.39
N HIS D 64 14.99 16.85 23.09
CA HIS D 64 15.87 15.80 22.56
C HIS D 64 17.09 16.33 21.83
N MET D 65 18.29 16.10 22.36
CA MET D 65 19.52 16.71 21.84
C MET D 65 20.04 15.85 20.67
N THR D 66 19.29 15.92 19.56
CA THR D 66 19.55 15.26 18.28
C THR D 66 20.25 16.22 17.32
N ILE D 67 20.69 15.66 16.19
CA ILE D 67 21.26 16.49 15.13
C ILE D 67 20.25 17.55 14.69
N GLN D 68 18.98 17.17 14.58
CA GLN D 68 17.93 18.11 14.17
C GLN D 68 17.79 19.25 15.17
N THR D 69 17.79 18.92 16.47
CA THR D 69 17.80 19.97 17.49
C THR D 69 19.03 20.85 17.38
N GLY D 70 20.16 20.28 16.97
CA GLY D 70 21.34 21.09 16.78
C GLY D 70 21.15 22.18 15.75
N VAL D 71 20.43 21.88 14.65
CA VAL D 71 20.20 22.91 13.64
C VAL D 71 19.25 23.97 14.19
N LEU D 72 18.28 23.56 15.00
CA LEU D 72 17.40 24.52 15.68
C LEU D 72 18.20 25.43 16.61
N ILE D 73 19.06 24.84 17.45
CA ILE D 73 19.84 25.63 18.40
C ILE D 73 20.67 26.67 17.67
N GLU D 74 21.32 26.26 16.59
CA GLU D 74 22.22 27.20 15.93
C GLU D 74 21.47 28.24 15.13
N THR D 75 20.23 27.94 14.70
CA THR D 75 19.38 28.97 14.10
C THR D 75 19.01 30.04 15.14
N LEU D 76 18.57 29.61 16.34
CA LEU D 76 18.24 30.58 17.40
C LEU D 76 19.43 31.49 17.71
N VAL D 77 20.62 30.91 17.87
CA VAL D 77 21.84 31.67 18.16
C VAL D 77 22.19 32.58 16.99
N ALA D 78 22.01 32.10 15.76
CA ALA D 78 22.27 32.91 14.56
C ALA D 78 21.35 34.14 14.51
N LEU D 79 20.15 34.05 15.09
CA LEU D 79 19.21 35.15 15.11
C LEU D 79 19.41 36.05 16.31
N GLY D 80 20.43 35.80 17.13
CA GLY D 80 20.78 36.67 18.24
C GLY D 80 20.63 36.09 19.63
N ALA D 81 20.04 34.90 19.81
CA ALA D 81 19.79 34.39 21.16
C ALA D 81 21.06 33.87 21.84
N GLU D 82 21.05 33.91 23.17
CA GLU D 82 21.85 33.01 23.99
C GLU D 82 20.94 31.88 24.45
N VAL D 83 21.50 30.67 24.59
CA VAL D 83 20.72 29.53 25.03
C VAL D 83 21.52 28.70 26.05
N ARG D 84 20.80 27.93 26.85
CA ARG D 84 21.38 26.87 27.67
C ARG D 84 20.45 25.68 27.54
N TRP D 85 20.99 24.49 27.28
CA TRP D 85 20.18 23.41 26.69
C TRP D 85 20.33 22.08 27.43
N SER D 86 19.23 21.31 27.42
CA SER D 86 19.20 19.95 27.95
C SER D 86 18.29 19.11 27.08
N SER D 87 18.43 17.79 27.16
CA SER D 87 17.48 16.93 26.46
C SER D 87 16.22 16.74 27.31
N CYS D 88 15.09 16.41 26.66
CA CYS D 88 13.90 16.09 27.45
C CYS D 88 13.66 14.58 27.60
N ASN D 89 14.65 13.75 27.27
CA ASN D 89 14.52 12.32 27.54
C ASN D 89 15.92 11.73 27.83
N ILE D 90 15.98 10.73 28.71
CA ILE D 90 17.28 10.19 29.12
C ILE D 90 17.97 9.42 27.99
N PHE D 91 17.24 9.00 26.95
CA PHE D 91 17.80 8.15 25.91
C PHE D 91 17.85 8.80 24.55
N SER D 92 17.36 10.03 24.40
CA SER D 92 17.13 10.56 23.06
C SER D 92 18.29 11.37 22.50
N THR D 93 19.29 11.72 23.31
CA THR D 93 20.43 12.50 22.81
C THR D 93 21.26 11.67 21.82
N GLN D 94 21.66 12.32 20.72
CA GLN D 94 22.74 11.83 19.88
C GLN D 94 24.03 12.46 20.37
N ASP D 95 24.94 11.63 20.91
CA ASP D 95 26.11 12.20 21.57
C ASP D 95 26.98 13.02 20.62
N GLN D 96 26.98 12.70 19.33
CA GLN D 96 27.77 13.53 18.41
C GLN D 96 27.10 14.88 18.17
N ALA D 97 25.78 14.97 18.36
CA ALA D 97 25.10 16.25 18.24
C ALA D 97 25.42 17.13 19.44
N ALA D 98 25.30 16.56 20.64
CA ALA D 98 25.66 17.30 21.85
C ALA D 98 27.10 17.79 21.79
N ALA D 99 28.04 16.93 21.36
CA ALA D 99 29.44 17.33 21.29
C ALA D 99 29.65 18.50 20.32
N ALA D 100 28.99 18.47 19.16
CA ALA D 100 29.16 19.56 18.21
C ALA D 100 28.64 20.86 18.79
N ILE D 101 27.52 20.81 19.51
CA ILE D 101 26.95 22.01 20.09
C ILE D 101 27.87 22.58 21.17
N ALA D 102 28.31 21.72 22.11
CA ALA D 102 29.26 22.15 23.14
C ALA D 102 30.54 22.70 22.53
N ALA D 103 31.08 22.01 21.51
CA ALA D 103 32.31 22.46 20.88
C ALA D 103 32.13 23.76 20.13
N ALA D 104 30.90 24.14 19.82
CA ALA D 104 30.58 25.47 19.32
C ALA D 104 30.53 26.53 20.42
N GLY D 105 30.79 26.16 21.67
CA GLY D 105 30.73 27.12 22.75
C GLY D 105 29.34 27.39 23.27
N ILE D 106 28.42 26.46 23.10
CA ILE D 106 27.03 26.61 23.52
C ILE D 106 26.78 25.70 24.71
N PRO D 107 26.24 26.21 25.82
CA PRO D 107 26.01 25.36 27.01
C PRO D 107 24.95 24.29 26.72
N VAL D 108 25.37 23.04 26.82
CA VAL D 108 24.44 21.92 26.63
C VAL D 108 24.80 20.86 27.65
N PHE D 109 23.77 20.24 28.23
CA PHE D 109 23.97 19.22 29.25
C PHE D 109 23.10 18.05 28.86
N ALA D 110 23.72 17.04 28.24
CA ALA D 110 22.96 15.97 27.59
C ALA D 110 23.84 14.83 27.12
N TRP D 111 23.40 13.60 27.39
CA TRP D 111 24.04 12.42 26.81
C TRP D 111 23.02 11.30 26.77
N LYS D 112 23.27 10.33 25.88
CA LYS D 112 22.41 9.15 25.76
C LYS D 112 22.63 8.25 26.97
N GLY D 113 21.53 7.82 27.60
CA GLY D 113 21.62 6.95 28.76
C GLY D 113 21.83 7.65 30.08
N GLU D 114 21.26 8.85 30.27
CA GLU D 114 21.25 9.47 31.58
C GLU D 114 20.47 8.62 32.57
N THR D 115 20.86 8.70 33.84
CA THR D 115 19.97 8.28 34.91
C THR D 115 18.92 9.37 35.15
N GLU D 116 17.89 9.02 35.92
CA GLU D 116 16.86 10.00 36.26
C GLU D 116 17.44 11.16 37.06
N GLU D 117 18.37 10.86 37.96
CA GLU D 117 19.05 11.88 38.71
C GLU D 117 19.89 12.77 37.81
N GLU D 118 20.57 12.18 36.83
CA GLU D 118 21.35 12.97 35.89
C GLU D 118 20.45 13.84 35.01
N TYR D 119 19.29 13.29 34.60
CA TYR D 119 18.34 14.04 33.80
C TYR D 119 17.95 15.36 34.49
N GLU D 120 17.61 15.27 35.78
CA GLU D 120 17.22 16.45 36.53
CA GLU D 120 17.21 16.45 36.52
C GLU D 120 18.39 17.41 36.71
N TRP D 121 19.57 16.85 36.95
CA TRP D 121 20.79 17.67 37.05
C TRP D 121 21.02 18.46 35.78
N CYS D 122 20.78 17.85 34.62
CA CYS D 122 21.04 18.55 33.37
C CYS D 122 20.08 19.71 33.18
N ILE D 123 18.80 19.54 33.52
CA ILE D 123 17.89 20.68 33.42
C ILE D 123 18.34 21.77 34.38
N GLU D 124 18.71 21.39 35.61
CA GLU D 124 19.13 22.37 36.60
C GLU D 124 20.35 23.15 36.13
N GLN D 125 21.24 22.50 35.37
CA GLN D 125 22.43 23.19 34.84
C GLN D 125 22.06 24.24 33.78
N THR D 126 20.94 24.07 33.08
CA THR D 126 20.50 25.15 32.19
C THR D 126 19.90 26.29 32.98
N ILE D 127 19.17 25.97 34.06
CA ILE D 127 18.50 27.00 34.86
C ILE D 127 19.51 27.86 35.61
N LEU D 128 20.55 27.24 36.17
CA LEU D 128 21.56 27.94 36.94
C LEU D 128 22.79 28.21 36.09
N LYS D 129 23.36 29.39 36.30
CA LYS D 129 24.65 29.74 35.72
C LYS D 129 25.49 30.21 36.89
N ASP D 130 26.59 29.51 37.16
CA ASP D 130 27.47 29.86 38.25
C ASP D 130 26.78 29.68 39.61
N GLY D 131 25.86 28.73 39.73
CA GLY D 131 25.19 28.49 40.98
C GLY D 131 24.06 29.45 41.34
N GLN D 132 23.60 30.28 40.41
CA GLN D 132 22.51 31.22 40.62
C GLN D 132 21.62 31.22 39.39
N PRO D 133 20.32 31.50 39.55
CA PRO D 133 19.40 31.49 38.41
C PRO D 133 19.90 32.40 37.29
N TRP D 134 20.01 31.82 36.09
CA TRP D 134 20.34 32.57 34.88
C TRP D 134 19.26 33.62 34.65
N ASP D 135 19.65 34.71 33.97
CA ASP D 135 18.68 35.75 33.63
C ASP D 135 17.92 35.39 32.34
N ALA D 136 17.31 34.20 32.36
CA ALA D 136 16.51 33.71 31.24
C ALA D 136 15.27 34.58 30.99
N ASN D 137 14.85 34.65 29.73
CA ASN D 137 13.62 35.37 29.41
C ASN D 137 12.76 34.67 28.35
N MET D 138 13.12 33.45 27.95
CA MET D 138 12.34 32.65 27.01
C MET D 138 12.53 31.19 27.38
N VAL D 139 11.53 30.37 27.05
CA VAL D 139 11.58 28.93 27.33
C VAL D 139 11.18 28.20 26.07
N LEU D 140 11.95 27.17 25.70
CA LEU D 140 11.55 26.25 24.64
C LEU D 140 11.53 24.86 25.25
N ASP D 141 10.39 24.17 25.13
CA ASP D 141 10.16 22.97 25.92
C ASP D 141 9.49 21.91 25.06
N ASP D 142 9.73 20.66 25.44
CA ASP D 142 9.16 19.52 24.74
C ASP D 142 8.74 18.54 25.82
N GLY D 143 7.46 18.60 26.19
CA GLY D 143 6.88 17.71 27.18
C GLY D 143 6.56 18.35 28.51
N GLY D 144 7.00 19.58 28.76
CA GLY D 144 6.61 20.30 29.95
C GLY D 144 7.47 20.13 31.18
N ASP D 145 8.58 19.37 31.14
CA ASP D 145 9.35 19.13 32.34
C ASP D 145 10.08 20.39 32.80
N LEU D 146 10.69 21.13 31.87
CA LEU D 146 11.35 22.38 32.23
C LEU D 146 10.32 23.41 32.72
N THR D 147 9.20 23.53 32.00
CA THR D 147 8.10 24.43 32.40
C THR D 147 7.67 24.16 33.83
N GLU D 148 7.55 22.88 34.18
CA GLU D 148 7.06 22.50 35.50
C GLU D 148 8.09 22.81 36.57
N ILE D 149 9.36 22.50 36.32
CA ILE D 149 10.42 22.84 37.27
C ILE D 149 10.48 24.35 37.48
N LEU D 150 10.35 25.15 36.42
CA LEU D 150 10.35 26.60 36.60
C LEU D 150 9.19 27.05 37.48
N HIS D 151 7.96 26.59 37.18
CA HIS D 151 6.78 27.03 37.94
C HIS D 151 6.83 26.56 39.39
N LYS D 152 7.32 25.35 39.64
CA LYS D 152 7.26 24.80 41.00
C LYS D 152 8.52 25.07 41.82
N LYS D 153 9.70 25.07 41.21
CA LYS D 153 10.93 25.25 41.98
C LYS D 153 11.59 26.62 41.81
N TYR D 154 11.38 27.30 40.68
CA TYR D 154 12.03 28.59 40.41
C TYR D 154 11.04 29.66 39.99
N PRO D 155 9.92 29.82 40.71
CA PRO D 155 8.87 30.72 40.22
C PRO D 155 9.33 32.16 40.02
N GLN D 156 10.29 32.62 40.80
CA GLN D 156 10.76 34.00 40.63
C GLN D 156 11.30 34.23 39.23
N MET D 157 11.90 33.21 38.62
CA MET D 157 12.47 33.36 37.28
C MET D 157 11.38 33.66 36.26
N LEU D 158 10.16 33.18 36.48
CA LEU D 158 9.10 33.40 35.51
C LEU D 158 8.69 34.86 35.42
N GLU D 159 8.97 35.67 36.45
CA GLU D 159 8.69 37.11 36.38
C GLU D 159 9.42 37.78 35.22
N ARG D 160 10.52 37.19 34.73
CA ARG D 160 11.34 37.77 33.68
C ARG D 160 11.11 37.12 32.34
N ILE D 161 10.32 36.06 32.27
CA ILE D 161 10.22 35.24 31.07
C ILE D 161 9.02 35.71 30.26
N HIS D 162 9.25 35.92 28.97
CA HIS D 162 8.21 36.42 28.06
C HIS D 162 7.29 35.32 27.54
N GLY D 163 7.73 34.06 27.50
CA GLY D 163 6.87 33.06 26.89
C GLY D 163 7.52 31.70 26.87
N ILE D 164 6.67 30.71 26.57
CA ILE D 164 7.05 29.32 26.40
C ILE D 164 6.61 28.87 25.02
N THR D 165 7.48 28.19 24.30
CA THR D 165 7.06 27.60 23.03
C THR D 165 7.16 26.10 23.22
N GLU D 166 6.01 25.42 23.20
CA GLU D 166 5.94 24.01 23.59
C GLU D 166 5.69 23.10 22.39
N GLU D 167 6.50 22.04 22.33
CA GLU D 167 6.66 21.22 21.13
C GLU D 167 5.56 20.17 20.96
N THR D 168 5.10 19.54 22.05
CA THR D 168 4.42 18.25 21.88
C THR D 168 3.09 18.18 22.62
N THR D 169 2.22 17.25 22.18
CA THR D 169 0.84 17.16 22.66
C THR D 169 0.77 17.09 24.19
N THR D 170 1.60 16.21 24.77
CA THR D 170 1.64 16.04 26.22
C THR D 170 1.96 17.35 26.93
N GLY D 171 2.93 18.09 26.42
CA GLY D 171 3.25 19.38 27.05
C GLY D 171 2.16 20.41 26.90
N VAL D 172 1.49 20.42 25.74
CA VAL D 172 0.36 21.34 25.55
C VAL D 172 -0.75 21.02 26.55
N HIS D 173 -1.04 19.73 26.75
CA HIS D 173 -2.05 19.38 27.75
C HIS D 173 -1.67 19.93 29.11
N ARG D 174 -0.39 19.82 29.50
CA ARG D 174 -0.01 20.30 30.81
C ARG D 174 -0.17 21.81 30.89
N LEU D 175 0.14 22.52 29.80
CA LEU D 175 -0.04 23.98 29.81
C LEU D 175 -1.51 24.34 29.95
N LEU D 176 -2.39 23.66 29.21
CA LEU D 176 -3.82 23.95 29.31
C LEU D 176 -4.38 23.62 30.70
N ASP D 177 -3.86 22.57 31.35
CA ASP D 177 -4.27 22.31 32.71
CA ASP D 177 -4.25 22.29 32.72
C ASP D 177 -3.83 23.43 33.66
N MET D 178 -2.61 23.91 33.51
CA MET D 178 -2.17 25.06 34.30
C MET D 178 -3.05 26.29 34.05
N LEU D 179 -3.35 26.58 32.79
CA LEU D 179 -4.20 27.73 32.46
C LEU D 179 -5.59 27.59 33.09
N LYS D 180 -6.18 26.40 32.96
CA LYS D 180 -7.50 26.14 33.55
C LYS D 180 -7.48 26.35 35.06
N ASN D 181 -6.39 26.01 35.71
CA ASN D 181 -6.27 26.15 37.17
C ASN D 181 -5.67 27.48 37.61
N GLY D 182 -5.40 28.41 36.68
CA GLY D 182 -4.85 29.69 37.07
C GLY D 182 -3.41 29.68 37.52
N THR D 183 -2.64 28.63 37.20
CA THR D 183 -1.27 28.53 37.66
C THR D 183 -0.23 28.80 36.56
N LEU D 184 -0.67 28.99 35.33
CA LEU D 184 0.27 29.34 34.25
C LEU D 184 0.73 30.79 34.41
N LYS D 185 2.04 30.98 34.51
CA LYS D 185 2.56 32.30 34.84
C LYS D 185 2.95 33.13 33.63
N VAL D 186 3.12 32.49 32.47
CA VAL D 186 3.55 33.20 31.25
C VAL D 186 2.83 32.61 30.06
N PRO D 187 2.65 33.39 28.99
CA PRO D 187 1.94 32.85 27.82
C PRO D 187 2.77 31.81 27.09
N ALA D 188 2.08 31.00 26.29
CA ALA D 188 2.73 29.93 25.55
C ALA D 188 2.21 29.93 24.13
N ILE D 189 3.05 29.47 23.20
CA ILE D 189 2.57 29.05 21.88
C ILE D 189 2.62 27.53 21.80
N ASN D 190 1.49 26.95 21.43
CA ASN D 190 1.32 25.53 21.17
C ASN D 190 1.87 25.33 19.76
N VAL D 191 3.16 24.93 19.69
CA VAL D 191 3.81 24.63 18.40
C VAL D 191 3.26 23.33 17.83
N ASN D 192 2.88 22.41 18.72
CA ASN D 192 2.34 21.13 18.29
C ASN D 192 1.26 21.27 17.22
N ASP D 193 0.35 22.23 17.37
CA ASP D 193 -0.85 22.26 16.55
C ASP D 193 -0.76 23.13 15.29
N SER D 194 0.42 23.59 14.91
CA SER D 194 0.61 23.93 13.50
C SER D 194 0.38 22.68 12.66
N VAL D 195 -0.24 22.83 11.49
CA VAL D 195 -0.43 21.65 10.64
C VAL D 195 0.92 21.09 10.20
N THR D 196 1.89 21.98 9.92
CA THR D 196 3.24 21.56 9.55
C THR D 196 4.05 21.00 10.75
N LYS D 197 3.43 20.86 11.93
CA LYS D 197 4.00 20.09 13.02
C LYS D 197 3.12 18.88 13.27
N SER D 198 1.91 19.05 13.80
CA SER D 198 1.08 17.90 14.18
C SER D 198 0.89 16.87 13.06
N LYS D 199 0.56 17.35 11.85
CA LYS D 199 0.19 16.42 10.79
C LYS D 199 1.36 16.14 9.89
N ASN D 200 2.58 16.40 10.39
CA ASN D 200 3.84 16.14 9.74
C ASN D 200 4.74 15.34 10.70
N ASP D 201 5.23 16.01 11.73
CA ASP D 201 6.03 15.40 12.80
C ASP D 201 5.29 14.23 13.45
N ASN D 202 4.14 14.50 14.07
CA ASN D 202 3.53 13.48 14.91
C ASN D 202 3.15 12.24 14.09
N LYS D 203 2.63 12.44 12.86
CA LYS D 203 2.20 11.33 12.01
C LYS D 203 3.34 10.80 11.16
N TYR D 204 3.83 11.60 10.20
CA TYR D 204 4.82 11.07 9.26
C TYR D 204 6.14 10.78 9.94
N GLY D 205 6.48 11.52 10.99
CA GLY D 205 7.72 11.25 11.69
C GLY D 205 7.72 9.88 12.31
N CYS D 206 6.60 9.48 12.93
CA CYS D 206 6.51 8.15 13.51
C CYS D 206 6.42 7.08 12.44
N ARG D 207 5.81 7.39 11.29
CA ARG D 207 5.81 6.43 10.19
C ARG D 207 7.24 6.08 9.76
N HIS D 208 8.13 7.09 9.69
CA HIS D 208 9.53 6.84 9.34
C HIS D 208 10.27 6.12 10.47
N SER D 209 10.09 6.57 11.71
CA SER D 209 11.05 6.20 12.74
C SER D 209 10.59 5.05 13.65
N LEU D 210 9.31 4.66 13.63
CA LEU D 210 8.92 3.55 14.50
C LEU D 210 9.51 2.23 14.00
N ASN D 211 9.23 1.83 12.73
CA ASN D 211 9.81 0.58 12.26
CA ASN D 211 9.81 0.60 12.23
C ASN D 211 11.33 0.68 12.21
N ASP D 212 11.89 1.88 12.01
CA ASP D 212 13.33 2.10 12.10
C ASP D 212 13.87 1.62 13.46
N ALA D 213 13.24 2.08 14.55
CA ALA D 213 13.72 1.75 15.89
C ALA D 213 13.54 0.28 16.22
N ILE D 214 12.42 -0.33 15.79
CA ILE D 214 12.21 -1.75 16.04
C ILE D 214 13.25 -2.59 15.29
N LYS D 215 13.58 -2.20 14.06
CA LYS D 215 14.60 -2.95 13.32
C LYS D 215 15.98 -2.81 13.98
N ARG D 216 16.36 -1.60 14.40
CA ARG D 216 17.67 -1.43 15.00
C ARG D 216 17.77 -2.19 16.32
N GLY D 217 16.67 -2.22 17.09
CA GLY D 217 16.70 -2.87 18.39
C GLY D 217 16.67 -4.39 18.34
N THR D 218 15.86 -4.96 17.44
CA THR D 218 15.62 -6.40 17.38
C THR D 218 16.00 -7.06 16.07
N ASP D 219 16.08 -6.31 14.97
CA ASP D 219 16.28 -6.87 13.63
C ASP D 219 15.24 -7.97 13.32
N HIS D 220 14.07 -7.87 13.96
CA HIS D 220 12.95 -8.77 13.71
C HIS D 220 12.31 -8.48 12.37
N LEU D 221 11.99 -9.54 11.64
CA LEU D 221 11.07 -9.39 10.52
C LEU D 221 9.71 -8.93 11.02
N LEU D 222 9.15 -7.95 10.33
CA LEU D 222 7.82 -7.48 10.73
C LEU D 222 6.72 -8.04 9.83
N SER D 223 7.00 -8.24 8.54
CA SER D 223 6.02 -8.77 7.61
C SER D 223 5.39 -10.05 8.14
N GLY D 224 4.06 -10.14 8.04
CA GLY D 224 3.32 -11.34 8.39
C GLY D 224 3.06 -11.53 9.87
N LYS D 225 3.60 -10.69 10.74
CA LYS D 225 3.43 -10.82 12.18
C LYS D 225 2.28 -9.92 12.62
N GLN D 226 1.82 -10.13 13.87
CA GLN D 226 0.63 -9.46 14.39
C GLN D 226 1.02 -8.30 15.30
N ALA D 227 0.47 -7.12 15.03
CA ALA D 227 0.76 -5.98 15.87
C ALA D 227 -0.53 -5.46 16.49
N LEU D 228 -0.41 -4.89 17.68
CA LEU D 228 -1.48 -4.15 18.32
C LEU D 228 -0.97 -2.75 18.62
N VAL D 229 -1.54 -1.74 17.98
CA VAL D 229 -1.21 -0.34 18.26
C VAL D 229 -2.27 0.23 19.19
N ILE D 230 -1.85 0.77 20.34
CA ILE D 230 -2.79 1.35 21.29
C ILE D 230 -2.86 2.84 20.99
N GLY D 231 -4.00 3.30 20.48
CA GLY D 231 -4.20 4.70 20.13
C GLY D 231 -4.17 4.91 18.63
N TYR D 232 -4.92 5.91 18.16
CA TYR D 232 -4.97 6.19 16.72
C TYR D 232 -5.17 7.69 16.52
N GLY D 233 -4.47 8.48 17.32
CA GLY D 233 -4.31 9.92 17.09
C GLY D 233 -3.24 10.13 16.05
N ASP D 234 -2.56 11.28 16.10
CA ASP D 234 -1.58 11.50 15.05
C ASP D 234 -0.43 10.49 15.16
N VAL D 235 0.08 10.26 16.37
CA VAL D 235 1.18 9.29 16.54
C VAL D 235 0.69 7.87 16.24
N GLY D 236 -0.52 7.52 16.69
CA GLY D 236 -1.05 6.18 16.41
C GLY D 236 -1.27 5.93 14.93
N LYS D 237 -1.77 6.93 14.20
CA LYS D 237 -1.96 6.81 12.75
C LYS D 237 -0.61 6.57 12.06
N GLY D 238 0.39 7.37 12.44
CA GLY D 238 1.70 7.23 11.81
C GLY D 238 2.36 5.90 12.16
N SER D 239 2.21 5.48 13.41
CA SER D 239 2.77 4.22 13.87
C SER D 239 2.11 3.03 13.18
N SER D 240 0.78 3.06 13.06
CA SER D 240 0.08 1.96 12.38
C SER D 240 0.55 1.84 10.94
N GLN D 241 0.76 2.99 10.29
CA GLN D 241 1.26 2.95 8.92
C GLN D 241 2.69 2.40 8.86
N SER D 242 3.54 2.82 9.81
CA SER D 242 4.91 2.31 9.87
C SER D 242 4.94 0.78 9.88
N LEU D 243 4.00 0.16 10.59
CA LEU D 243 3.97 -1.30 10.68
C LEU D 243 3.24 -1.94 9.49
N ARG D 244 2.11 -1.34 9.09
CA ARG D 244 1.33 -1.90 7.99
C ARG D 244 2.11 -1.87 6.66
N GLN D 245 2.91 -0.81 6.43
CA GLN D 245 3.66 -0.71 5.17
C GLN D 245 4.79 -1.75 5.11
N GLU D 246 5.21 -2.28 6.26
CA GLU D 246 6.15 -3.41 6.34
C GLU D 246 5.47 -4.77 6.20
N GLY D 247 4.14 -4.82 6.12
CA GLY D 247 3.45 -6.09 6.00
C GLY D 247 2.96 -6.66 7.33
N MET D 248 3.01 -5.91 8.41
CA MET D 248 2.37 -6.41 9.63
C MET D 248 0.85 -6.45 9.47
N ILE D 249 0.23 -7.41 10.17
CA ILE D 249 -1.22 -7.41 10.36
C ILE D 249 -1.46 -6.59 11.62
N VAL D 250 -1.99 -5.38 11.44
CA VAL D 250 -2.08 -4.39 12.52
C VAL D 250 -3.52 -4.33 12.99
N LYS D 251 -3.70 -4.44 14.31
CA LYS D 251 -4.97 -4.16 14.96
C LYS D 251 -4.79 -2.88 15.79
N VAL D 252 -5.86 -2.12 15.94
CA VAL D 252 -5.79 -0.80 16.55
C VAL D 252 -6.77 -0.77 17.73
N ALA D 253 -6.33 -0.21 18.87
CA ALA D 253 -7.24 0.03 19.98
C ALA D 253 -7.43 1.55 20.13
N GLU D 254 -8.63 1.95 20.53
CA GLU D 254 -8.91 3.36 20.76
C GLU D 254 -10.02 3.51 21.79
N VAL D 255 -9.99 4.64 22.50
CA VAL D 255 -11.13 5.08 23.32
C VAL D 255 -11.98 6.12 22.60
N ASP D 256 -11.46 6.73 21.53
CA ASP D 256 -12.16 7.78 20.83
C ASP D 256 -12.84 7.17 19.62
N PRO D 257 -14.16 7.15 19.56
CA PRO D 257 -14.83 6.45 18.45
C PRO D 257 -14.57 7.08 17.09
N ILE D 258 -14.29 8.38 17.03
CA ILE D 258 -13.98 9.01 15.74
C ILE D 258 -12.64 8.54 15.24
N CYS D 259 -11.62 8.55 16.09
CA CYS D 259 -10.34 7.94 15.72
C CYS D 259 -10.50 6.47 15.37
N ALA D 260 -11.35 5.73 16.10
CA ALA D 260 -11.54 4.32 15.76
C ALA D 260 -12.19 4.18 14.38
N MET D 261 -13.13 5.07 14.06
N MET D 261 -13.15 5.06 14.07
CA MET D 261 -13.77 5.03 12.75
CA MET D 261 -13.77 5.04 12.74
C MET D 261 -12.75 5.24 11.63
C MET D 261 -12.72 5.21 11.65
N GLN D 262 -11.80 6.17 11.83
CA GLN D 262 -10.73 6.38 10.86
C GLN D 262 -9.90 5.11 10.70
N ALA D 263 -9.57 4.44 11.82
CA ALA D 263 -8.81 3.19 11.75
C ALA D 263 -9.55 2.16 10.90
N CYS D 264 -10.85 2.01 11.11
CA CYS D 264 -11.61 1.05 10.29
C CYS D 264 -11.51 1.41 8.82
N MET D 265 -11.81 2.68 8.49
CA MET D 265 -11.79 3.12 7.10
C MET D 265 -10.40 3.00 6.48
N ASP D 266 -9.36 3.10 7.30
CA ASP D 266 -7.97 2.97 6.86
C ASP D 266 -7.55 1.51 6.70
N GLY D 267 -8.43 0.58 7.04
CA GLY D 267 -8.21 -0.83 6.74
C GLY D 267 -7.67 -1.63 7.88
N PHE D 268 -7.91 -1.18 9.12
CA PHE D 268 -7.47 -1.87 10.33
C PHE D 268 -8.67 -2.44 11.07
N GLU D 269 -8.46 -3.59 11.68
CA GLU D 269 -9.42 -4.15 12.62
C GLU D 269 -9.28 -3.44 13.99
N VAL D 270 -10.38 -2.94 14.54
CA VAL D 270 -10.35 -2.21 15.81
C VAL D 270 -10.74 -3.16 16.93
N VAL D 271 -9.86 -3.34 17.91
CA VAL D 271 -10.07 -4.32 18.96
C VAL D 271 -9.75 -3.67 20.32
N SER D 272 -10.26 -4.30 21.38
CA SER D 272 -9.87 -3.88 22.73
C SER D 272 -9.09 -4.97 23.47
N PRO D 273 -8.05 -4.61 24.22
CA PRO D 273 -7.42 -5.61 25.10
C PRO D 273 -8.38 -6.22 26.10
N TYR D 274 -9.52 -5.57 26.37
CA TYR D 274 -10.47 -5.99 27.39
C TYR D 274 -11.74 -6.48 26.74
N LYS D 275 -12.31 -7.54 27.29
CA LYS D 275 -13.59 -8.03 26.84
C LYS D 275 -14.64 -6.93 26.90
N ASN D 276 -15.30 -6.69 25.75
CA ASN D 276 -16.32 -5.67 25.58
C ASN D 276 -15.78 -4.26 25.86
N GLY D 277 -14.46 -4.11 25.83
CA GLY D 277 -13.82 -2.83 26.09
C GLY D 277 -13.80 -2.37 27.54
N ILE D 278 -14.16 -3.23 28.49
CA ILE D 278 -14.34 -2.83 29.88
C ILE D 278 -13.15 -3.31 30.73
N ASN D 279 -12.39 -2.34 31.23
CA ASN D 279 -11.13 -2.50 31.96
C ASN D 279 -11.51 -2.44 33.44
N ASP D 280 -11.78 -3.61 34.02
CA ASP D 280 -12.19 -3.70 35.42
C ASP D 280 -11.03 -4.04 36.34
N GLY D 281 -9.80 -4.05 35.84
CA GLY D 281 -8.63 -4.29 36.67
C GLY D 281 -8.31 -5.75 36.97
N THR D 282 -9.17 -6.69 36.59
CA THR D 282 -8.94 -8.10 36.87
C THR D 282 -8.38 -8.78 35.63
N GLU D 283 -7.74 -9.95 35.85
CA GLU D 283 -7.25 -10.76 34.74
C GLU D 283 -8.41 -11.28 33.90
N ALA D 284 -9.56 -11.53 34.54
CA ALA D 284 -10.75 -12.01 33.84
C ALA D 284 -11.18 -11.09 32.71
N SER D 285 -10.95 -9.77 32.84
CA SER D 285 -11.39 -8.88 31.78
C SER D 285 -10.46 -8.89 30.56
N ILE D 286 -9.29 -9.51 30.64
CA ILE D 286 -8.35 -9.50 29.51
C ILE D 286 -8.85 -10.44 28.42
N ASP D 287 -8.80 -9.99 27.16
CA ASP D 287 -9.01 -10.87 26.01
C ASP D 287 -7.72 -11.65 25.79
N ALA D 288 -7.61 -12.77 26.50
CA ALA D 288 -6.40 -13.58 26.50
C ALA D 288 -6.15 -14.20 25.13
N ALA D 289 -7.23 -14.58 24.42
CA ALA D 289 -7.04 -15.15 23.09
C ALA D 289 -6.41 -14.13 22.17
N LEU D 290 -6.89 -12.89 22.22
CA LEU D 290 -6.33 -11.84 21.40
C LEU D 290 -4.87 -11.54 21.76
N LEU D 291 -4.61 -11.27 23.04
CA LEU D 291 -3.27 -10.86 23.39
C LEU D 291 -2.27 -11.99 23.21
N GLY D 292 -2.72 -13.25 23.28
CA GLY D 292 -1.82 -14.38 23.07
C GLY D 292 -1.37 -14.56 21.62
N LYS D 293 -1.92 -13.78 20.70
CA LYS D 293 -1.53 -13.83 19.28
C LYS D 293 -0.73 -12.61 18.83
N ILE D 294 -0.37 -11.72 19.75
CA ILE D 294 0.19 -10.42 19.39
C ILE D 294 1.71 -10.51 19.51
N ASP D 295 2.40 -10.20 18.41
CA ASP D 295 3.86 -10.23 18.35
C ASP D 295 4.50 -8.91 18.75
N LEU D 296 3.74 -7.82 18.67
CA LEU D 296 4.28 -6.47 18.89
C LEU D 296 3.15 -5.60 19.42
N ILE D 297 3.39 -4.92 20.55
CA ILE D 297 2.44 -3.92 21.03
C ILE D 297 3.16 -2.57 21.12
N VAL D 298 2.52 -1.54 20.61
CA VAL D 298 3.08 -0.19 20.60
C VAL D 298 2.05 0.77 21.18
N THR D 299 2.46 1.54 22.22
CA THR D 299 1.55 2.48 22.87
C THR D 299 1.83 3.87 22.32
N THR D 300 0.74 4.62 22.01
CA THR D 300 0.86 5.90 21.32
C THR D 300 -0.02 6.97 21.94
N THR D 301 -0.38 6.86 23.22
CA THR D 301 -1.57 7.56 23.67
C THR D 301 -1.31 8.90 24.38
N GLY D 302 -0.17 9.08 25.04
CA GLY D 302 -0.07 10.17 26.01
C GLY D 302 -0.86 9.94 27.30
N ASN D 303 -1.43 8.75 27.48
CA ASN D 303 -2.21 8.36 28.64
C ASN D 303 -1.38 7.43 29.55
N VAL D 304 -2.00 6.97 30.63
CA VAL D 304 -1.31 6.19 31.65
C VAL D 304 -1.80 4.75 31.64
N ASN D 305 -0.86 3.82 31.72
CA ASN D 305 -1.16 2.40 31.95
C ASN D 305 -2.11 1.81 30.89
N VAL D 306 -1.80 2.07 29.63
CA VAL D 306 -2.61 1.52 28.53
C VAL D 306 -2.04 0.21 28.02
N CYS D 307 -0.86 -0.20 28.50
CA CYS D 307 -0.37 -1.59 28.37
C CYS D 307 -0.09 -1.99 29.81
N ASP D 308 -1.13 -2.52 30.48
CA ASP D 308 -1.03 -2.71 31.92
C ASP D 308 -0.47 -4.09 32.27
N ALA D 309 -0.38 -4.36 33.58
CA ALA D 309 0.21 -5.60 34.08
C ALA D 309 -0.51 -6.83 33.54
N ASN D 310 -1.85 -6.81 33.53
CA ASN D 310 -2.61 -7.97 33.10
C ASN D 310 -2.44 -8.20 31.60
N MET D 311 -2.33 -7.13 30.83
CA MET D 311 -1.98 -7.29 29.41
C MET D 311 -0.60 -7.89 29.24
N LEU D 312 0.36 -7.43 30.03
CA LEU D 312 1.73 -7.93 29.92
C LEU D 312 1.80 -9.41 30.28
N LYS D 313 0.99 -9.83 31.27
CA LYS D 313 0.95 -11.24 31.64
C LYS D 313 0.39 -12.10 30.52
N ALA D 314 -0.48 -11.55 29.68
CA ALA D 314 -1.19 -12.35 28.71
C ALA D 314 -0.59 -12.29 27.31
N LEU D 315 0.39 -11.42 27.07
CA LEU D 315 0.97 -11.33 25.73
C LEU D 315 1.62 -12.63 25.32
N LYS D 316 1.64 -12.84 24.01
CA LYS D 316 2.33 -13.97 23.41
C LYS D 316 3.78 -14.00 23.88
N LYS D 317 4.28 -15.19 24.22
CA LYS D 317 5.71 -15.32 24.50
C LYS D 317 6.53 -14.72 23.38
N ARG D 318 7.57 -13.97 23.78
CA ARG D 318 8.56 -13.32 22.92
C ARG D 318 8.03 -12.08 22.18
N ALA D 319 6.84 -11.61 22.53
CA ALA D 319 6.32 -10.36 22.00
C ALA D 319 7.26 -9.20 22.34
N VAL D 320 7.33 -8.24 21.44
CA VAL D 320 8.06 -6.99 21.66
C VAL D 320 7.07 -5.96 22.19
N VAL D 321 7.51 -5.18 23.19
CA VAL D 321 6.71 -4.13 23.83
C VAL D 321 7.46 -2.81 23.72
N CYS D 322 6.80 -1.77 23.21
CA CYS D 322 7.49 -0.49 23.14
C CYS D 322 6.47 0.63 23.22
N ASN D 323 6.98 1.82 23.52
CA ASN D 323 6.16 3.01 23.68
C ASN D 323 6.77 4.13 22.84
N ILE D 324 5.91 4.83 22.08
CA ILE D 324 6.29 6.00 21.30
C ILE D 324 5.52 7.24 21.73
N GLY D 325 4.72 7.16 22.81
CA GLY D 325 4.24 8.38 23.48
C GLY D 325 5.36 9.01 24.29
N HIS D 326 5.08 10.20 24.84
CA HIS D 326 6.15 10.99 25.44
C HIS D 326 6.74 10.38 26.73
N PHE D 327 5.96 9.71 27.57
CA PHE D 327 6.45 9.25 28.86
C PHE D 327 6.30 7.74 28.95
N ASP D 328 7.15 7.10 29.78
CA ASP D 328 7.21 5.65 29.86
C ASP D 328 6.05 5.01 30.64
N ASN D 329 5.29 5.80 31.42
CA ASN D 329 4.18 5.22 32.19
C ASN D 329 3.03 4.72 31.32
N GLU D 330 3.09 4.81 29.97
CA GLU D 330 2.07 4.17 29.15
C GLU D 330 2.08 2.65 29.33
N ILE D 331 3.26 2.09 29.63
CA ILE D 331 3.43 0.67 29.93
C ILE D 331 3.74 0.54 31.40
N ASP D 332 3.18 -0.47 32.06
CA ASP D 332 3.47 -0.68 33.48
C ASP D 332 4.85 -1.37 33.64
N THR D 333 5.89 -0.59 33.39
CA THR D 333 7.25 -1.11 33.58
C THR D 333 7.55 -1.32 35.06
N ALA D 334 6.93 -0.54 35.95
CA ALA D 334 7.12 -0.74 37.38
C ALA D 334 6.69 -2.15 37.80
N PHE D 335 5.55 -2.62 37.28
CA PHE D 335 5.16 -4.01 37.56
C PHE D 335 6.25 -4.98 37.13
N MET D 336 6.84 -4.75 35.96
CA MET D 336 7.84 -5.68 35.45
C MET D 336 9.13 -5.63 36.27
N ARG D 337 9.54 -4.44 36.71
CA ARG D 337 10.71 -4.35 37.59
C ARG D 337 10.47 -5.08 38.90
N LYS D 338 9.25 -5.03 39.41
CA LYS D 338 8.99 -5.64 40.71
C LYS D 338 8.97 -7.17 40.62
N ASN D 339 8.47 -7.71 39.51
CA ASN D 339 8.13 -9.13 39.48
C ASN D 339 8.98 -9.98 38.56
N TRP D 340 9.61 -9.41 37.55
CA TRP D 340 10.26 -10.21 36.52
C TRP D 340 11.73 -9.84 36.41
N ALA D 341 12.52 -10.77 35.90
CA ALA D 341 13.97 -10.60 35.78
C ALA D 341 14.33 -10.00 34.43
N TRP D 342 15.19 -8.98 34.44
CA TRP D 342 15.58 -8.25 33.24
C TRP D 342 16.95 -8.71 32.79
N GLU D 343 17.05 -9.13 31.53
CA GLU D 343 18.32 -9.50 30.93
C GLU D 343 18.62 -8.49 29.84
N GLU D 344 19.70 -7.73 29.99
CA GLU D 344 20.04 -6.78 28.93
C GLU D 344 20.55 -7.54 27.72
N VAL D 345 19.92 -7.33 26.57
CA VAL D 345 20.48 -7.87 25.32
C VAL D 345 21.62 -6.97 24.84
N LYS D 346 21.35 -5.68 24.76
CA LYS D 346 22.29 -4.63 24.41
C LYS D 346 21.65 -3.33 24.89
N PRO D 347 22.32 -2.18 24.81
CA PRO D 347 21.70 -0.95 25.32
C PRO D 347 20.32 -0.73 24.73
N GLN D 348 19.36 -0.39 25.62
CA GLN D 348 17.97 -0.09 25.28
C GLN D 348 17.22 -1.30 24.71
N VAL D 349 17.68 -2.52 25.00
CA VAL D 349 16.97 -3.75 24.61
C VAL D 349 17.07 -4.74 25.76
N HIS D 350 15.95 -5.04 26.41
CA HIS D 350 15.92 -5.94 27.56
C HIS D 350 14.95 -7.09 27.30
N LYS D 351 15.39 -8.32 27.62
CA LYS D 351 14.48 -9.46 27.74
C LYS D 351 13.93 -9.46 29.16
N ILE D 352 12.61 -9.51 29.29
CA ILE D 352 11.93 -9.52 30.59
C ILE D 352 11.39 -10.93 30.78
N HIS D 353 11.95 -11.68 31.74
CA HIS D 353 11.65 -13.11 31.91
C HIS D 353 10.49 -13.27 32.89
N ARG D 354 9.38 -13.79 32.39
CA ARG D 354 8.17 -13.87 33.20
C ARG D 354 8.18 -15.06 34.15
N THR D 355 9.31 -15.76 34.24
CA THR D 355 9.41 -16.90 35.14
C THR D 355 9.67 -16.49 36.58
N GLY D 356 9.90 -15.21 36.83
CA GLY D 356 10.10 -14.78 38.21
C GLY D 356 11.14 -13.71 38.36
N LYS D 357 11.33 -13.26 39.60
CA LYS D 357 12.12 -12.08 39.93
C LYS D 357 13.61 -12.39 40.07
N ASP D 358 13.95 -13.51 40.70
CA ASP D 358 15.33 -13.78 41.10
C ASP D 358 15.97 -14.66 40.06
N GLY D 359 16.61 -14.03 39.07
CA GLY D 359 17.37 -14.73 38.06
C GLY D 359 16.49 -15.36 36.99
N PHE D 360 17.15 -15.82 35.93
CA PHE D 360 16.46 -16.37 34.78
C PHE D 360 17.32 -17.46 34.17
N ASP D 361 16.68 -18.38 33.47
CA ASP D 361 17.37 -19.29 32.59
C ASP D 361 17.74 -18.55 31.30
N ALA D 362 19.01 -18.63 30.91
CA ALA D 362 19.44 -17.95 29.68
C ALA D 362 18.71 -18.48 28.44
N HIS D 363 18.18 -19.71 28.50
CA HIS D 363 17.43 -20.34 27.42
C HIS D 363 15.92 -20.37 27.67
N ASN D 364 15.44 -19.64 28.67
CA ASN D 364 14.01 -19.52 28.91
C ASN D 364 13.29 -18.99 27.66
N ASP D 365 12.15 -19.60 27.32
CA ASP D 365 11.38 -19.10 26.19
C ASP D 365 10.30 -18.09 26.56
N ASP D 366 10.00 -17.93 27.85
CA ASP D 366 8.88 -17.11 28.28
C ASP D 366 9.41 -15.75 28.73
N TYR D 367 9.67 -14.90 27.73
CA TYR D 367 10.10 -13.53 27.94
C TYR D 367 9.40 -12.61 26.95
N LEU D 368 9.41 -11.31 27.27
CA LEU D 368 9.04 -10.23 26.38
C LEU D 368 10.30 -9.43 26.07
N ILE D 369 10.33 -8.75 24.93
CA ILE D 369 11.43 -7.84 24.65
C ILE D 369 10.91 -6.42 24.82
N LEU D 370 11.52 -5.68 25.74
CA LEU D 370 11.15 -4.28 25.99
C LEU D 370 12.20 -3.41 25.33
N LEU D 371 11.77 -2.38 24.60
CA LEU D 371 12.72 -1.46 23.97
C LEU D 371 12.78 -0.16 24.75
N ALA D 372 14.01 0.35 24.93
CA ALA D 372 14.27 1.67 25.54
C ALA D 372 13.66 1.80 26.93
N GLU D 373 13.53 0.67 27.65
CA GLU D 373 12.92 0.65 28.98
C GLU D 373 11.56 1.37 29.00
N GLY D 374 10.81 1.26 27.90
CA GLY D 374 9.50 1.88 27.76
C GLY D 374 9.52 3.38 27.47
N ARG D 375 10.70 3.98 27.30
CA ARG D 375 10.79 5.39 26.90
C ARG D 375 10.63 5.49 25.38
N LEU D 376 10.43 6.72 24.89
CA LEU D 376 10.11 6.96 23.47
C LEU D 376 11.03 6.16 22.56
N VAL D 377 10.46 5.20 21.84
CA VAL D 377 11.28 4.17 21.22
C VAL D 377 11.96 4.67 19.96
N ASN D 378 11.30 5.57 19.19
CA ASN D 378 11.95 6.04 17.97
C ASN D 378 13.26 6.79 18.29
N LEU D 379 13.27 7.57 19.37
CA LEU D 379 14.48 8.29 19.76
C LEU D 379 15.39 7.42 20.60
N GLY D 380 14.86 6.45 21.34
CA GLY D 380 15.69 5.66 22.23
C GLY D 380 16.48 4.58 21.48
N ASN D 381 15.84 3.94 20.51
CA ASN D 381 16.50 2.86 19.78
C ASN D 381 16.91 3.24 18.37
N ALA D 382 16.53 4.42 17.89
CA ALA D 382 17.04 4.93 16.61
C ALA D 382 17.40 6.41 16.77
N THR D 383 17.02 7.28 15.82
CA THR D 383 17.41 8.70 15.88
C THR D 383 16.19 9.62 15.82
N GLY D 384 15.02 9.14 16.21
CA GLY D 384 13.80 9.95 16.07
C GLY D 384 13.49 10.29 14.62
N HIS D 385 12.76 11.40 14.45
CA HIS D 385 12.31 11.79 13.13
C HIS D 385 13.48 12.27 12.27
N PRO D 386 13.36 12.16 10.95
CA PRO D 386 14.43 12.65 10.07
C PRO D 386 14.36 14.17 9.91
N SER D 387 15.52 14.72 9.51
CA SER D 387 15.67 16.17 9.35
C SER D 387 14.57 16.81 8.52
N ARG D 388 14.23 16.21 7.37
CA ARG D 388 13.30 16.91 6.50
C ARG D 388 11.90 16.98 7.10
N ILE D 389 11.56 16.07 8.02
CA ILE D 389 10.31 16.22 8.79
C ILE D 389 10.47 17.25 9.91
N MET D 390 11.57 17.19 10.67
CA MET D 390 11.72 18.10 11.81
C MET D 390 11.88 19.54 11.35
N ASP D 391 12.30 19.73 10.10
CA ASP D 391 12.30 21.04 9.46
C ASP D 391 11.03 21.81 9.73
N GLY D 392 9.86 21.16 9.54
CA GLY D 392 8.59 21.84 9.78
C GLY D 392 8.38 22.21 11.24
N SER D 393 8.59 21.25 12.15
CA SER D 393 8.43 21.53 13.58
C SER D 393 9.34 22.67 14.01
N PHE D 394 10.59 22.65 13.58
CA PHE D 394 11.53 23.57 14.17
C PHE D 394 11.47 24.95 13.50
N ALA D 395 11.00 25.03 12.24
CA ALA D 395 10.67 26.35 11.70
C ALA D 395 9.56 27.00 12.52
N ASN D 396 8.55 26.20 12.91
CA ASN D 396 7.50 26.73 13.79
C ASN D 396 8.07 27.17 15.15
N GLN D 397 9.00 26.39 15.73
CA GLN D 397 9.65 26.80 16.98
C GLN D 397 10.29 28.18 16.85
N VAL D 398 11.07 28.40 15.78
CA VAL D 398 11.74 29.69 15.61
C VAL D 398 10.72 30.81 15.50
N LEU D 399 9.69 30.61 14.67
CA LEU D 399 8.67 31.65 14.52
C LEU D 399 7.97 31.93 15.85
N ALA D 400 7.69 30.88 16.62
CA ALA D 400 7.03 31.05 17.91
C ALA D 400 7.91 31.81 18.89
N GLN D 401 9.21 31.50 18.94
CA GLN D 401 10.14 32.23 19.80
C GLN D 401 10.24 33.68 19.39
N ILE D 402 10.28 33.94 18.09
CA ILE D 402 10.34 35.34 17.65
C ILE D 402 9.08 36.06 18.10
N HIS D 403 7.92 35.43 17.92
CA HIS D 403 6.67 36.09 18.25
C HIS D 403 6.57 36.43 19.74
N LEU D 404 6.83 35.44 20.61
CA LEU D 404 6.65 35.70 22.04
C LEU D 404 7.74 36.62 22.58
N PHE D 405 8.95 36.50 22.06
CA PHE D 405 10.00 37.39 22.53
C PHE D 405 9.69 38.84 22.14
N GLU D 406 9.18 39.05 20.94
CA GLU D 406 8.88 40.42 20.52
C GLU D 406 7.65 40.98 21.25
N GLN D 407 6.73 40.12 21.67
CA GLN D 407 5.57 40.61 22.42
C GLN D 407 5.97 41.13 23.79
N LYS D 408 7.06 40.60 24.37
CA LYS D 408 7.65 41.14 25.61
C LYS D 408 6.68 41.14 26.80
N TYR D 409 5.99 40.01 27.00
CA TYR D 409 4.96 39.88 28.04
C TYR D 409 5.46 40.31 29.41
N ALA D 410 6.69 39.93 29.76
CA ALA D 410 7.20 40.24 31.09
C ALA D 410 7.25 41.73 31.37
N ASP D 411 7.29 42.54 30.32
CA ASP D 411 7.43 43.99 30.46
C ASP D 411 6.08 44.71 30.53
N LEU D 412 4.98 44.03 30.24
CA LEU D 412 3.69 44.70 30.05
C LEU D 412 3.03 44.97 31.40
N PRO D 413 2.23 46.03 31.50
CA PRO D 413 1.46 46.25 32.72
C PRO D 413 0.44 45.14 32.92
N ALA D 414 -0.02 45.02 34.18
CA ALA D 414 -0.71 43.81 34.59
C ALA D 414 -1.97 43.55 33.77
N ALA D 415 -2.75 44.60 33.48
CA ALA D 415 -3.97 44.41 32.71
C ALA D 415 -3.64 43.96 31.29
N GLU D 416 -2.52 44.42 30.74
CA GLU D 416 -2.16 43.95 29.40
C GLU D 416 -1.68 42.51 29.44
N LYS D 417 -0.94 42.14 30.49
CA LYS D 417 -0.59 40.74 30.67
C LYS D 417 -1.84 39.86 30.68
N ALA D 418 -2.87 40.32 31.40
CA ALA D 418 -4.09 39.53 31.53
C ALA D 418 -4.72 39.26 30.16
N LYS D 419 -4.69 40.24 29.26
CA LYS D 419 -5.24 39.99 27.92
C LYS D 419 -4.44 38.95 27.16
N ARG D 420 -3.15 38.77 27.48
CA ARG D 420 -2.28 37.94 26.67
C ARG D 420 -1.88 36.62 27.35
N LEU D 421 -2.31 36.38 28.58
CA LEU D 421 -1.96 35.13 29.26
C LEU D 421 -2.81 34.02 28.66
N SER D 422 -2.26 33.38 27.63
CA SER D 422 -3.03 32.36 26.93
C SER D 422 -2.07 31.35 26.31
N VAL D 423 -2.66 30.27 25.81
CA VAL D 423 -1.97 29.27 25.01
C VAL D 423 -2.51 29.39 23.60
N GLU D 424 -1.66 29.79 22.64
CA GLU D 424 -2.13 30.09 21.29
C GLU D 424 -1.32 29.31 20.28
N VAL D 425 -1.86 29.21 19.06
CA VAL D 425 -1.15 28.66 17.92
C VAL D 425 -0.68 29.80 17.02
N LEU D 426 0.29 29.49 16.14
CA LEU D 426 0.72 30.46 15.14
C LEU D 426 -0.37 30.65 14.10
N PRO D 427 -0.42 31.83 13.47
CA PRO D 427 -1.43 32.09 12.43
C PRO D 427 -1.24 31.17 11.24
N LYS D 428 -2.34 30.90 10.53
CA LYS D 428 -2.30 29.97 9.41
C LYS D 428 -1.40 30.49 8.28
N LYS D 429 -1.31 31.82 8.08
CA LYS D 429 -0.42 32.30 7.03
C LYS D 429 1.01 31.78 7.22
N LEU D 430 1.49 31.75 8.47
CA LEU D 430 2.84 31.29 8.74
C LEU D 430 2.97 29.78 8.55
N ASP D 431 1.96 29.03 9.01
CA ASP D 431 1.86 27.58 8.76
C ASP D 431 2.00 27.29 7.26
N GLU D 432 1.30 28.08 6.43
CA GLU D 432 1.40 27.94 4.98
C GLU D 432 2.79 28.26 4.45
N GLU D 433 3.42 29.33 4.95
CA GLU D 433 4.74 29.69 4.45
C GLU D 433 5.77 28.64 4.82
N VAL D 434 5.62 28.01 5.99
CA VAL D 434 6.50 26.90 6.34
C VAL D 434 6.28 25.74 5.37
N ALA D 435 5.00 25.42 5.10
CA ALA D 435 4.71 24.28 4.22
C ALA D 435 5.26 24.52 2.83
N LEU D 436 5.17 25.76 2.35
CA LEU D 436 5.63 26.07 1.00
C LEU D 436 7.11 25.76 0.84
N GLU D 437 7.94 26.15 1.82
CA GLU D 437 9.36 25.84 1.79
C GLU D 437 9.60 24.33 1.85
N MET D 438 8.81 23.60 2.65
CA MET D 438 8.93 22.14 2.67
C MET D 438 8.65 21.55 1.28
N VAL D 439 7.55 21.98 0.66
CA VAL D 439 7.15 21.47 -0.66
C VAL D 439 8.24 21.71 -1.69
N LYS D 440 8.79 22.92 -1.72
CA LYS D 440 9.90 23.22 -2.61
C LYS D 440 11.12 22.38 -2.30
N GLY D 441 11.29 21.97 -1.03
CA GLY D 441 12.38 21.06 -0.70
C GLY D 441 12.28 19.73 -1.43
N PHE D 442 11.06 19.27 -1.72
CA PHE D 442 10.82 18.09 -2.53
C PHE D 442 10.87 18.36 -4.03
N GLY D 443 11.06 19.61 -4.46
CA GLY D 443 10.89 19.95 -5.86
C GLY D 443 9.46 20.09 -6.30
N GLY D 444 8.51 20.14 -5.37
CA GLY D 444 7.12 20.29 -5.73
C GLY D 444 6.84 21.69 -6.22
N VAL D 445 5.85 21.81 -7.11
CA VAL D 445 5.51 23.10 -7.71
C VAL D 445 4.06 23.40 -7.34
N VAL D 446 3.85 24.44 -6.53
CA VAL D 446 2.51 24.89 -6.15
C VAL D 446 1.94 25.78 -7.23
N THR D 447 0.67 25.56 -7.56
CA THR D 447 -0.03 26.39 -8.56
C THR D 447 -0.50 27.70 -7.92
N GLN D 448 -0.42 28.79 -8.69
CA GLN D 448 -0.92 30.09 -8.25
C GLN D 448 -2.31 30.30 -8.80
N LEU D 449 -3.24 30.66 -7.91
CA LEU D 449 -4.61 31.02 -8.30
C LEU D 449 -4.60 32.20 -9.27
N THR D 450 -5.50 32.17 -10.26
CA THR D 450 -5.77 33.39 -11.01
C THR D 450 -6.59 34.33 -10.13
N PRO D 451 -6.59 35.62 -10.43
CA PRO D 451 -7.49 36.51 -9.67
C PRO D 451 -8.95 36.08 -9.74
N LYS D 452 -9.43 35.57 -10.88
CA LYS D 452 -10.83 35.12 -10.94
C LYS D 452 -11.05 33.91 -10.05
N GLN D 453 -10.10 32.97 -10.02
CA GLN D 453 -10.27 31.79 -9.16
C GLN D 453 -10.19 32.16 -7.70
N ALA D 454 -9.25 33.03 -7.33
CA ALA D 454 -9.18 33.51 -5.95
C ALA D 454 -10.50 34.16 -5.54
N GLU D 455 -11.06 35.00 -6.41
CA GLU D 455 -12.34 35.61 -6.12
C GLU D 455 -13.45 34.57 -6.00
N TYR D 456 -13.41 33.53 -6.85
CA TYR D 456 -14.46 32.51 -6.89
C TYR D 456 -14.54 31.72 -5.58
N ILE D 457 -13.41 31.38 -4.96
CA ILE D 457 -13.42 30.69 -3.68
C ILE D 457 -13.25 31.63 -2.49
N GLY D 458 -13.10 32.92 -2.72
CA GLY D 458 -13.07 33.87 -1.60
C GLY D 458 -11.79 33.89 -0.80
N VAL D 459 -10.63 33.81 -1.47
CA VAL D 459 -9.35 33.88 -0.80
C VAL D 459 -8.46 34.86 -1.56
N SER D 460 -7.43 35.35 -0.85
CA SER D 460 -6.34 36.04 -1.51
C SER D 460 -5.50 35.05 -2.33
N VAL D 461 -4.91 35.57 -3.40
CA VAL D 461 -3.99 34.77 -4.21
C VAL D 461 -2.82 34.33 -3.34
N GLU D 462 -2.47 35.12 -2.33
CA GLU D 462 -1.38 34.79 -1.41
C GLU D 462 -1.82 33.90 -0.23
N GLY D 463 -3.10 33.61 -0.11
CA GLY D 463 -3.60 32.89 1.04
C GLY D 463 -3.80 33.83 2.22
N PRO D 464 -4.22 33.29 3.39
CA PRO D 464 -4.48 31.87 3.70
C PRO D 464 -5.56 31.26 2.83
N PHE D 465 -5.44 29.96 2.58
CA PHE D 465 -6.32 29.31 1.62
C PHE D 465 -7.51 28.59 2.25
N LYS D 466 -7.51 28.41 3.56
CA LYS D 466 -8.49 27.63 4.28
C LYS D 466 -9.00 28.44 5.46
N PRO D 467 -10.25 28.22 5.87
CA PRO D 467 -10.72 28.83 7.11
C PRO D 467 -10.01 28.21 8.30
N ASP D 468 -10.04 28.91 9.45
CA ASP D 468 -9.38 28.33 10.62
C ASP D 468 -10.04 27.03 11.10
N THR D 469 -11.28 26.79 10.73
CA THR D 469 -11.98 25.56 11.06
C THR D 469 -11.41 24.34 10.32
N TYR D 470 -10.60 24.54 9.29
CA TYR D 470 -10.28 23.43 8.39
C TYR D 470 -9.33 22.45 9.05
N ARG D 471 -9.54 21.14 8.82
CA ARG D 471 -8.83 20.12 9.56
C ARG D 471 -7.77 19.38 8.73
N TYR D 472 -7.72 19.62 7.41
CA TYR D 472 -6.75 18.95 6.53
C TYR D 472 -6.84 17.43 6.63
PA NAD E . -11.52 21.04 0.14
O1A NAD E . -11.14 20.17 1.30
O2A NAD E . -11.60 22.52 0.45
O5B NAD E . -10.54 20.77 -1.10
C5B NAD E . -10.52 21.50 -2.34
C4B NAD E . -9.05 21.69 -2.61
O4B NAD E . -8.89 22.27 -3.92
C3B NAD E . -8.35 22.65 -1.62
O3B NAD E . -7.32 22.02 -0.85
C2B NAD E . -7.80 23.77 -2.53
O2B NAD E . -6.55 24.28 -2.11
C1B NAD E . -7.72 23.05 -3.86
N9A NAD E . -7.69 23.91 -5.02
C8A NAD E . -8.45 25.03 -5.23
N7A NAD E . -8.21 25.64 -6.36
C5A NAD E . -7.22 24.87 -6.95
C6A NAD E . -6.51 24.97 -8.16
N6A NAD E . -6.73 25.93 -9.07
N1A NAD E . -5.57 24.04 -8.44
C2A NAD E . -5.34 23.08 -7.53
N3A NAD E . -5.94 22.88 -6.35
C4A NAD E . -6.88 23.80 -6.12
O3 NAD E . -12.96 20.63 -0.41
PN NAD E . -13.48 19.12 -0.51
O1N NAD E . -14.25 18.79 0.71
O2N NAD E . -12.35 18.26 -0.93
O5D NAD E . -14.53 19.21 -1.70
C5D NAD E . -14.10 19.55 -3.05
C4D NAD E . -15.29 19.56 -3.97
O4D NAD E . -15.86 18.23 -4.03
C3D NAD E . -16.45 20.46 -3.52
O3D NAD E . -17.15 20.87 -4.70
C2D NAD E . -17.34 19.49 -2.73
O2D NAD E . -18.70 19.95 -2.65
C1D NAD E . -17.20 18.27 -3.65
N1N NAD E . -17.59 16.92 -3.04
C2N NAD E . -17.85 15.92 -3.90
C3N NAD E . -18.10 14.65 -3.41
C7N NAD E . -18.49 13.52 -4.32
O7N NAD E . -19.06 12.53 -3.84
N7N NAD E . -18.36 13.68 -5.63
C4N NAD E . -18.03 14.43 -2.04
C5N NAD E . -17.75 15.48 -1.19
C6N NAD E . -17.55 16.74 -1.70
N9 ADE F . -22.90 11.93 -2.29
C8 ADE F . -21.90 11.03 -2.61
N7 ADE F . -22.33 9.78 -2.75
C5 ADE F . -23.68 9.87 -2.48
C6 ADE F . -24.71 8.89 -2.45
N6 ADE F . -24.51 7.58 -2.69
N1 ADE F . -25.95 9.32 -2.13
C2 ADE F . -26.14 10.62 -1.86
N3 ADE F . -25.26 11.61 -1.87
C4 ADE F . -24.05 11.19 -2.19
C4 SZ7 G . -32.74 20.46 21.01
C5 SZ7 G . -30.86 17.77 19.40
C6 SZ7 G . -30.93 16.24 19.26
N1 SZ7 G . -31.94 18.48 20.09
C7 SZ7 G . -30.38 15.69 17.95
C8 SZ7 G . -29.56 15.54 19.23
O SZ7 G . -29.92 18.36 18.93
N SZ7 G . -31.90 19.89 20.26
C2 SZ7 G . -32.62 21.98 21.19
C1 SZ7 G . -31.43 22.70 21.09
S SZ7 G . -33.86 23.13 21.59
C3 SZ7 G . -32.84 24.52 21.62
C SZ7 G . -31.55 24.07 21.32
K K H . -23.85 3.73 -3.77
P PO4 I . -12.02 -1.24 -36.60
O1 PO4 I . -11.32 -2.30 -37.42
O2 PO4 I . -11.05 -0.14 -36.20
O3 PO4 I . -12.69 -1.91 -35.41
O4 PO4 I . -13.15 -0.58 -37.33
P PO4 J . -1.32 15.71 -28.14
O1 PO4 J . -0.63 15.50 -29.46
O2 PO4 J . -2.19 14.55 -27.83
O3 PO4 J . -0.32 15.91 -27.02
O4 PO4 J . -2.12 17.01 -28.16
P PO4 K . -38.07 -1.51 4.69
O1 PO4 K . -39.11 -2.39 3.99
O2 PO4 K . -38.72 -0.48 5.58
O3 PO4 K . -37.24 -0.81 3.62
O4 PO4 K . -37.20 -2.42 5.54
P PO4 L . -21.70 14.50 -0.46
O1 PO4 L . -20.66 13.54 -0.98
O2 PO4 L . -21.05 15.82 -0.02
O3 PO4 L . -22.37 13.71 0.71
O4 PO4 L . -22.72 14.75 -1.55
PA NAD M . -2.96 -21.78 -9.52
O1A NAD M . -1.88 -20.77 -9.75
O2A NAD M . -2.55 -23.24 -9.59
O5B NAD M . -3.66 -21.49 -8.10
C5B NAD M . -4.71 -22.25 -7.48
C4B NAD M . -4.30 -22.32 -6.03
O4B NAD M . -5.38 -22.91 -5.27
C3B NAD M . -3.05 -23.18 -5.74
O3B NAD M . -2.03 -22.41 -5.12
C2B NAD M . -3.56 -24.29 -4.80
O2B NAD M . -2.60 -24.65 -3.81
C1B NAD M . -4.80 -23.63 -4.21
N9A NAD M . -5.80 -24.54 -3.68
C8A NAD M . -6.24 -25.72 -4.24
N7A NAD M . -7.09 -26.38 -3.52
C5A NAD M . -7.24 -25.58 -2.38
C6A NAD M . -8.04 -25.70 -1.23
N6A NAD M . -8.89 -26.72 -1.01
N1A NAD M . -7.96 -24.72 -0.29
C2A NAD M . -7.11 -23.70 -0.51
N3A NAD M . -6.33 -23.47 -1.57
C4A NAD M . -6.44 -24.45 -2.47
O3 NAD M . -4.17 -21.46 -10.50
PN NAD M . -4.58 -20.00 -11.00
O1N NAD M . -4.59 -19.05 -9.86
O2N NAD M . -3.86 -19.63 -12.24
O5D NAD M . -6.08 -20.25 -11.45
C5D NAD M . -7.11 -20.54 -10.47
C4D NAD M . -8.40 -20.76 -11.22
O4D NAD M . -8.84 -19.52 -11.77
C3D NAD M . -8.32 -21.73 -12.39
O3D NAD M . -9.60 -22.36 -12.50
C2D NAD M . -8.09 -20.80 -13.59
O2D NAD M . -8.54 -21.37 -14.83
C1D NAD M . -9.01 -19.65 -13.16
N1N NAD M . -8.69 -18.32 -13.80
C2N NAD M . -9.65 -17.38 -13.73
C3N NAD M . -9.44 -16.11 -14.23
C7N NAD M . -10.53 -15.09 -14.19
O7N NAD M . -10.46 -14.09 -14.92
N7N NAD M . -11.64 -15.39 -13.49
C4N NAD M . -8.18 -15.81 -14.77
C5N NAD M . -7.21 -16.80 -14.84
C6N NAD M . -7.49 -18.06 -14.35
N9 ADE N . -10.71 -13.72 -19.17
C8 ADE N . -10.72 -12.82 -18.15
N7 ADE N . -11.12 -11.61 -18.51
C5 ADE N . -11.38 -11.73 -19.87
C6 ADE N . -11.83 -10.80 -20.83
N6 ADE N . -12.11 -9.52 -20.57
N1 ADE N . -12.00 -11.26 -22.09
C2 ADE N . -11.72 -12.57 -22.36
N3 ADE N . -11.30 -13.51 -21.53
C4 ADE N . -11.13 -13.03 -20.29
K K O . -13.15 -5.71 -19.84
P PO4 P . -24.54 -17.01 11.66
O1 PO4 P . -24.75 -18.41 11.12
O2 PO4 P . -24.62 -15.99 10.57
O3 PO4 P . -23.14 -17.01 12.25
O4 PO4 P . -25.60 -16.70 12.70
P PO4 Q . -8.51 -16.17 -18.65
O1 PO4 Q . -9.92 -16.57 -19.00
O2 PO4 Q . -8.52 -15.08 -17.60
O3 PO4 Q . -7.88 -15.44 -19.88
O4 PO4 Q . -7.70 -17.35 -18.19
PA NAD R . 17.83 -11.53 -11.13
O1A NAD R . 16.50 -12.08 -10.76
O2A NAD R . 18.44 -12.25 -12.35
O5B NAD R . 17.66 -9.97 -11.40
C5B NAD R . 18.65 -9.09 -11.96
C4B NAD R . 17.90 -8.21 -12.94
O4B NAD R . 18.78 -7.16 -13.42
C3B NAD R . 17.37 -8.94 -14.18
O3B NAD R . 15.94 -8.94 -14.26
C2B NAD R . 18.04 -8.19 -15.36
O2B NAD R . 17.23 -8.03 -16.52
C1B NAD R . 18.35 -6.83 -14.72
N9A NAD R . 19.42 -6.10 -15.39
C8A NAD R . 20.62 -6.60 -15.83
N7A NAD R . 21.42 -5.72 -16.37
C5A NAD R . 20.68 -4.54 -16.31
C6A NAD R . 20.96 -3.22 -16.73
N6A NAD R . 22.06 -2.88 -17.41
N1A NAD R . 20.02 -2.28 -16.48
C2A NAD R . 18.88 -2.63 -15.89
N3A NAD R . 18.49 -3.85 -15.48
C4A NAD R . 19.45 -4.76 -15.71
O3 NAD R . 18.87 -11.58 -9.91
PN NAD R . 18.56 -11.34 -8.36
O1N NAD R . 17.59 -10.22 -8.32
O2N NAD R . 18.20 -12.64 -7.78
O5D NAD R . 19.99 -10.89 -7.83
C5D NAD R . 20.58 -9.63 -8.24
C4D NAD R . 21.93 -9.49 -7.57
O4D NAD R . 21.73 -9.33 -6.15
C3D NAD R . 22.87 -10.71 -7.72
O3D NAD R . 24.20 -10.21 -7.73
C2D NAD R . 22.55 -11.51 -6.45
O2D NAD R . 23.55 -12.46 -6.10
C1D NAD R . 22.42 -10.34 -5.46
N1N NAD R . 21.66 -10.64 -4.19
C2N NAD R . 21.86 -9.82 -3.14
C3N NAD R . 21.12 -9.98 -1.98
C7N NAD R . 21.30 -9.07 -0.80
O7N NAD R . 20.91 -9.45 0.31
N7N NAD R . 22.02 -7.97 -0.96
C4N NAD R . 20.15 -10.98 -1.94
C5N NAD R . 19.97 -11.81 -3.04
C6N NAD R . 20.74 -11.64 -4.16
N9 ADE S . 22.33 -12.46 2.88
C8 ADE S . 21.43 -11.43 3.07
N7 ADE S . 21.18 -11.19 4.36
C5 ADE S . 21.97 -12.11 5.04
C6 ADE S . 22.16 -12.37 6.42
N6 ADE S . 21.52 -11.71 7.39
N1 ADE S . 23.03 -13.35 6.76
C2 ADE S . 23.66 -14.03 5.78
N3 ADE S . 23.56 -13.90 4.46
C4 ADE S . 22.68 -12.91 4.15
S DMS T . 10.65 -23.35 -14.50
O DMS T . 10.33 -24.72 -15.02
C1 DMS T . 10.11 -23.19 -12.76
C2 DMS T . 9.66 -22.07 -15.35
K K U . 19.82 -9.47 10.30
P PO4 V . 22.11 -21.89 22.16
O1 PO4 V . 22.52 -23.24 21.59
O2 PO4 V . 22.62 -20.79 21.25
O3 PO4 V . 22.74 -21.64 23.51
O4 PO4 V . 20.63 -21.91 22.43
P PO4 W . 21.81 -14.04 -0.09
O1 PO4 W . 21.73 -14.48 -1.53
O2 PO4 W . 20.87 -12.89 0.17
O3 PO4 W . 23.22 -13.66 0.26
O4 PO4 W . 21.34 -15.12 0.90
P PO4 X . 22.81 34.30 -10.72
O1 PO4 X . 21.77 33.17 -10.73
O2 PO4 X . 23.14 34.73 -12.12
O3 PO4 X . 24.04 33.82 -9.99
O4 PO4 X . 22.24 35.46 -9.98
P PO4 Y . 2.32 -32.65 -9.48
O1 PO4 Y . 1.61 -33.99 -9.62
O2 PO4 Y . 1.91 -31.71 -10.59
O3 PO4 Y . 3.81 -32.89 -9.52
O4 PO4 Y . 1.96 -32.06 -8.16
P PO4 Z . 23.91 18.32 -11.08
O1 PO4 Z . 22.57 17.88 -11.61
O2 PO4 Z . 24.98 17.64 -11.92
O3 PO4 Z . 24.05 17.95 -9.63
O4 PO4 Z . 24.06 19.82 -11.15
C4 SZ7 AA . 20.58 -39.06 0.51
C5 SZ7 AA . 18.82 -36.04 1.35
C6 SZ7 AA . 18.11 -35.40 2.55
N1 SZ7 AA . 19.66 -37.21 1.57
C7 SZ7 AA . 17.91 -33.90 2.41
C8 SZ7 AA . 16.71 -34.84 2.31
O SZ7 AA . 18.68 -35.59 0.24
N SZ7 AA . 20.34 -37.83 0.49
C2 SZ7 AA . 21.35 -39.61 -0.69
C1 SZ7 AA . 22.03 -40.82 -0.79
S SZ7 AA . 21.58 -38.77 -2.17
C3 SZ7 AA . 22.52 -40.00 -2.95
C SZ7 AA . 22.65 -41.04 -2.01
PA NAD BA . -3.43 12.51 20.13
O1A NAD BA . -4.35 13.15 21.13
O2A NAD BA . -3.64 12.98 18.67
O5B NAD BA . -3.62 10.89 20.15
C5B NAD BA . -3.62 10.14 21.38
C4B NAD BA . -4.70 9.11 21.19
O4B NAD BA . -4.68 8.14 22.26
C3B NAD BA . -6.11 9.69 21.16
O3B NAD BA . -6.79 9.55 19.91
C2B NAD BA . -6.82 9.00 22.33
O2B NAD BA . -8.21 8.78 22.08
C1B NAD BA . -6.01 7.72 22.43
N9A NAD BA . -6.12 7.01 23.70
C8A NAD BA . -6.11 7.57 24.95
N7A NAD BA . -6.20 6.71 25.93
C5A NAD BA . -6.30 5.49 25.27
C6A NAD BA . -6.47 4.18 25.75
N6A NAD BA . -6.59 3.89 27.05
N1A NAD BA . -6.58 3.18 24.85
C2A NAD BA . -6.52 3.49 23.54
N3A NAD BA . -6.34 4.69 22.97
C4A NAD BA . -6.25 5.66 23.90
O3 NAD BA . -1.92 12.64 20.58
PN NAD BA . -0.63 12.51 19.64
O1N NAD BA . -0.32 13.83 19.03
O2N NAD BA . -0.81 11.33 18.78
O5D NAD BA . 0.50 12.19 20.72
C5D NAD BA . 0.49 10.98 21.51
C4D NAD BA . 1.71 11.00 22.40
O4D NAD BA . 2.91 10.90 21.60
C3D NAD BA . 1.87 12.26 23.26
O3D NAD BA . 2.50 11.85 24.48
C2D NAD BA . 2.85 13.09 22.43
O2D NAD BA . 3.50 14.05 23.25
C1D NAD BA . 3.77 11.98 21.92
N1N NAD BA . 4.56 12.31 20.71
C2N NAD BA . 5.64 11.54 20.47
C3N NAD BA . 6.37 11.71 19.32
C7N NAD BA . 7.58 10.85 19.03
O7N NAD BA . 8.42 11.23 18.20
N7N NAD BA . 7.78 9.78 19.79
C4N NAD BA . 5.95 12.68 18.40
C5N NAD BA . 4.84 13.47 18.67
C6N NAD BA . 4.16 13.29 19.86
N9 ADE CA . 11.08 14.52 18.19
C8 ADE CA . 10.98 13.42 17.35
N7 ADE CA . 12.06 13.22 16.62
C5 ADE CA . 12.92 14.21 17.01
C6 ADE CA . 14.22 14.58 16.58
N6 ADE CA . 14.90 13.90 15.66
N1 ADE CA . 14.80 15.67 17.17
C2 ADE CA . 14.10 16.34 18.10
N3 ADE CA . 12.87 16.10 18.56
C4 ADE CA . 12.33 15.04 17.96
S DMS DA . -10.27 23.48 14.38
O DMS DA . -9.26 23.57 13.25
C1 DMS DA . -11.24 21.94 14.15
C2 DMS DA . -11.54 24.74 14.34
C4 SZ7 EA . 6.01 40.62 16.28
C5 SZ7 EA . 6.33 37.48 14.53
C6 SZ7 EA . 7.25 36.92 13.41
N1 SZ7 EA . 6.62 38.82 15.02
C7 SZ7 EA . 6.68 36.10 12.26
C8 SZ7 EA . 7.29 35.39 13.48
O SZ7 EA . 5.42 36.86 15.00
N SZ7 EA . 5.86 39.39 16.07
C2 SZ7 EA . 5.24 41.23 17.45
C1 SZ7 EA . 5.26 42.55 17.88
S SZ7 EA . 4.21 40.33 18.51
C3 SZ7 EA . 3.78 41.70 19.50
C SZ7 EA . 4.46 42.80 18.99
S DMS FA . -7.97 36.13 27.89
O DMS FA . -6.51 35.79 27.82
C1 DMS FA . -8.49 36.15 29.63
C2 DMS FA . -8.95 34.77 27.23
K K GA . 16.95 11.67 12.96
P PO4 HA . 1.51 -16.74 27.17
O1 PO4 HA . 1.68 -18.18 27.52
O2 PO4 HA . 2.81 -16.25 26.62
O3 PO4 HA . 1.14 -15.94 28.43
O4 PO4 HA . 0.41 -16.55 26.15
P PO4 IA . 27.70 24.90 9.52
O1 PO4 IA . 27.38 24.78 8.06
O2 PO4 IA . 29.18 24.75 9.72
O3 PO4 IA . 27.02 23.77 10.29
O4 PO4 IA . 27.22 26.25 10.06
P PO4 JA . 8.17 15.82 18.96
O1 PO4 JA . 8.11 14.59 18.11
O2 PO4 JA . 6.78 16.13 19.48
O3 PO4 JA . 8.70 16.92 18.00
O4 PO4 JA . 9.12 15.58 20.09
P PO4 KA . -10.07 32.40 4.36
O1 PO4 KA . -9.06 31.67 3.56
O2 PO4 KA . -10.56 33.55 3.49
O3 PO4 KA . -11.15 31.44 4.74
O4 PO4 KA . -9.40 32.96 5.59
#